data_6QZR
#
_entry.id   6QZR
#
_cell.length_a   149.205
_cell.length_b   62.806
_cell.length_c   154.044
_cell.angle_alpha   90.00
_cell.angle_beta   103.24
_cell.angle_gamma   90.00
#
_symmetry.space_group_name_H-M   'P 1 21 1'
#
loop_
_entity.id
_entity.type
_entity.pdbx_description
1 polymer '14-3-3 protein sigma'
2 polymer 'Forkhead box protein O1'
3 non-polymer 2-[3-(2-HYDROXY-1,1-DIHYDROXYMETHYL-ETHYLAMINO)-PROPYLAMINO]-2-HYDROXYMETHYL-PROPANE-1,3-DIOL
4 non-polymer GLYCEROL
5 water water
#
loop_
_entity_poly.entity_id
_entity_poly.type
_entity_poly.pdbx_seq_one_letter_code
_entity_poly.pdbx_strand_id
1 'polypeptide(L)'
;GAMGSMERASLIQKAKLAEQAERYEDMAAFMKGAVEKGEELS(CSO)EERNLLSVAYKNVVGGQRAAWRVLSSIEQKSNE
EGSEEKGPEVREYREKVETELQGVCDTVLGLLDSHLIKEAGDAESRVFYLKMKGDYYRYLAEVATGDDKKRIIDSARSAY
QEAMDISKKEMPPTNPIRLGLALNFSVFHYEIANSPEEAISLAKTTFDEAMADLHTLSEDSYKDSTLIMQLLRDNLTLWT
ADNAGEEGGEAPQEPQS
;
A,B,C,D,E,F,H,G
2 'polypeptide(L)' RPRSC(TPO)WPLPR R,J,M,N,O,P,T,U
#
# COMPACT_ATOMS: atom_id res chain seq x y z
N GLY A 1 32.72 19.78 17.77
CA GLY A 1 32.30 21.18 17.39
C GLY A 1 32.87 22.18 18.36
N ALA A 2 32.49 23.45 18.22
CA ALA A 2 33.09 24.56 18.95
C ALA A 2 33.10 24.33 20.48
N MET A 3 32.08 23.63 20.98
CA MET A 3 31.82 23.54 22.39
C MET A 3 32.29 22.20 22.96
N GLY A 4 32.96 21.39 22.14
CA GLY A 4 33.36 20.02 22.50
C GLY A 4 34.30 19.94 23.69
N SER A 5 35.10 20.98 23.93
CA SER A 5 36.06 20.94 25.01
C SER A 5 35.44 21.47 26.32
N MET A 6 34.19 21.96 26.29
CA MET A 6 33.62 22.51 27.50
C MET A 6 32.69 21.51 28.23
N GLU A 7 32.79 21.48 29.54
CA GLU A 7 31.96 20.69 30.45
C GLU A 7 30.47 21.03 30.34
N ARG A 8 29.62 20.01 30.35
CA ARG A 8 28.19 20.15 30.19
C ARG A 8 27.71 21.20 31.18
N ALA A 9 28.13 21.08 32.46
CA ALA A 9 27.58 21.95 33.49
C ALA A 9 28.02 23.40 33.26
N SER A 10 29.22 23.57 32.70
CA SER A 10 29.71 24.89 32.41
C SER A 10 28.93 25.52 31.24
N LEU A 11 28.61 24.70 30.22
CA LEU A 11 27.79 25.15 29.07
C LEU A 11 26.39 25.62 29.55
N ILE A 12 25.74 24.84 30.41
CA ILE A 12 24.41 25.21 30.96
C ILE A 12 24.52 26.52 31.74
N GLN A 13 25.52 26.62 32.60
CA GLN A 13 25.75 27.79 33.40
C GLN A 13 26.00 29.00 32.48
N LYS A 14 26.72 28.81 31.36
CA LYS A 14 27.01 29.90 30.47
C LYS A 14 25.77 30.29 29.67
N ALA A 15 24.94 29.34 29.29
CA ALA A 15 23.68 29.67 28.67
C ALA A 15 22.85 30.59 29.58
N LYS A 16 22.86 30.36 30.89
CA LYS A 16 22.09 31.22 31.82
C LYS A 16 22.71 32.62 31.94
N LEU A 17 24.03 32.74 31.90
CA LEU A 17 24.63 34.07 31.83
C LEU A 17 24.19 34.80 30.54
N ALA A 18 24.13 34.06 29.43
CA ALA A 18 23.88 34.67 28.18
C ALA A 18 22.45 35.21 28.18
N GLU A 19 21.52 34.42 28.73
CA GLU A 19 20.14 34.85 28.87
C GLU A 19 20.06 36.19 29.63
N GLN A 20 20.73 36.27 30.79
CA GLN A 20 20.75 37.49 31.64
C GLN A 20 21.35 38.66 30.86
N ALA A 21 22.28 38.37 29.94
CA ALA A 21 22.93 39.37 29.15
C ALA A 21 22.13 39.66 27.87
N GLU A 22 21.04 38.92 27.63
CA GLU A 22 20.26 39.05 26.40
C GLU A 22 21.14 38.84 25.16
N ARG A 23 22.06 37.88 25.22
CA ARG A 23 22.88 37.40 24.12
C ARG A 23 22.37 36.02 23.67
N TYR A 24 21.31 36.05 22.87
CA TYR A 24 20.52 34.86 22.60
C TYR A 24 21.23 33.93 21.61
N GLU A 25 22.09 34.47 20.75
CA GLU A 25 22.91 33.59 19.90
C GLU A 25 23.90 32.79 20.72
N ASP A 26 24.60 33.43 21.66
CA ASP A 26 25.49 32.72 22.56
C ASP A 26 24.69 31.74 23.38
N MET A 27 23.46 32.08 23.73
CA MET A 27 22.68 31.21 24.56
C MET A 27 22.45 29.91 23.79
N ALA A 28 22.09 30.05 22.51
CA ALA A 28 21.74 28.94 21.64
C ALA A 28 22.97 28.05 21.44
N ALA A 29 24.08 28.68 21.10
CA ALA A 29 25.33 27.95 20.82
C ALA A 29 25.74 27.16 22.10
N PHE A 30 25.56 27.73 23.30
CA PHE A 30 25.89 27.06 24.59
C PHE A 30 24.98 25.83 24.81
N MET A 31 23.69 26.00 24.52
CA MET A 31 22.69 24.96 24.70
C MET A 31 22.86 23.85 23.65
N LYS A 32 23.27 24.20 22.44
CA LYS A 32 23.60 23.23 21.38
C LYS A 32 24.80 22.36 21.83
N GLY A 33 25.82 23.01 22.39
CA GLY A 33 26.91 22.31 23.01
C GLY A 33 26.43 21.30 24.04
N ALA A 34 25.52 21.73 24.94
CA ALA A 34 25.05 20.88 26.00
C ALA A 34 24.31 19.66 25.45
N VAL A 35 23.41 19.88 24.51
CA VAL A 35 22.65 18.78 23.91
C VAL A 35 23.59 17.75 23.27
N GLU A 36 24.67 18.23 22.65
CA GLU A 36 25.66 17.40 21.94
C GLU A 36 26.48 16.53 22.91
N LYS A 37 26.43 16.82 24.22
CA LYS A 37 26.95 15.91 25.24
C LYS A 37 26.18 14.57 25.29
N GLY A 38 24.91 14.55 24.91
CA GLY A 38 24.24 13.28 24.58
C GLY A 38 23.39 12.81 25.74
N GLU A 39 23.20 13.65 26.73
CA GLU A 39 22.40 13.31 27.88
C GLU A 39 21.09 14.09 27.70
N GLU A 40 20.04 13.58 28.34
CA GLU A 40 18.73 14.18 28.27
C GLU A 40 18.80 15.57 28.88
N LEU A 41 17.93 16.45 28.41
CA LEU A 41 17.74 17.74 29.04
C LEU A 41 16.75 17.57 30.16
N SER A 42 16.98 18.21 31.30
CA SER A 42 15.92 18.42 32.28
C SER A 42 14.90 19.43 31.76
N GLU A 44 14.04 22.35 33.10
CA GLU A 44 14.68 23.66 33.07
C GLU A 44 15.55 23.82 31.79
N GLU A 45 16.31 22.78 31.42
CA GLU A 45 17.29 22.90 30.31
C GLU A 45 16.56 23.02 28.96
N ARG A 46 15.52 22.22 28.73
CA ARG A 46 14.66 22.30 27.54
C ARG A 46 14.17 23.72 27.35
N ASN A 47 13.76 24.37 28.44
CA ASN A 47 13.25 25.70 28.34
C ASN A 47 14.37 26.66 27.96
N LEU A 48 15.59 26.41 28.43
CA LEU A 48 16.72 27.29 28.02
C LEU A 48 16.91 27.14 26.49
N LEU A 49 16.83 25.89 26.00
CA LEU A 49 17.02 25.61 24.60
C LEU A 49 15.93 26.29 23.78
N SER A 50 14.67 26.06 24.16
CA SER A 50 13.48 26.71 23.57
C SER A 50 13.67 28.24 23.50
N VAL A 51 13.93 28.85 24.64
CA VAL A 51 13.91 30.30 24.75
C VAL A 51 15.01 30.89 23.86
N ALA A 52 16.20 30.27 23.91
CA ALA A 52 17.33 30.78 23.16
C ALA A 52 17.06 30.73 21.65
N TYR A 53 16.66 29.56 21.12
CA TYR A 53 16.38 29.46 19.69
C TYR A 53 15.18 30.30 19.25
N LYS A 54 14.15 30.45 20.11
CA LYS A 54 12.94 31.20 19.76
C LYS A 54 13.34 32.66 19.55
N ASN A 55 14.22 33.17 20.40
CA ASN A 55 14.60 34.57 20.27
C ASN A 55 15.43 34.82 19.00
N VAL A 56 16.35 33.91 18.67
CA VAL A 56 17.15 34.07 17.49
C VAL A 56 16.22 34.08 16.27
N VAL A 57 15.33 33.09 16.19
CA VAL A 57 14.54 32.85 15.01
C VAL A 57 13.47 33.93 14.96
N GLY A 58 13.03 34.37 16.16
CA GLY A 58 12.04 35.44 16.30
C GLY A 58 12.49 36.68 15.57
N GLY A 59 13.68 37.16 15.92
CA GLY A 59 14.36 38.35 15.33
C GLY A 59 14.49 38.25 13.82
N GLN A 60 14.91 37.07 13.35
CA GLN A 60 15.07 36.80 11.97
C GLN A 60 13.72 36.78 11.23
N ARG A 61 12.69 36.15 11.82
CA ARG A 61 11.32 36.18 11.24
C ARG A 61 10.79 37.62 11.10
N ALA A 62 10.96 38.45 12.15
CA ALA A 62 10.49 39.82 12.13
C ALA A 62 11.21 40.63 11.04
N ALA A 63 12.52 40.41 10.88
CA ALA A 63 13.34 41.12 9.89
C ALA A 63 12.92 40.68 8.48
N TRP A 64 12.70 39.38 8.29
CA TRP A 64 12.22 38.86 7.04
C TRP A 64 10.87 39.51 6.69
N ARG A 65 10.00 39.69 7.67
CA ARG A 65 8.68 40.25 7.40
C ARG A 65 8.80 41.72 6.99
N VAL A 66 9.67 42.50 7.66
CA VAL A 66 9.84 43.91 7.31
C VAL A 66 10.33 44.00 5.86
N LEU A 67 11.34 43.20 5.50
CA LEU A 67 11.97 43.26 4.16
C LEU A 67 11.02 42.79 3.06
N SER A 68 10.26 41.70 3.28
CA SER A 68 9.31 41.18 2.33
C SER A 68 8.23 42.20 2.00
N SER A 69 7.86 42.95 3.03
CA SER A 69 6.86 43.94 2.91
C SER A 69 7.42 45.14 2.12
N ILE A 70 8.64 45.58 2.43
CA ILE A 70 9.19 46.66 1.63
C ILE A 70 9.31 46.19 0.18
N GLU A 71 9.65 44.92 -0.02
CA GLU A 71 9.81 44.32 -1.36
C GLU A 71 8.47 44.29 -2.11
N GLN A 72 7.38 43.95 -1.40
CA GLN A 72 6.01 43.92 -1.97
C GLN A 72 5.56 45.33 -2.38
N LYS A 73 5.75 46.32 -1.50
CA LYS A 73 5.29 47.69 -1.72
C LYS A 73 6.12 48.41 -2.79
N SER A 74 7.19 47.80 -3.32
CA SER A 74 8.19 48.50 -4.16
C SER A 74 8.52 47.72 -5.44
N ASN A 75 7.67 46.77 -5.83
CA ASN A 75 7.93 45.85 -6.93
C ASN A 75 7.09 44.58 -6.74
N LYS A 82 12.53 47.67 -9.39
CA LYS A 82 13.14 48.98 -9.29
C LYS A 82 14.49 48.86 -8.54
N GLY A 83 15.34 47.89 -8.94
CA GLY A 83 16.63 47.59 -8.22
C GLY A 83 16.60 46.28 -7.41
N PRO A 84 17.66 45.45 -7.47
CA PRO A 84 17.63 44.15 -6.84
C PRO A 84 17.91 44.13 -5.31
N GLU A 85 18.24 45.28 -4.70
CA GLU A 85 18.86 45.31 -3.35
C GLU A 85 17.94 44.69 -2.30
N VAL A 86 16.67 45.08 -2.30
CA VAL A 86 15.75 44.67 -1.26
C VAL A 86 15.57 43.16 -1.30
N ARG A 87 15.45 42.63 -2.51
CA ARG A 87 15.32 41.16 -2.73
C ARG A 87 16.60 40.48 -2.25
N GLU A 88 17.77 41.04 -2.58
CA GLU A 88 19.04 40.42 -2.18
C GLU A 88 19.14 40.33 -0.66
N TYR A 89 18.82 41.41 0.03
CA TYR A 89 18.94 41.42 1.48
C TYR A 89 17.87 40.51 2.12
N ARG A 90 16.63 40.55 1.60
CA ARG A 90 15.60 39.62 2.05
C ARG A 90 16.14 38.19 1.87
N GLU A 91 16.68 37.87 0.70
CA GLU A 91 17.25 36.51 0.49
C GLU A 91 18.28 36.15 1.57
N LYS A 92 19.11 37.13 1.94
CA LYS A 92 20.22 36.84 2.83
C LYS A 92 19.71 36.51 4.24
N VAL A 93 18.70 37.27 4.68
CA VAL A 93 18.06 37.09 5.96
C VAL A 93 17.36 35.73 5.93
N GLU A 94 16.74 35.43 4.78
CA GLU A 94 16.01 34.19 4.57
C GLU A 94 16.99 33.02 4.73
N THR A 95 18.17 33.13 4.13
CA THR A 95 19.17 32.07 4.22
C THR A 95 19.64 31.85 5.67
N GLU A 96 19.81 32.93 6.43
CA GLU A 96 20.27 32.78 7.81
C GLU A 96 19.21 32.10 8.68
N LEU A 97 17.95 32.56 8.53
CA LEU A 97 16.72 31.94 9.14
C LEU A 97 16.71 30.43 8.88
N GLN A 98 16.88 30.05 7.60
CA GLN A 98 16.85 28.63 7.21
C GLN A 98 17.97 27.84 7.90
N GLY A 99 19.17 28.43 8.05
CA GLY A 99 20.32 27.75 8.71
C GLY A 99 20.02 27.45 10.17
N VAL A 100 19.36 28.42 10.84
CA VAL A 100 19.00 28.27 12.22
C VAL A 100 17.96 27.16 12.38
N CYS A 101 16.92 27.20 11.53
CA CYS A 101 15.89 26.16 11.56
C CYS A 101 16.52 24.78 11.33
N ASP A 102 17.41 24.69 10.34
CA ASP A 102 18.10 23.43 10.01
C ASP A 102 18.91 22.95 11.22
N THR A 103 19.58 23.88 11.93
CA THR A 103 20.32 23.54 13.13
C THR A 103 19.36 22.96 14.17
N VAL A 104 18.21 23.60 14.40
CA VAL A 104 17.30 23.14 15.44
C VAL A 104 16.76 21.75 15.12
N LEU A 105 16.34 21.56 13.87
CA LEU A 105 15.82 20.29 13.35
C LEU A 105 16.90 19.22 13.40
N GLY A 106 18.17 19.56 13.10
CA GLY A 106 19.30 18.64 13.26
C GLY A 106 19.43 18.19 14.69
N LEU A 107 19.32 19.12 15.65
CA LEU A 107 19.44 18.77 17.05
C LEU A 107 18.29 17.86 17.45
N LEU A 108 17.07 18.12 16.97
CA LEU A 108 15.88 17.36 17.39
C LEU A 108 16.01 15.93 16.84
N ASP A 109 16.35 15.79 15.57
CA ASP A 109 16.45 14.46 14.93
C ASP A 109 17.70 13.71 15.43
N SER A 110 18.83 14.38 15.62
CA SER A 110 20.07 13.67 15.96
C SER A 110 20.15 13.32 17.44
N HIS A 111 19.60 14.15 18.35
CA HIS A 111 19.87 14.00 19.77
C HIS A 111 18.62 13.98 20.66
N LEU A 112 17.58 14.77 20.36
CA LEU A 112 16.55 15.03 21.36
C LEU A 112 15.32 14.08 21.25
N ILE A 113 14.85 13.76 20.04
CA ILE A 113 13.61 13.03 19.82
C ILE A 113 13.92 11.54 20.00
N LYS A 114 13.27 10.94 21.02
CA LYS A 114 13.52 9.56 21.46
C LYS A 114 12.18 8.83 21.65
N GLU A 115 12.23 7.49 21.50
CA GLU A 115 11.14 6.59 21.89
C GLU A 115 10.94 6.67 23.41
N ALA A 116 12.04 6.77 24.16
CA ALA A 116 12.03 6.87 25.66
C ALA A 116 11.62 8.28 26.15
N GLY A 117 10.97 8.33 27.31
CA GLY A 117 10.93 9.52 28.17
C GLY A 117 9.52 9.95 28.52
N ASP A 118 9.42 10.83 29.52
CA ASP A 118 8.22 11.57 29.80
C ASP A 118 7.55 11.92 28.46
N ALA A 119 6.27 11.58 28.37
CA ALA A 119 5.36 12.10 27.37
C ALA A 119 5.62 13.59 27.14
N GLU A 120 5.61 14.38 28.23
CA GLU A 120 5.85 15.83 28.19
C GLU A 120 7.10 16.15 27.37
N SER A 121 8.21 15.48 27.67
CA SER A 121 9.46 15.69 26.96
C SER A 121 9.30 15.33 25.46
N ARG A 122 8.72 14.18 25.14
CA ARG A 122 8.57 13.76 23.73
C ARG A 122 7.61 14.72 22.98
N VAL A 123 6.63 15.30 23.68
CA VAL A 123 5.66 16.17 23.03
C VAL A 123 6.32 17.53 22.77
N PHE A 124 7.00 18.04 23.80
CA PHE A 124 7.79 19.22 23.68
C PHE A 124 8.62 19.13 22.38
N TYR A 125 9.40 18.06 22.18
CA TYR A 125 10.40 18.06 21.09
C TYR A 125 9.69 17.92 19.76
N LEU A 126 8.61 17.11 19.71
CA LEU A 126 7.84 17.01 18.46
C LEU A 126 7.12 18.30 18.10
N LYS A 127 6.67 19.06 19.10
CA LYS A 127 6.08 20.37 18.86
C LYS A 127 7.13 21.36 18.30
N MET A 128 8.31 21.42 18.94
CA MET A 128 9.45 22.19 18.41
C MET A 128 9.71 21.79 16.95
N LYS A 129 9.71 20.50 16.63
CA LYS A 129 9.97 20.08 15.23
C LYS A 129 8.90 20.62 14.25
N GLY A 130 7.62 20.51 14.60
CA GLY A 130 6.52 21.11 13.80
C GLY A 130 6.67 22.62 13.70
N ASP A 131 7.00 23.29 14.80
CA ASP A 131 7.20 24.70 14.80
C ASP A 131 8.35 25.09 13.83
N TYR A 132 9.52 24.44 13.91
CA TYR A 132 10.65 24.87 13.08
C TYR A 132 10.41 24.42 11.62
N TYR A 133 9.70 23.34 11.36
CA TYR A 133 9.29 23.13 9.97
C TYR A 133 8.33 24.25 9.52
N ARG A 134 7.47 24.74 10.40
CA ARG A 134 6.52 25.79 10.01
C ARG A 134 7.25 27.11 9.71
N TYR A 135 8.33 27.42 10.43
CA TYR A 135 9.11 28.62 10.13
C TYR A 135 9.74 28.49 8.74
N LEU A 136 10.17 27.28 8.39
CA LEU A 136 10.72 27.04 7.05
C LEU A 136 9.62 27.25 5.99
N ALA A 137 8.44 26.65 6.22
CA ALA A 137 7.30 26.77 5.29
C ALA A 137 6.91 28.25 5.05
N GLU A 138 7.20 29.14 6.01
CA GLU A 138 6.80 30.57 5.90
C GLU A 138 7.61 31.26 4.79
N VAL A 139 8.81 30.74 4.44
CA VAL A 139 9.69 31.43 3.49
C VAL A 139 9.91 30.58 2.23
N ALA A 140 9.35 29.36 2.22
CA ALA A 140 9.53 28.37 1.21
C ALA A 140 8.57 28.61 0.04
N THR A 141 8.92 28.07 -1.13
CA THR A 141 8.03 28.04 -2.31
C THR A 141 8.06 26.65 -2.98
N GLY A 142 7.02 26.38 -3.78
CA GLY A 142 6.97 25.20 -4.72
C GLY A 142 7.04 23.81 -4.06
N ASP A 143 7.82 22.91 -4.68
CA ASP A 143 7.93 21.52 -4.27
C ASP A 143 8.51 21.45 -2.85
N ASP A 144 9.52 22.29 -2.55
CA ASP A 144 10.13 22.36 -1.22
C ASP A 144 9.06 22.70 -0.17
N LYS A 145 8.20 23.70 -0.44
CA LYS A 145 7.17 24.08 0.54
C LYS A 145 6.26 22.90 0.86
N LYS A 146 5.79 22.20 -0.19
CA LYS A 146 4.91 21.04 -0.05
C LYS A 146 5.60 19.96 0.83
N ARG A 147 6.88 19.63 0.59
CA ARG A 147 7.65 18.67 1.50
C ARG A 147 7.70 19.17 2.95
N ILE A 148 7.89 20.47 3.13
CA ILE A 148 8.06 21.05 4.45
C ILE A 148 6.73 21.04 5.20
N ILE A 149 5.66 21.39 4.50
CA ILE A 149 4.31 21.37 5.06
C ILE A 149 3.99 19.94 5.56
N ASP A 150 4.29 18.93 4.77
CA ASP A 150 4.01 17.51 5.16
C ASP A 150 4.84 17.09 6.37
N SER A 151 6.09 17.56 6.50
CA SER A 151 6.99 17.28 7.69
C SER A 151 6.46 18.02 8.94
N ALA A 152 6.07 19.28 8.79
CA ALA A 152 5.41 20.01 9.92
C ALA A 152 4.19 19.23 10.44
N ARG A 153 3.32 18.84 9.50
CA ARG A 153 2.03 18.20 9.79
C ARG A 153 2.31 16.90 10.53
N SER A 154 3.16 16.06 9.93
CA SER A 154 3.51 14.78 10.48
C SER A 154 4.12 14.92 11.89
N ALA A 155 4.93 15.95 12.16
CA ALA A 155 5.47 16.10 13.51
C ALA A 155 4.37 16.49 14.53
N TYR A 156 3.55 17.48 14.17
CA TYR A 156 2.51 18.03 15.04
C TYR A 156 1.48 16.92 15.36
N GLN A 157 1.13 16.14 14.35
CA GLN A 157 0.13 15.10 14.46
C GLN A 157 0.61 14.05 15.48
N GLU A 158 1.90 13.68 15.38
CA GLU A 158 2.53 12.71 16.26
C GLU A 158 2.52 13.25 17.69
N ALA A 159 2.84 14.54 17.87
CA ALA A 159 2.81 15.16 19.20
C ALA A 159 1.38 15.18 19.74
N MET A 160 0.42 15.54 18.87
CA MET A 160 -1.02 15.54 19.22
C MET A 160 -1.45 14.14 19.69
N ASP A 161 -1.06 13.07 18.98
CA ASP A 161 -1.44 11.70 19.40
C ASP A 161 -0.99 11.49 20.86
N ILE A 162 0.28 11.77 21.14
CA ILE A 162 0.82 11.58 22.47
C ILE A 162 0.12 12.47 23.51
N SER A 163 -0.06 13.75 23.22
CA SER A 163 -0.58 14.63 24.25
C SER A 163 -1.98 14.14 24.67
N LYS A 164 -2.76 13.58 23.73
CA LYS A 164 -4.16 13.23 24.02
C LYS A 164 -4.22 11.92 24.83
N LYS A 165 -3.37 10.93 24.52
CA LYS A 165 -3.32 9.66 25.23
C LYS A 165 -2.65 9.81 26.61
N GLU A 166 -1.80 10.83 26.82
CA GLU A 166 -0.90 10.84 28.00
C GLU A 166 -0.93 12.15 28.80
N MET A 167 -1.59 13.22 28.35
CA MET A 167 -1.57 14.49 29.08
C MET A 167 -2.99 15.00 29.33
N PRO A 168 -3.23 15.81 30.37
CA PRO A 168 -4.56 16.38 30.61
C PRO A 168 -4.87 17.63 29.79
N PRO A 169 -6.16 17.90 29.48
CA PRO A 169 -6.51 18.98 28.57
C PRO A 169 -6.06 20.39 28.98
N THR A 170 -5.64 20.60 30.23
CA THR A 170 -5.21 21.96 30.66
C THR A 170 -3.68 22.10 30.66
N ASN A 171 -2.93 21.01 30.41
CA ASN A 171 -1.43 21.07 30.44
C ASN A 171 -0.98 22.10 29.40
N PRO A 172 -0.14 23.08 29.77
CA PRO A 172 0.20 24.19 28.87
C PRO A 172 0.88 23.72 27.58
N ILE A 173 1.62 22.61 27.64
CA ILE A 173 2.37 22.14 26.50
C ILE A 173 1.37 21.59 25.48
N ARG A 174 0.46 20.73 25.94
CA ARG A 174 -0.60 20.21 25.12
C ARG A 174 -1.43 21.33 24.50
N LEU A 175 -1.64 22.42 25.27
CA LEU A 175 -2.43 23.53 24.80
C LEU A 175 -1.65 24.33 23.74
N GLY A 176 -0.38 24.61 24.03
CA GLY A 176 0.39 25.44 23.16
C GLY A 176 0.52 24.75 21.80
N LEU A 177 0.67 23.42 21.89
CA LEU A 177 0.88 22.55 20.78
C LEU A 177 -0.32 22.65 19.85
N ALA A 178 -1.53 22.60 20.45
CA ALA A 178 -2.77 22.59 19.64
C ALA A 178 -2.98 23.98 19.06
N LEU A 179 -2.60 25.01 19.82
CA LEU A 179 -2.66 26.38 19.33
C LEU A 179 -1.83 26.47 18.03
N ASN A 180 -0.51 26.25 18.15
CA ASN A 180 0.44 26.35 17.03
C ASN A 180 -0.03 25.51 15.86
N PHE A 181 -0.52 24.29 16.12
CA PHE A 181 -0.97 23.38 15.04
C PHE A 181 -2.20 23.95 14.35
N SER A 182 -3.02 24.70 15.09
CA SER A 182 -4.19 25.25 14.47
C SER A 182 -3.76 26.42 13.59
N VAL A 183 -2.76 27.19 14.06
CA VAL A 183 -2.26 28.30 13.30
C VAL A 183 -1.64 27.74 12.03
N PHE A 184 -0.91 26.64 12.15
CA PHE A 184 -0.37 25.93 11.01
C PHE A 184 -1.48 25.59 10.02
N HIS A 185 -2.56 24.98 10.50
CA HIS A 185 -3.72 24.62 9.66
C HIS A 185 -4.22 25.85 8.86
N TYR A 186 -4.42 26.97 9.56
CA TYR A 186 -5.04 28.16 8.99
C TYR A 186 -4.08 28.97 8.11
N GLU A 187 -2.87 29.23 8.62
CA GLU A 187 -1.97 30.22 8.06
C GLU A 187 -1.02 29.58 7.03
N ILE A 188 -0.80 28.26 7.10
CA ILE A 188 0.23 27.61 6.31
C ILE A 188 -0.37 26.55 5.40
N ALA A 189 -1.17 25.64 5.96
CA ALA A 189 -1.66 24.46 5.27
C ALA A 189 -3.00 24.69 4.57
N ASN A 190 -3.51 25.94 4.60
CA ASN A 190 -4.72 26.34 3.93
C ASN A 190 -5.89 25.40 4.27
N SER A 191 -6.01 25.01 5.54
CA SER A 191 -7.19 24.26 6.01
C SER A 191 -7.89 25.05 7.12
N PRO A 192 -8.66 26.11 6.81
CA PRO A 192 -9.44 26.79 7.86
C PRO A 192 -10.41 25.83 8.57
N GLU A 193 -10.96 24.84 7.85
CA GLU A 193 -11.92 23.90 8.47
C GLU A 193 -11.24 23.20 9.66
N GLU A 194 -10.14 22.49 9.38
CA GLU A 194 -9.39 21.73 10.38
C GLU A 194 -8.89 22.70 11.47
N ALA A 195 -8.57 23.94 11.09
CA ALA A 195 -7.98 24.86 12.03
C ALA A 195 -8.99 25.21 13.13
N ILE A 196 -10.17 25.60 12.67
CA ILE A 196 -11.18 26.19 13.52
C ILE A 196 -11.67 25.10 14.48
N SER A 197 -11.98 23.93 13.90
CA SER A 197 -12.38 22.77 14.66
C SER A 197 -11.37 22.48 15.77
N LEU A 198 -10.07 22.53 15.46
CA LEU A 198 -9.02 22.12 16.43
C LEU A 198 -9.00 23.10 17.59
N ALA A 199 -9.10 24.39 17.29
CA ALA A 199 -9.02 25.41 18.30
C ALA A 199 -10.26 25.32 19.22
N LYS A 200 -11.46 25.22 18.63
CA LYS A 200 -12.73 25.13 19.39
C LYS A 200 -12.68 23.88 20.30
N THR A 201 -12.40 22.70 19.72
CA THR A 201 -12.32 21.42 20.45
C THR A 201 -11.31 21.45 21.60
N THR A 202 -10.22 22.21 21.40
CA THR A 202 -9.12 22.25 22.32
C THR A 202 -9.51 23.16 23.48
N PHE A 203 -10.12 24.29 23.12
CA PHE A 203 -10.64 25.25 24.08
C PHE A 203 -11.76 24.62 24.92
N ASP A 204 -12.62 23.81 24.26
CA ASP A 204 -13.80 23.21 24.87
C ASP A 204 -13.36 22.21 25.94
N GLU A 205 -12.47 21.28 25.55
CA GLU A 205 -11.97 20.23 26.44
C GLU A 205 -11.15 20.84 27.60
N ALA A 206 -10.82 22.14 27.54
CA ALA A 206 -10.01 22.80 28.57
C ALA A 206 -10.91 23.43 29.65
N MET A 207 -12.01 24.05 29.23
CA MET A 207 -13.01 24.60 30.18
C MET A 207 -13.57 23.47 31.04
N ALA A 208 -13.83 22.31 30.42
CA ALA A 208 -14.39 21.10 31.06
C ALA A 208 -13.44 20.44 32.07
N ASP A 209 -12.22 20.96 32.26
CA ASP A 209 -11.32 20.47 33.33
C ASP A 209 -10.77 21.63 34.17
N LEU A 210 -11.10 22.87 33.82
CA LEU A 210 -10.70 24.03 34.60
C LEU A 210 -11.08 23.79 36.06
N HIS A 211 -10.28 24.32 37.00
CA HIS A 211 -10.50 24.08 38.44
C HIS A 211 -10.52 22.56 38.70
N LYS A 219 -3.70 30.07 34.56
CA LYS A 219 -2.32 30.49 34.79
C LYS A 219 -1.65 30.73 33.43
N ASP A 220 -0.56 30.01 33.15
CA ASP A 220 -0.03 29.83 31.77
C ASP A 220 -1.03 28.99 30.96
N SER A 221 -2.00 28.35 31.63
CA SER A 221 -3.14 27.67 30.99
C SER A 221 -4.15 28.66 30.39
N THR A 222 -4.42 29.77 31.09
CA THR A 222 -5.48 30.65 30.67
C THR A 222 -4.98 31.67 29.63
N LEU A 223 -3.69 32.05 29.65
CA LEU A 223 -3.16 32.79 28.48
C LEU A 223 -3.54 32.02 27.21
N ILE A 224 -3.06 30.78 27.12
CA ILE A 224 -3.18 29.96 25.88
C ILE A 224 -4.64 29.74 25.49
N MET A 225 -5.54 29.76 26.48
CA MET A 225 -6.99 29.64 26.23
C MET A 225 -7.51 30.97 25.63
N GLN A 226 -7.02 32.13 26.09
CA GLN A 226 -7.37 33.43 25.45
C GLN A 226 -6.97 33.37 23.98
N LEU A 227 -5.69 32.99 23.73
CA LEU A 227 -5.05 32.96 22.40
C LEU A 227 -5.88 32.08 21.46
N LEU A 228 -6.39 30.95 21.93
CA LEU A 228 -7.25 30.08 21.08
C LEU A 228 -8.50 30.86 20.66
N ARG A 229 -9.07 31.65 21.59
CA ARG A 229 -10.29 32.43 21.33
C ARG A 229 -9.92 33.64 20.45
N ASP A 230 -8.84 34.35 20.79
CA ASP A 230 -8.34 35.53 20.03
C ASP A 230 -8.12 35.17 18.55
N ASN A 231 -7.50 34.01 18.30
CA ASN A 231 -7.26 33.51 16.92
C ASN A 231 -8.62 33.29 16.25
N LEU A 232 -9.52 32.62 16.99
CA LEU A 232 -10.87 32.25 16.46
C LEU A 232 -11.62 33.52 16.03
N THR A 233 -11.46 34.61 16.80
CA THR A 233 -12.02 35.90 16.44
C THR A 233 -11.48 36.34 15.07
N LEU A 234 -10.15 36.41 14.94
CA LEU A 234 -9.48 36.78 13.72
C LEU A 234 -10.03 35.92 12.57
N TRP A 235 -10.20 34.61 12.80
CA TRP A 235 -10.49 33.66 11.70
C TRP A 235 -11.99 33.60 11.38
N THR A 236 -12.85 33.88 12.37
CA THR A 236 -14.34 33.83 12.22
C THR A 236 -14.99 34.63 13.35
N GLY B 1 -7.85 -17.39 16.15
CA GLY B 1 -8.33 -18.79 16.21
C GLY B 1 -7.70 -19.54 17.36
N ALA B 2 -7.52 -20.85 17.15
CA ALA B 2 -7.03 -21.75 18.18
C ALA B 2 -5.55 -21.49 18.49
N MET B 3 -4.80 -20.85 17.58
CA MET B 3 -3.36 -20.62 17.82
C MET B 3 -3.06 -19.19 18.28
N GLY B 4 -4.11 -18.37 18.47
CA GLY B 4 -3.96 -16.93 18.76
C GLY B 4 -3.16 -16.64 20.03
N SER B 5 -3.10 -17.58 20.97
CA SER B 5 -2.46 -17.30 22.25
C SER B 5 -0.97 -17.68 22.21
N MET B 6 -0.52 -18.39 21.17
CA MET B 6 0.85 -18.86 21.13
C MET B 6 1.77 -17.86 20.39
N GLU B 7 3.01 -17.78 20.84
CA GLU B 7 4.04 -16.94 20.25
C GLU B 7 4.43 -17.44 18.85
N ARG B 8 4.65 -16.50 17.93
CA ARG B 8 5.02 -16.83 16.54
C ARG B 8 6.19 -17.83 16.52
N ALA B 9 7.26 -17.53 17.25
CA ALA B 9 8.48 -18.39 17.18
C ALA B 9 8.18 -19.79 17.73
N SER B 10 7.25 -19.88 18.68
CA SER B 10 6.86 -21.21 19.18
C SER B 10 5.99 -21.93 18.13
N LEU B 11 5.17 -21.20 17.38
CA LEU B 11 4.38 -21.89 16.35
C LEU B 11 5.33 -22.50 15.30
N ILE B 12 6.33 -21.71 14.91
CA ILE B 12 7.27 -22.14 13.89
C ILE B 12 8.01 -23.41 14.36
N GLN B 13 8.59 -23.32 15.56
CA GLN B 13 9.32 -24.44 16.21
C GLN B 13 8.44 -25.69 16.31
N LYS B 14 7.16 -25.50 16.68
CA LYS B 14 6.24 -26.68 16.79
C LYS B 14 5.90 -27.21 15.39
N ALA B 15 5.78 -26.32 14.39
CA ALA B 15 5.64 -26.75 12.98
C ALA B 15 6.80 -27.68 12.58
N LYS B 16 8.01 -27.29 12.97
CA LYS B 16 9.18 -28.13 12.69
C LYS B 16 9.13 -29.46 13.46
N LEU B 17 8.67 -29.43 14.72
CA LEU B 17 8.49 -30.73 15.47
C LEU B 17 7.48 -31.63 14.76
N ALA B 18 6.40 -31.03 14.22
CA ALA B 18 5.31 -31.82 13.67
C ALA B 18 5.77 -32.50 12.38
N GLU B 19 6.56 -31.78 11.57
CA GLU B 19 7.14 -32.34 10.36
C GLU B 19 7.98 -33.58 10.72
N GLN B 20 8.91 -33.42 11.67
CA GLN B 20 9.79 -34.50 12.12
C GLN B 20 8.94 -35.70 12.55
N ALA B 21 7.77 -35.44 13.16
CA ALA B 21 6.92 -36.50 13.67
C ALA B 21 5.87 -36.95 12.63
N GLU B 22 5.92 -36.36 11.43
CA GLU B 22 5.01 -36.65 10.33
C GLU B 22 3.54 -36.37 10.69
N ARG B 23 3.31 -35.36 11.53
CA ARG B 23 1.97 -34.89 11.85
C ARG B 23 1.62 -33.62 11.03
N TYR B 24 1.21 -33.82 9.79
CA TYR B 24 1.08 -32.78 8.79
C TYR B 24 -0.11 -31.85 9.11
N GLU B 25 -1.23 -32.42 9.55
CA GLU B 25 -2.37 -31.56 9.98
C GLU B 25 -1.91 -30.61 11.10
N ASP B 26 -1.22 -31.14 12.10
CA ASP B 26 -0.60 -30.30 13.17
C ASP B 26 0.30 -29.21 12.57
N MET B 27 1.14 -29.64 11.64
CA MET B 27 2.11 -28.76 11.05
C MET B 27 1.40 -27.61 10.30
N ALA B 28 0.35 -27.93 9.54
CA ALA B 28 -0.41 -26.93 8.76
C ALA B 28 -1.04 -25.91 9.70
N ALA B 29 -1.65 -26.44 10.75
CA ALA B 29 -2.36 -25.64 11.71
C ALA B 29 -1.39 -24.67 12.40
N PHE B 30 -0.20 -25.17 12.75
CA PHE B 30 0.84 -24.36 13.41
C PHE B 30 1.29 -23.25 12.43
N MET B 31 1.43 -23.59 11.14
CA MET B 31 1.88 -22.58 10.15
C MET B 31 0.77 -21.55 9.87
N LYS B 32 -0.47 -22.00 9.82
CA LYS B 32 -1.64 -21.06 9.72
C LYS B 32 -1.55 -20.03 10.85
N GLY B 33 -1.26 -20.49 12.07
CA GLY B 33 -1.21 -19.59 13.21
C GLY B 33 -0.06 -18.58 13.06
N ALA B 34 1.09 -19.07 12.57
CA ALA B 34 2.24 -18.25 12.37
C ALA B 34 1.86 -17.18 11.33
N VAL B 35 1.28 -17.59 10.23
CA VAL B 35 0.89 -16.67 9.15
C VAL B 35 -0.05 -15.60 9.69
N GLU B 36 -0.98 -15.98 10.58
CA GLU B 36 -1.99 -15.05 11.06
C GLU B 36 -1.42 -14.03 12.07
N LYS B 37 -0.14 -14.12 12.43
CA LYS B 37 0.53 -13.03 13.18
C LYS B 37 0.71 -11.77 12.32
N GLY B 38 0.54 -11.88 10.98
CA GLY B 38 0.56 -10.75 10.04
C GLY B 38 1.95 -10.39 9.54
N GLU B 39 2.99 -11.18 9.88
CA GLU B 39 4.40 -10.89 9.53
C GLU B 39 4.83 -11.79 8.36
N GLU B 40 5.74 -11.28 7.54
CA GLU B 40 6.08 -12.01 6.35
C GLU B 40 6.84 -13.26 6.78
N LEU B 41 6.80 -14.28 5.92
CA LEU B 41 7.50 -15.51 6.11
C LEU B 41 8.83 -15.44 5.34
N SER B 42 9.88 -15.96 5.96
CA SER B 42 11.14 -16.25 5.30
C SER B 42 10.96 -17.43 4.35
N GLU B 44 12.48 -20.31 4.52
CA GLU B 44 12.36 -21.54 5.26
C GLU B 44 10.88 -21.74 5.64
N GLU B 45 10.24 -20.65 6.10
CA GLU B 45 8.88 -20.62 6.66
C GLU B 45 7.87 -20.88 5.53
N ARG B 46 8.08 -20.25 4.37
CA ARG B 46 7.22 -20.45 3.19
C ARG B 46 7.14 -21.94 2.92
N ASN B 47 8.30 -22.59 2.95
CA ASN B 47 8.41 -23.99 2.58
C ASN B 47 7.78 -24.88 3.66
N LEU B 48 7.85 -24.47 4.93
CA LEU B 48 7.09 -25.18 5.98
C LEU B 48 5.60 -25.14 5.62
N LEU B 49 5.10 -23.96 5.25
CA LEU B 49 3.72 -23.76 4.93
C LEU B 49 3.35 -24.67 3.75
N SER B 50 4.07 -24.56 2.63
CA SER B 50 3.88 -25.40 1.43
C SER B 50 3.88 -26.88 1.83
N VAL B 51 4.89 -27.27 2.58
CA VAL B 51 5.06 -28.69 2.83
C VAL B 51 3.85 -29.19 3.64
N ALA B 52 3.42 -28.41 4.61
CA ALA B 52 2.43 -28.85 5.53
C ALA B 52 1.11 -29.12 4.76
N TYR B 53 0.62 -28.12 4.03
CA TYR B 53 -0.68 -28.20 3.37
C TYR B 53 -0.66 -29.13 2.13
N LYS B 54 0.48 -29.25 1.45
CA LYS B 54 0.60 -30.17 0.32
C LYS B 54 0.45 -31.61 0.80
N ASN B 55 1.01 -31.95 1.97
CA ASN B 55 0.82 -33.30 2.52
C ASN B 55 -0.64 -33.59 2.85
N VAL B 56 -1.31 -32.63 3.47
CA VAL B 56 -2.67 -32.81 3.93
C VAL B 56 -3.53 -33.01 2.67
N VAL B 57 -3.38 -32.09 1.73
CA VAL B 57 -4.25 -32.03 0.63
C VAL B 57 -3.95 -33.20 -0.33
N GLY B 58 -2.67 -33.54 -0.48
CA GLY B 58 -2.28 -34.74 -1.22
C GLY B 58 -2.96 -36.02 -0.76
N GLY B 59 -2.96 -36.31 0.55
CA GLY B 59 -3.64 -37.52 1.10
C GLY B 59 -5.14 -37.53 0.76
N GLN B 60 -5.75 -36.36 0.92
CA GLN B 60 -7.12 -36.15 0.55
C GLN B 60 -7.31 -36.35 -0.97
N ARG B 61 -6.47 -35.71 -1.79
CA ARG B 61 -6.61 -35.88 -3.27
C ARG B 61 -6.56 -37.38 -3.64
N ALA B 62 -5.68 -38.15 -3.00
CA ALA B 62 -5.47 -39.55 -3.38
C ALA B 62 -6.62 -40.44 -2.88
N ALA B 63 -7.18 -40.09 -1.71
CA ALA B 63 -8.34 -40.79 -1.21
C ALA B 63 -9.54 -40.50 -2.10
N TRP B 64 -9.73 -39.23 -2.48
CA TRP B 64 -10.79 -38.88 -3.40
C TRP B 64 -10.74 -39.70 -4.69
N ARG B 65 -9.53 -39.95 -5.23
CA ARG B 65 -9.38 -40.57 -6.54
C ARG B 65 -9.77 -42.03 -6.45
N VAL B 66 -9.31 -42.70 -5.37
CA VAL B 66 -9.58 -44.10 -5.06
C VAL B 66 -11.09 -44.35 -4.90
N LEU B 67 -11.75 -43.47 -4.13
CA LEU B 67 -13.17 -43.49 -3.97
C LEU B 67 -13.86 -43.27 -5.32
N SER B 68 -13.45 -42.24 -6.05
CA SER B 68 -14.08 -41.80 -7.31
C SER B 68 -14.05 -42.92 -8.36
N SER B 69 -12.96 -43.68 -8.35
CA SER B 69 -12.70 -44.80 -9.30
C SER B 69 -13.57 -46.01 -8.91
N ILE B 70 -13.71 -46.26 -7.61
CA ILE B 70 -14.61 -47.33 -7.11
C ILE B 70 -16.02 -46.85 -7.45
N GLU B 71 -16.33 -45.59 -7.22
CA GLU B 71 -17.66 -45.06 -7.57
C GLU B 71 -17.89 -45.24 -9.06
N GLN B 72 -16.92 -44.91 -9.91
CA GLN B 72 -17.08 -44.98 -11.38
C GLN B 72 -17.19 -46.43 -11.86
N LYS B 73 -16.55 -47.36 -11.14
CA LYS B 73 -16.49 -48.79 -11.54
C LYS B 73 -17.65 -49.56 -10.94
N SER B 74 -18.60 -48.87 -10.31
CA SER B 74 -19.80 -49.48 -9.72
C SER B 74 -21.02 -48.74 -10.29
N ASN B 75 -20.83 -48.05 -11.41
CA ASN B 75 -21.91 -47.30 -12.09
C ASN B 75 -21.91 -47.73 -13.55
N GLY B 83 -26.17 -49.25 -4.29
CA GLY B 83 -26.11 -48.61 -2.95
C GLY B 83 -25.38 -47.26 -2.94
N PRO B 84 -25.79 -46.30 -2.08
CA PRO B 84 -25.26 -44.94 -2.10
C PRO B 84 -23.97 -44.70 -1.29
N GLU B 85 -23.43 -45.74 -0.65
CA GLU B 85 -22.41 -45.48 0.41
C GLU B 85 -21.11 -44.93 -0.19
N VAL B 86 -20.71 -45.42 -1.37
CA VAL B 86 -19.51 -44.99 -2.08
C VAL B 86 -19.59 -43.50 -2.43
N ARG B 87 -20.69 -43.06 -3.04
CA ARG B 87 -20.93 -41.65 -3.34
C ARG B 87 -20.85 -40.79 -2.06
N GLU B 88 -21.53 -41.23 -1.01
CA GLU B 88 -21.60 -40.50 0.29
C GLU B 88 -20.19 -40.25 0.84
N TYR B 89 -19.37 -41.31 0.89
CA TYR B 89 -18.01 -41.22 1.47
C TYR B 89 -17.12 -40.36 0.55
N ARG B 90 -17.29 -40.51 -0.77
CA ARG B 90 -16.58 -39.71 -1.71
C ARG B 90 -16.91 -38.25 -1.44
N GLU B 91 -18.20 -37.94 -1.30
CA GLU B 91 -18.69 -36.58 -1.01
C GLU B 91 -18.06 -36.01 0.27
N LYS B 92 -17.92 -36.85 1.32
CA LYS B 92 -17.46 -36.38 2.61
C LYS B 92 -15.96 -36.01 2.49
N VAL B 93 -15.18 -36.85 1.79
CA VAL B 93 -13.75 -36.59 1.47
C VAL B 93 -13.63 -35.32 0.60
N GLU B 94 -14.51 -35.23 -0.38
CA GLU B 94 -14.62 -34.06 -1.22
C GLU B 94 -14.70 -32.83 -0.32
N THR B 95 -15.51 -32.91 0.73
CA THR B 95 -15.93 -31.71 1.50
C THR B 95 -14.78 -31.27 2.42
N GLU B 96 -14.01 -32.24 2.91
CA GLU B 96 -12.83 -31.96 3.68
C GLU B 96 -11.75 -31.30 2.80
N LEU B 97 -11.58 -31.80 1.57
CA LEU B 97 -10.60 -31.28 0.58
C LEU B 97 -10.94 -29.82 0.25
N GLN B 98 -12.22 -29.58 -0.02
CA GLN B 98 -12.68 -28.25 -0.36
C GLN B 98 -12.41 -27.32 0.81
N GLY B 99 -12.59 -27.82 2.04
CA GLY B 99 -12.36 -27.04 3.26
C GLY B 99 -10.91 -26.61 3.40
N VAL B 100 -9.98 -27.53 3.13
CA VAL B 100 -8.58 -27.26 3.27
C VAL B 100 -8.13 -26.31 2.14
N CYS B 101 -8.69 -26.44 0.94
CA CYS B 101 -8.32 -25.52 -0.10
C CYS B 101 -8.81 -24.11 0.25
N ASP B 102 -10.03 -23.99 0.78
CA ASP B 102 -10.56 -22.68 1.13
C ASP B 102 -9.70 -22.03 2.22
N THR B 103 -9.22 -22.83 3.18
CA THR B 103 -8.31 -22.33 4.24
C THR B 103 -7.05 -21.73 3.59
N VAL B 104 -6.44 -22.47 2.66
CA VAL B 104 -5.19 -22.08 2.05
C VAL B 104 -5.41 -20.80 1.24
N LEU B 105 -6.49 -20.77 0.49
CA LEU B 105 -6.81 -19.60 -0.31
C LEU B 105 -7.17 -18.40 0.55
N GLY B 106 -7.79 -18.62 1.73
CA GLY B 106 -8.02 -17.55 2.70
C GLY B 106 -6.72 -16.95 3.20
N LEU B 107 -5.77 -17.82 3.55
CA LEU B 107 -4.51 -17.32 4.09
C LEU B 107 -3.81 -16.49 3.01
N LEU B 108 -3.82 -16.98 1.77
CA LEU B 108 -3.10 -16.35 0.65
C LEU B 108 -3.70 -14.98 0.41
N ASP B 109 -5.03 -14.93 0.21
N ASP B 109 -5.02 -14.92 0.25
CA ASP B 109 -5.75 -13.68 0.01
CA ASP B 109 -5.68 -13.65 -0.05
C ASP B 109 -5.47 -12.74 1.18
C ASP B 109 -5.61 -12.71 1.17
N SER B 110 -5.72 -13.23 2.41
CA SER B 110 -5.81 -12.35 3.62
C SER B 110 -4.45 -11.91 4.15
N HIS B 111 -3.37 -12.70 3.94
CA HIS B 111 -2.11 -12.40 4.57
C HIS B 111 -0.91 -12.50 3.63
N LEU B 112 -0.90 -13.45 2.68
CA LEU B 112 0.40 -13.80 2.08
C LEU B 112 0.66 -13.05 0.77
N ILE B 113 -0.35 -12.85 -0.05
CA ILE B 113 -0.21 -12.21 -1.35
C ILE B 113 -0.16 -10.70 -1.16
N LYS B 114 0.97 -10.09 -1.49
CA LYS B 114 1.09 -8.63 -1.47
C LYS B 114 2.11 -8.13 -2.50
N GLU B 115 2.07 -6.80 -2.70
CA GLU B 115 2.89 -6.07 -3.66
C GLU B 115 4.38 -6.18 -3.28
N ALA B 116 4.70 -6.09 -1.99
CA ALA B 116 6.07 -6.05 -1.57
C ALA B 116 6.71 -7.45 -1.65
N GLY B 117 8.04 -7.44 -1.59
CA GLY B 117 8.88 -8.58 -1.32
C GLY B 117 9.48 -9.06 -2.61
N ASP B 118 10.35 -10.07 -2.50
CA ASP B 118 11.17 -10.48 -3.59
C ASP B 118 10.31 -11.29 -4.56
N ALA B 119 10.86 -11.50 -5.75
CA ALA B 119 10.15 -12.09 -6.87
C ALA B 119 9.75 -13.54 -6.52
N GLU B 120 10.70 -14.23 -5.90
CA GLU B 120 10.54 -15.58 -5.48
C GLU B 120 9.29 -15.73 -4.58
N SER B 121 9.17 -14.86 -3.57
CA SER B 121 8.04 -14.89 -2.65
C SER B 121 6.74 -14.57 -3.40
N ARG B 122 6.75 -13.56 -4.27
CA ARG B 122 5.47 -13.16 -4.88
C ARG B 122 4.96 -14.27 -5.80
N VAL B 123 5.89 -14.93 -6.50
CA VAL B 123 5.57 -15.93 -7.51
C VAL B 123 5.05 -17.17 -6.79
N PHE B 124 5.76 -17.54 -5.73
CA PHE B 124 5.42 -18.66 -4.92
C PHE B 124 3.96 -18.56 -4.48
N TYR B 125 3.56 -17.42 -3.90
CA TYR B 125 2.22 -17.41 -3.32
C TYR B 125 1.21 -17.38 -4.46
N LEU B 126 1.53 -16.76 -5.60
CA LEU B 126 0.56 -16.75 -6.72
C LEU B 126 0.49 -18.14 -7.38
N LYS B 127 1.61 -18.87 -7.45
CA LYS B 127 1.57 -20.28 -7.90
C LYS B 127 0.70 -21.14 -6.95
N MET B 128 0.86 -20.94 -5.65
CA MET B 128 0.04 -21.63 -4.62
C MET B 128 -1.45 -21.34 -4.86
N LYS B 129 -1.80 -20.06 -5.05
CA LYS B 129 -3.16 -19.71 -5.31
C LYS B 129 -3.73 -20.47 -6.53
N GLY B 130 -3.01 -20.47 -7.67
CA GLY B 130 -3.43 -21.25 -8.85
C GLY B 130 -3.50 -22.74 -8.56
N ASP B 131 -2.50 -23.21 -7.83
CA ASP B 131 -2.45 -24.59 -7.43
C ASP B 131 -3.70 -25.04 -6.65
N TYR B 132 -4.14 -24.23 -5.66
CA TYR B 132 -5.20 -24.66 -4.78
C TYR B 132 -6.55 -24.46 -5.47
N TYR B 133 -6.70 -23.44 -6.33
CA TYR B 133 -7.92 -23.41 -7.15
C TYR B 133 -7.97 -24.62 -8.08
N ARG B 134 -6.82 -25.08 -8.58
CA ARG B 134 -6.83 -26.27 -9.47
C ARG B 134 -7.32 -27.48 -8.65
N TYR B 135 -6.88 -27.60 -7.38
CA TYR B 135 -7.36 -28.76 -6.59
C TYR B 135 -8.88 -28.67 -6.46
N LEU B 136 -9.43 -27.46 -6.32
CA LEU B 136 -10.89 -27.28 -6.26
C LEU B 136 -11.54 -27.70 -7.58
N ALA B 137 -10.88 -27.46 -8.72
CA ALA B 137 -11.49 -27.70 -10.01
C ALA B 137 -11.48 -29.19 -10.37
N GLU B 138 -10.58 -29.95 -9.75
CA GLU B 138 -10.48 -31.37 -9.94
C GLU B 138 -11.77 -32.07 -9.46
N VAL B 139 -12.47 -31.48 -8.47
CA VAL B 139 -13.61 -32.09 -7.79
C VAL B 139 -14.91 -31.32 -8.08
N ALA B 140 -14.83 -30.18 -8.76
CA ALA B 140 -15.95 -29.29 -9.04
C ALA B 140 -16.74 -29.72 -10.31
N THR B 141 -17.98 -29.24 -10.40
CA THR B 141 -18.81 -29.42 -11.64
C THR B 141 -19.54 -28.13 -12.01
N GLY B 142 -20.15 -28.14 -13.18
CA GLY B 142 -20.99 -27.05 -13.73
C GLY B 142 -20.38 -25.65 -13.73
N ASP B 143 -21.20 -24.68 -13.33
CA ASP B 143 -20.87 -23.24 -13.27
C ASP B 143 -19.83 -22.97 -12.20
N ASP B 144 -19.87 -23.70 -11.10
CA ASP B 144 -18.88 -23.48 -10.06
C ASP B 144 -17.50 -23.81 -10.66
N LYS B 145 -17.45 -24.89 -11.43
CA LYS B 145 -16.25 -25.34 -12.01
C LYS B 145 -15.64 -24.25 -12.90
N LYS B 146 -16.46 -23.66 -13.79
CA LYS B 146 -16.03 -22.61 -14.69
C LYS B 146 -15.45 -21.44 -13.89
N ARG B 147 -16.14 -20.96 -12.86
CA ARG B 147 -15.63 -19.88 -11.97
C ARG B 147 -14.23 -20.25 -11.45
N ILE B 148 -14.07 -21.48 -10.97
CA ILE B 148 -12.87 -21.93 -10.32
C ILE B 148 -11.73 -21.94 -11.37
N ILE B 149 -12.07 -22.42 -12.57
CA ILE B 149 -11.08 -22.58 -13.63
C ILE B 149 -10.55 -21.18 -13.99
N ASP B 150 -11.45 -20.20 -14.08
CA ASP B 150 -11.03 -18.84 -14.44
C ASP B 150 -10.15 -18.19 -13.35
N SER B 151 -10.45 -18.50 -12.07
CA SER B 151 -9.70 -18.04 -10.92
C SER B 151 -8.28 -18.64 -10.91
N ALA B 152 -8.17 -19.93 -11.22
CA ALA B 152 -6.85 -20.58 -11.26
C ALA B 152 -6.01 -19.98 -12.39
N ARG B 153 -6.65 -19.85 -13.57
CA ARG B 153 -6.02 -19.31 -14.75
C ARG B 153 -5.39 -17.96 -14.38
N SER B 154 -6.21 -17.09 -13.80
CA SER B 154 -5.81 -15.69 -13.61
C SER B 154 -4.70 -15.58 -12.54
N ALA B 155 -4.72 -16.41 -11.50
CA ALA B 155 -3.61 -16.51 -10.51
C ALA B 155 -2.31 -16.99 -11.19
N TYR B 156 -2.44 -18.01 -12.05
CA TYR B 156 -1.30 -18.57 -12.76
C TYR B 156 -0.68 -17.50 -13.67
N GLN B 157 -1.53 -16.78 -14.40
CA GLN B 157 -1.13 -15.82 -15.39
C GLN B 157 -0.39 -14.70 -14.66
N GLU B 158 -0.89 -14.30 -13.47
CA GLU B 158 -0.23 -13.29 -12.71
C GLU B 158 1.17 -13.75 -12.35
N ALA B 159 1.27 -14.96 -11.82
CA ALA B 159 2.54 -15.47 -11.40
C ALA B 159 3.48 -15.53 -12.61
N MET B 160 2.97 -15.98 -13.76
CA MET B 160 3.82 -16.08 -15.02
C MET B 160 4.38 -14.70 -15.38
N ASP B 161 3.52 -13.68 -15.34
CA ASP B 161 3.88 -12.32 -15.69
C ASP B 161 5.06 -11.85 -14.84
N ILE B 162 4.95 -12.04 -13.52
CA ILE B 162 6.03 -11.66 -12.62
C ILE B 162 7.26 -12.52 -12.90
N SER B 163 7.08 -13.82 -13.11
CA SER B 163 8.28 -14.67 -13.23
C SER B 163 9.04 -14.37 -14.55
N LYS B 164 8.33 -14.01 -15.62
CA LYS B 164 8.99 -13.76 -16.91
C LYS B 164 9.80 -12.46 -16.80
N LYS B 165 9.34 -11.54 -15.94
CA LYS B 165 9.92 -10.25 -15.89
C LYS B 165 11.05 -10.20 -14.87
N GLU B 166 11.02 -11.01 -13.80
CA GLU B 166 11.88 -10.76 -12.69
C GLU B 166 12.81 -11.92 -12.39
N MET B 167 12.66 -13.05 -13.08
CA MET B 167 13.38 -14.27 -12.74
C MET B 167 14.10 -14.86 -13.96
N PRO B 168 15.24 -15.56 -13.77
CA PRO B 168 15.88 -16.31 -14.84
C PRO B 168 15.07 -17.51 -15.33
N PRO B 169 15.17 -17.85 -16.62
CA PRO B 169 14.41 -18.97 -17.18
C PRO B 169 14.63 -20.32 -16.48
N THR B 170 15.72 -20.48 -15.72
CA THR B 170 16.04 -21.76 -15.09
C THR B 170 15.75 -21.77 -13.59
N ASN B 171 15.24 -20.67 -13.06
CA ASN B 171 14.78 -20.64 -11.65
C ASN B 171 13.72 -21.73 -11.40
N PRO B 172 13.95 -22.61 -10.39
CA PRO B 172 13.03 -23.70 -10.02
C PRO B 172 11.56 -23.31 -9.80
N ILE B 173 11.32 -22.13 -9.21
CA ILE B 173 9.97 -21.70 -8.95
C ILE B 173 9.34 -21.22 -10.26
N ARG B 174 10.10 -20.52 -11.09
CA ARG B 174 9.61 -20.16 -12.38
C ARG B 174 9.20 -21.39 -13.20
N LEU B 175 10.06 -22.42 -13.21
CA LEU B 175 9.82 -23.60 -14.02
C LEU B 175 8.66 -24.39 -13.42
N GLY B 176 8.66 -24.54 -12.09
CA GLY B 176 7.63 -25.27 -11.40
C GLY B 176 6.25 -24.67 -11.65
N LEU B 177 6.19 -23.35 -11.66
CA LEU B 177 4.99 -22.57 -11.99
C LEU B 177 4.52 -22.92 -13.39
N ALA B 178 5.46 -22.88 -14.37
CA ALA B 178 5.15 -23.11 -15.77
C ALA B 178 4.67 -24.56 -15.99
N LEU B 179 5.24 -25.51 -15.24
CA LEU B 179 4.86 -26.93 -15.32
C LEU B 179 3.41 -27.09 -14.89
N ASN B 180 3.13 -26.61 -13.68
CA ASN B 180 1.82 -26.73 -13.10
C ASN B 180 0.80 -25.98 -13.98
N PHE B 181 1.11 -24.81 -14.49
CA PHE B 181 0.16 -24.12 -15.37
C PHE B 181 -0.09 -24.86 -16.70
N SER B 182 0.94 -25.48 -17.28
CA SER B 182 0.76 -26.29 -18.51
C SER B 182 -0.13 -27.52 -18.20
N VAL B 183 0.03 -28.11 -17.02
CA VAL B 183 -0.82 -29.21 -16.65
C VAL B 183 -2.23 -28.66 -16.50
N PHE B 184 -2.33 -27.49 -15.86
CA PHE B 184 -3.60 -26.90 -15.70
C PHE B 184 -4.25 -26.84 -17.08
N HIS B 185 -3.52 -26.26 -18.05
CA HIS B 185 -4.06 -26.03 -19.41
C HIS B 185 -4.61 -27.34 -20.01
N TYR B 186 -3.89 -28.47 -19.84
CA TYR B 186 -4.19 -29.76 -20.52
C TYR B 186 -5.33 -30.55 -19.84
N GLU B 187 -5.24 -30.69 -18.51
CA GLU B 187 -6.03 -31.62 -17.75
C GLU B 187 -7.24 -30.96 -17.09
N ILE B 188 -7.28 -29.62 -17.04
CA ILE B 188 -8.37 -28.94 -16.35
C ILE B 188 -9.13 -28.03 -17.32
N ALA B 189 -8.40 -27.18 -18.04
CA ALA B 189 -8.97 -26.09 -18.82
C ALA B 189 -9.26 -26.55 -20.26
N ASN B 190 -9.04 -27.83 -20.54
CA ASN B 190 -9.31 -28.40 -21.84
C ASN B 190 -8.58 -27.65 -22.96
N SER B 191 -7.35 -27.18 -22.70
CA SER B 191 -6.63 -26.27 -23.66
C SER B 191 -5.26 -26.84 -24.03
N PRO B 192 -5.22 -27.94 -24.80
CA PRO B 192 -3.99 -28.70 -24.99
C PRO B 192 -2.91 -27.91 -25.76
N GLU B 193 -3.33 -27.02 -26.67
CA GLU B 193 -2.39 -26.32 -27.56
C GLU B 193 -1.58 -25.33 -26.73
N GLU B 194 -2.30 -24.59 -25.89
CA GLU B 194 -1.73 -23.74 -24.86
C GLU B 194 -0.84 -24.55 -23.90
N ALA B 195 -1.24 -25.77 -23.52
CA ALA B 195 -0.39 -26.54 -22.60
C ALA B 195 0.96 -26.82 -23.27
N ILE B 196 0.91 -27.36 -24.49
CA ILE B 196 2.04 -27.80 -25.29
C ILE B 196 2.99 -26.63 -25.53
N SER B 197 2.40 -25.51 -25.96
CA SER B 197 3.06 -24.28 -26.28
C SER B 197 3.81 -23.69 -25.06
N LEU B 198 3.16 -23.72 -23.89
CA LEU B 198 3.77 -23.18 -22.65
C LEU B 198 4.94 -24.07 -22.25
N ALA B 199 4.78 -25.39 -22.40
CA ALA B 199 5.77 -26.32 -21.89
C ALA B 199 6.97 -26.39 -22.86
N LYS B 200 6.73 -26.38 -24.17
CA LYS B 200 7.84 -26.29 -25.18
C LYS B 200 8.64 -24.98 -24.96
N THR B 201 7.98 -23.81 -24.95
CA THR B 201 8.65 -22.50 -24.70
C THR B 201 9.46 -22.50 -23.39
N THR B 202 8.89 -23.07 -22.32
CA THR B 202 9.50 -23.09 -20.98
C THR B 202 10.81 -23.87 -21.03
N PHE B 203 10.76 -25.04 -21.66
CA PHE B 203 11.92 -25.97 -21.78
C PHE B 203 13.05 -25.33 -22.60
N ASP B 204 12.65 -24.68 -23.70
CA ASP B 204 13.53 -24.08 -24.74
C ASP B 204 14.33 -22.90 -24.18
N GLU B 205 13.67 -21.98 -23.48
CA GLU B 205 14.32 -20.84 -22.89
C GLU B 205 15.18 -21.30 -21.70
N ALA B 206 14.79 -22.39 -21.03
CA ALA B 206 15.57 -22.89 -19.92
C ALA B 206 16.87 -23.52 -20.44
N MET B 207 16.75 -24.33 -21.48
CA MET B 207 17.88 -25.11 -22.06
C MET B 207 18.91 -24.12 -22.64
N ALA B 208 18.40 -23.18 -23.44
CA ALA B 208 19.09 -22.05 -24.07
C ALA B 208 19.78 -21.12 -23.07
N ASP B 209 19.57 -21.36 -21.78
CA ASP B 209 20.15 -20.50 -20.80
C ASP B 209 20.72 -21.33 -19.66
N LEU B 210 21.03 -22.61 -19.93
CA LEU B 210 21.33 -23.59 -18.88
C LEU B 210 22.65 -23.21 -18.19
N HIS B 211 23.55 -22.57 -18.93
CA HIS B 211 24.86 -22.03 -18.43
C HIS B 211 24.69 -21.25 -17.12
N THR B 212 23.61 -20.45 -17.05
CA THR B 212 23.26 -19.57 -15.92
C THR B 212 23.03 -20.35 -14.61
N LEU B 213 22.71 -21.66 -14.68
CA LEU B 213 22.34 -22.50 -13.51
C LEU B 213 23.53 -22.78 -12.58
N SER B 214 23.34 -22.40 -11.30
CA SER B 214 24.26 -22.68 -10.18
C SER B 214 23.93 -24.05 -9.55
N GLU B 215 24.89 -24.61 -8.79
CA GLU B 215 24.78 -25.96 -8.17
C GLU B 215 23.60 -26.03 -7.20
N ASP B 216 23.14 -24.87 -6.72
CA ASP B 216 22.00 -24.72 -5.77
C ASP B 216 20.67 -25.15 -6.42
N SER B 217 20.54 -24.91 -7.74
CA SER B 217 19.29 -25.10 -8.50
C SER B 217 19.40 -26.25 -9.53
N TYR B 218 20.61 -26.74 -9.81
CA TYR B 218 20.90 -27.69 -10.91
C TYR B 218 19.93 -28.87 -10.88
N LYS B 219 19.77 -29.50 -9.70
CA LYS B 219 19.00 -30.75 -9.55
C LYS B 219 17.51 -30.44 -9.75
N ASP B 220 17.02 -29.43 -9.02
CA ASP B 220 15.64 -28.96 -9.11
C ASP B 220 15.33 -28.55 -10.56
N SER B 221 16.19 -27.71 -11.14
CA SER B 221 15.97 -27.14 -12.48
C SER B 221 15.90 -28.25 -13.51
N THR B 222 16.83 -29.21 -13.45
CA THR B 222 16.88 -30.26 -14.49
C THR B 222 15.75 -31.29 -14.29
N LEU B 223 15.47 -31.69 -13.06
CA LEU B 223 14.27 -32.55 -12.80
C LEU B 223 13.01 -31.94 -13.45
N ILE B 224 12.79 -30.63 -13.25
CA ILE B 224 11.57 -30.00 -13.73
C ILE B 224 11.58 -29.96 -15.26
N MET B 225 12.74 -29.76 -15.86
CA MET B 225 12.72 -29.64 -17.31
C MET B 225 12.32 -31.00 -17.93
N GLN B 226 12.63 -32.10 -17.23
CA GLN B 226 12.31 -33.46 -17.72
C GLN B 226 10.83 -33.74 -17.55
N LEU B 227 10.25 -33.24 -16.45
CA LEU B 227 8.81 -33.30 -16.22
C LEU B 227 8.11 -32.59 -17.39
N LEU B 228 8.62 -31.42 -17.79
CA LEU B 228 8.04 -30.70 -18.96
C LEU B 228 8.13 -31.61 -20.19
N ARG B 229 9.30 -32.23 -20.41
CA ARG B 229 9.56 -33.10 -21.58
C ARG B 229 8.67 -34.36 -21.49
N ASP B 230 8.61 -35.03 -20.33
CA ASP B 230 7.70 -36.17 -20.08
C ASP B 230 6.28 -35.82 -20.51
N ASN B 231 5.70 -34.80 -19.85
CA ASN B 231 4.34 -34.34 -20.14
C ASN B 231 4.17 -34.12 -21.65
N LEU B 232 5.16 -33.52 -22.31
CA LEU B 232 5.12 -33.29 -23.78
C LEU B 232 5.11 -34.63 -24.55
N THR B 233 5.73 -35.66 -23.97
CA THR B 233 5.67 -37.02 -24.50
C THR B 233 4.20 -37.36 -24.80
N LEU B 234 3.40 -37.39 -23.73
CA LEU B 234 2.01 -37.87 -23.74
C LEU B 234 1.16 -37.02 -24.69
N TRP B 235 1.27 -35.70 -24.58
CA TRP B 235 0.32 -34.76 -25.22
C TRP B 235 0.60 -34.63 -26.73
N THR B 236 1.80 -35.00 -27.16
CA THR B 236 2.23 -34.91 -28.57
C THR B 236 3.06 -36.15 -28.93
N GLY C 1 3.00 20.97 -11.25
CA GLY C 1 3.66 22.24 -11.64
C GLY C 1 3.57 22.46 -13.14
N ALA C 2 4.67 22.96 -13.72
CA ALA C 2 4.60 23.51 -15.05
C ALA C 2 4.26 22.43 -16.11
N MET C 3 4.52 21.15 -15.85
CA MET C 3 4.26 20.07 -16.82
C MET C 3 2.92 19.38 -16.56
N GLY C 4 2.11 19.97 -15.67
CA GLY C 4 0.92 19.39 -15.15
C GLY C 4 -0.13 19.16 -16.22
N SER C 5 -0.09 19.95 -17.30
CA SER C 5 -1.16 19.93 -18.24
C SER C 5 -0.77 19.09 -19.45
N MET C 6 0.44 18.52 -19.45
CA MET C 6 0.89 17.70 -20.55
C MET C 6 0.68 16.22 -20.25
N GLU C 7 0.28 15.50 -21.30
CA GLU C 7 0.19 14.01 -21.36
C GLU C 7 1.54 13.36 -21.02
N ARG C 8 1.50 12.34 -20.16
CA ARG C 8 2.69 11.55 -19.77
C ARG C 8 3.47 11.11 -20.99
N ALA C 9 2.78 10.61 -22.01
CA ALA C 9 3.49 10.06 -23.19
C ALA C 9 4.12 11.18 -24.00
N SER C 10 3.50 12.35 -24.04
CA SER C 10 4.11 13.52 -24.68
C SER C 10 5.37 13.98 -23.92
N LEU C 11 5.36 13.93 -22.58
CA LEU C 11 6.54 14.31 -21.74
C LEU C 11 7.73 13.38 -22.08
N ILE C 12 7.46 12.07 -22.18
CA ILE C 12 8.54 11.05 -22.49
C ILE C 12 9.14 11.32 -23.88
N GLN C 13 8.27 11.55 -24.85
CA GLN C 13 8.62 11.89 -26.23
C GLN C 13 9.43 13.18 -26.27
N LYS C 14 9.00 14.20 -25.53
CA LYS C 14 9.75 15.45 -25.54
C LYS C 14 11.09 15.27 -24.82
N ALA C 15 11.17 14.39 -23.81
CA ALA C 15 12.44 14.11 -23.14
C ALA C 15 13.45 13.48 -24.11
N LYS C 16 12.96 12.55 -24.93
CA LYS C 16 13.78 11.91 -25.92
C LYS C 16 14.22 12.93 -26.96
N LEU C 17 13.34 13.87 -27.33
CA LEU C 17 13.71 14.95 -28.27
C LEU C 17 14.79 15.86 -27.64
N ALA C 18 14.62 16.24 -26.37
CA ALA C 18 15.61 17.08 -25.66
C ALA C 18 16.96 16.33 -25.64
N GLU C 19 16.92 15.01 -25.52
CA GLU C 19 18.18 14.24 -25.53
C GLU C 19 18.88 14.39 -26.89
N GLN C 20 18.11 14.24 -27.97
CA GLN C 20 18.69 14.36 -29.32
C GLN C 20 19.29 15.76 -29.51
N ALA C 21 18.60 16.80 -28.98
CA ALA C 21 19.02 18.16 -29.11
C ALA C 21 20.05 18.54 -28.03
N GLU C 22 20.49 17.59 -27.20
CA GLU C 22 21.51 17.84 -26.12
C GLU C 22 21.06 18.98 -25.16
N ARG C 23 19.76 19.10 -24.97
CA ARG C 23 19.16 20.07 -24.03
C ARG C 23 18.80 19.26 -22.77
N TYR C 24 19.76 19.05 -21.87
CA TYR C 24 19.60 18.13 -20.71
C TYR C 24 18.74 18.77 -19.61
N GLU C 25 18.74 20.09 -19.47
CA GLU C 25 17.86 20.78 -18.50
C GLU C 25 16.40 20.57 -18.87
N ASP C 26 16.08 20.80 -20.14
CA ASP C 26 14.79 20.52 -20.69
C ASP C 26 14.43 19.03 -20.46
N MET C 27 15.39 18.16 -20.71
CA MET C 27 15.11 16.75 -20.67
C MET C 27 14.75 16.32 -19.22
N ALA C 28 15.52 16.81 -18.26
CA ALA C 28 15.24 16.64 -16.85
C ALA C 28 13.85 17.17 -16.50
N ALA C 29 13.50 18.37 -16.95
CA ALA C 29 12.20 18.96 -16.61
C ALA C 29 11.07 18.07 -17.17
N PHE C 30 11.26 17.53 -18.38
CA PHE C 30 10.24 16.67 -18.94
C PHE C 30 10.12 15.38 -18.08
N MET C 31 11.24 14.79 -17.64
CA MET C 31 11.16 13.49 -16.94
C MET C 31 10.57 13.74 -15.53
N LYS C 32 10.83 14.90 -14.95
CA LYS C 32 10.25 15.21 -13.68
C LYS C 32 8.73 15.22 -13.81
N GLY C 33 8.23 15.84 -14.87
CA GLY C 33 6.81 15.87 -15.16
C GLY C 33 6.21 14.46 -15.29
N ALA C 34 6.93 13.57 -15.99
CA ALA C 34 6.44 12.23 -16.24
C ALA C 34 6.35 11.48 -14.90
N VAL C 35 7.37 11.65 -14.07
CA VAL C 35 7.40 11.04 -12.76
C VAL C 35 6.20 11.55 -11.94
N GLU C 36 5.90 12.85 -12.03
CA GLU C 36 4.81 13.43 -11.19
C GLU C 36 3.41 12.95 -11.63
N LYS C 37 3.30 12.22 -12.75
CA LYS C 37 2.03 11.57 -13.08
C LYS C 37 1.75 10.38 -12.14
N GLY C 38 2.73 9.92 -11.36
CA GLY C 38 2.50 8.93 -10.32
C GLY C 38 2.50 7.50 -10.83
N GLU C 39 2.84 7.26 -12.08
CA GLU C 39 2.93 5.88 -12.60
C GLU C 39 4.40 5.51 -12.57
N GLU C 40 4.66 4.21 -12.40
CA GLU C 40 6.04 3.74 -12.27
C GLU C 40 6.76 3.97 -13.61
N LEU C 41 8.09 4.01 -13.57
CA LEU C 41 8.90 4.18 -14.77
C LEU C 41 9.25 2.79 -15.31
N SER C 42 9.20 2.63 -16.61
CA SER C 42 9.88 1.51 -17.24
C SER C 42 11.40 1.62 -17.11
N GLU C 44 13.53 1.83 -19.58
CA GLU C 44 13.95 2.88 -20.49
C GLU C 44 13.71 4.28 -19.88
N GLU C 45 12.59 4.47 -19.16
CA GLU C 45 12.22 5.76 -18.62
C GLU C 45 13.15 6.11 -17.45
N ARG C 46 13.54 5.12 -16.63
CA ARG C 46 14.52 5.26 -15.58
C ARG C 46 15.81 5.77 -16.18
N ASN C 47 16.20 5.15 -17.29
CA ASN C 47 17.41 5.50 -17.91
C ASN C 47 17.29 6.93 -18.47
N LEU C 48 16.11 7.38 -18.98
CA LEU C 48 15.99 8.79 -19.41
C LEU C 48 16.16 9.72 -18.19
N LEU C 49 15.61 9.35 -17.03
CA LEU C 49 15.68 10.18 -15.84
C LEU C 49 17.13 10.34 -15.37
N SER C 50 17.84 9.23 -15.27
CA SER C 50 19.22 9.21 -14.84
C SER C 50 20.10 10.06 -15.77
N VAL C 51 20.03 9.82 -17.08
CA VAL C 51 20.80 10.57 -18.09
C VAL C 51 20.52 12.09 -17.98
N ALA C 52 19.25 12.47 -17.85
CA ALA C 52 18.95 13.89 -17.84
C ALA C 52 19.69 14.54 -16.65
N TYR C 53 19.46 14.03 -15.45
CA TYR C 53 19.95 14.68 -14.23
C TYR C 53 21.46 14.46 -14.05
N LYS C 54 22.03 13.33 -14.51
CA LYS C 54 23.49 13.16 -14.48
C LYS C 54 24.19 14.24 -15.30
N ASN C 55 23.67 14.56 -16.50
CA ASN C 55 24.26 15.57 -17.34
C ASN C 55 24.13 16.96 -16.70
N VAL C 56 23.00 17.26 -16.06
CA VAL C 56 22.83 18.57 -15.50
C VAL C 56 23.78 18.73 -14.31
N VAL C 57 23.73 17.78 -13.37
CA VAL C 57 24.53 17.87 -12.14
C VAL C 57 26.01 17.67 -12.53
N GLY C 58 26.29 16.84 -13.55
CA GLY C 58 27.69 16.61 -14.03
C GLY C 58 28.37 17.90 -14.50
N GLY C 59 27.64 18.74 -15.22
CA GLY C 59 28.19 20.02 -15.60
C GLY C 59 28.36 20.95 -14.41
N GLN C 60 27.44 20.93 -13.46
CA GLN C 60 27.56 21.77 -12.28
C GLN C 60 28.73 21.34 -11.41
N ARG C 61 28.92 20.03 -11.26
CA ARG C 61 30.00 19.53 -10.43
C ARG C 61 31.33 19.94 -11.06
N ALA C 62 31.43 19.78 -12.38
CA ALA C 62 32.69 20.11 -13.10
C ALA C 62 32.97 21.61 -12.99
N ALA C 63 31.94 22.45 -13.16
CA ALA C 63 32.11 23.89 -12.99
C ALA C 63 32.59 24.18 -11.57
N TRP C 64 31.91 23.61 -10.57
CA TRP C 64 32.27 23.83 -9.16
C TRP C 64 33.75 23.49 -8.87
N ARG C 65 34.25 22.41 -9.48
CA ARG C 65 35.65 21.98 -9.26
C ARG C 65 36.63 23.01 -9.85
N VAL C 66 36.28 23.54 -11.03
CA VAL C 66 37.10 24.55 -11.69
C VAL C 66 37.23 25.76 -10.77
N LEU C 67 36.09 26.27 -10.29
CA LEU C 67 36.09 27.49 -9.50
C LEU C 67 36.73 27.22 -8.13
N SER C 68 36.44 26.06 -7.55
CA SER C 68 36.98 25.66 -6.22
C SER C 68 38.52 25.76 -6.19
N SER C 69 39.17 25.28 -7.26
CA SER C 69 40.59 25.18 -7.36
C SER C 69 41.18 26.52 -7.83
N ILE C 70 40.46 27.32 -8.63
CA ILE C 70 40.80 28.75 -8.78
C ILE C 70 40.71 29.50 -7.42
N GLU C 71 39.78 29.12 -6.53
CA GLU C 71 39.61 29.78 -5.22
C GLU C 71 40.74 29.39 -4.27
N GLN C 72 41.32 28.21 -4.47
CA GLN C 72 42.48 27.72 -3.69
C GLN C 72 43.80 28.23 -4.30
N LYS C 73 43.98 28.10 -5.62
CA LYS C 73 45.21 28.52 -6.36
C LYS C 73 45.60 29.97 -6.01
N SER C 74 44.78 30.63 -5.19
CA SER C 74 45.04 31.93 -4.65
C SER C 74 44.48 32.02 -3.22
N ASN C 75 45.14 31.34 -2.28
CA ASN C 75 44.70 31.19 -0.88
C ASN C 75 45.86 30.68 -0.03
N LYS C 82 42.73 39.64 -0.77
CA LYS C 82 42.12 38.52 -1.49
C LYS C 82 41.30 39.05 -2.67
N GLY C 83 40.00 39.32 -2.46
CA GLY C 83 38.98 39.56 -3.54
C GLY C 83 37.85 38.52 -3.52
N PRO C 84 36.58 38.89 -3.26
CA PRO C 84 35.56 37.89 -3.01
C PRO C 84 34.89 37.29 -4.27
N GLU C 85 35.29 37.72 -5.49
CA GLU C 85 34.56 37.33 -6.71
C GLU C 85 34.56 35.80 -6.88
N VAL C 86 35.71 35.14 -6.74
CA VAL C 86 35.77 33.70 -6.94
C VAL C 86 34.90 32.96 -5.90
N ARG C 87 35.01 33.27 -4.60
CA ARG C 87 34.12 32.68 -3.61
C ARG C 87 32.66 32.86 -4.06
N GLU C 88 32.26 34.08 -4.39
CA GLU C 88 30.87 34.39 -4.62
C GLU C 88 30.33 33.57 -5.79
N TYR C 89 31.10 33.49 -6.89
CA TYR C 89 30.64 32.74 -8.05
C TYR C 89 30.68 31.24 -7.69
N ARG C 90 31.69 30.80 -6.95
CA ARG C 90 31.74 29.41 -6.53
C ARG C 90 30.50 29.05 -5.69
N GLU C 91 30.12 29.88 -4.72
CA GLU C 91 28.87 29.67 -3.92
C GLU C 91 27.61 29.65 -4.82
N LYS C 92 27.61 30.44 -5.90
CA LYS C 92 26.47 30.53 -6.70
C LYS C 92 26.28 29.20 -7.46
N VAL C 93 27.37 28.64 -7.96
CA VAL C 93 27.24 27.42 -8.71
C VAL C 93 26.88 26.29 -7.73
N GLU C 94 27.40 26.39 -6.49
CA GLU C 94 27.17 25.47 -5.42
C GLU C 94 25.68 25.42 -5.07
N THR C 95 25.06 26.59 -4.88
CA THR C 95 23.65 26.70 -4.60
C THR C 95 22.79 26.09 -5.72
N GLU C 96 23.14 26.32 -6.98
CA GLU C 96 22.40 25.68 -8.08
C GLU C 96 22.53 24.14 -8.03
N LEU C 97 23.71 23.64 -7.66
CA LEU C 97 24.01 22.23 -7.67
C LEU C 97 23.17 21.58 -6.57
N GLN C 98 23.14 22.24 -5.41
CA GLN C 98 22.32 21.75 -4.30
C GLN C 98 20.83 21.73 -4.67
N GLY C 99 20.39 22.71 -5.45
CA GLY C 99 19.00 22.81 -5.95
C GLY C 99 18.59 21.61 -6.80
N VAL C 100 19.51 21.15 -7.64
CA VAL C 100 19.24 20.03 -8.49
C VAL C 100 19.26 18.74 -7.66
N CYS C 101 20.24 18.60 -6.77
CA CYS C 101 20.27 17.42 -5.93
C CYS C 101 18.98 17.31 -5.14
N ASP C 102 18.57 18.41 -4.52
CA ASP C 102 17.35 18.42 -3.73
C ASP C 102 16.12 18.07 -4.58
N THR C 103 16.05 18.56 -5.83
CA THR C 103 14.97 18.19 -6.78
C THR C 103 14.92 16.65 -6.96
N VAL C 104 16.09 16.04 -7.19
CA VAL C 104 16.19 14.61 -7.47
C VAL C 104 15.85 13.80 -6.20
N LEU C 105 16.34 14.26 -5.05
CA LEU C 105 16.07 13.57 -3.75
C LEU C 105 14.59 13.67 -3.38
N GLY C 106 13.97 14.81 -3.71
CA GLY C 106 12.53 15.01 -3.55
C GLY C 106 11.72 14.08 -4.43
N LEU C 107 12.10 13.94 -5.69
CA LEU C 107 11.47 13.00 -6.61
C LEU C 107 11.59 11.56 -6.13
N LEU C 108 12.76 11.17 -5.61
CA LEU C 108 12.93 9.81 -5.20
C LEU C 108 12.07 9.55 -3.98
N ASP C 109 12.03 10.51 -3.08
CA ASP C 109 11.29 10.33 -1.85
C ASP C 109 9.78 10.41 -2.13
N SER C 110 9.34 11.38 -2.90
CA SER C 110 7.89 11.63 -2.98
C SER C 110 7.20 10.61 -3.92
N HIS C 111 7.93 10.05 -4.91
CA HIS C 111 7.30 9.32 -6.02
C HIS C 111 7.97 7.99 -6.33
N LEU C 112 9.30 7.87 -6.27
CA LEU C 112 10.03 6.74 -6.96
C LEU C 112 10.45 5.59 -6.02
N ILE C 113 10.81 5.89 -4.76
CA ILE C 113 11.24 4.87 -3.78
C ILE C 113 9.96 4.26 -3.16
N LYS C 114 9.71 2.98 -3.44
CA LYS C 114 8.54 2.21 -2.90
C LYS C 114 8.99 0.85 -2.38
N GLU C 115 8.15 0.24 -1.54
CA GLU C 115 8.27 -1.14 -1.06
C GLU C 115 8.03 -2.14 -2.19
N ALA C 116 7.28 -1.76 -3.22
CA ALA C 116 6.88 -2.63 -4.31
C ALA C 116 7.89 -2.53 -5.47
N GLY C 117 7.65 -3.34 -6.49
CA GLY C 117 8.42 -3.28 -7.71
C GLY C 117 9.57 -4.27 -7.70
N ASP C 118 10.17 -4.45 -8.88
CA ASP C 118 11.26 -5.36 -9.06
C ASP C 118 12.54 -4.82 -8.39
N ALA C 119 13.46 -5.74 -8.23
CA ALA C 119 14.63 -5.51 -7.46
C ALA C 119 15.50 -4.49 -8.18
N GLU C 120 15.53 -4.57 -9.51
CA GLU C 120 16.26 -3.60 -10.36
C GLU C 120 15.81 -2.18 -9.98
N SER C 121 14.49 -1.95 -10.04
CA SER C 121 13.93 -0.67 -9.86
C SER C 121 14.23 -0.24 -8.42
N ARG C 122 14.10 -1.13 -7.45
CA ARG C 122 14.30 -0.70 -6.05
C ARG C 122 15.74 -0.24 -5.83
N VAL C 123 16.70 -0.95 -6.44
CA VAL C 123 18.06 -0.77 -6.15
C VAL C 123 18.52 0.47 -6.88
N PHE C 124 17.99 0.64 -8.08
CA PHE C 124 18.32 1.74 -8.92
C PHE C 124 17.94 3.06 -8.23
N TYR C 125 16.77 3.14 -7.62
CA TYR C 125 16.33 4.38 -6.99
C TYR C 125 17.17 4.64 -5.72
N LEU C 126 17.44 3.59 -4.93
CA LEU C 126 18.22 3.78 -3.73
C LEU C 126 19.67 4.12 -4.06
N LYS C 127 20.27 3.53 -5.11
CA LYS C 127 21.59 3.94 -5.54
C LYS C 127 21.60 5.42 -5.92
N MET C 128 20.58 5.87 -6.66
CA MET C 128 20.47 7.28 -7.08
C MET C 128 20.41 8.16 -5.84
N LYS C 129 19.69 7.69 -4.83
CA LYS C 129 19.61 8.44 -3.60
C LYS C 129 20.99 8.58 -2.97
N GLY C 130 21.77 7.49 -2.97
CA GLY C 130 23.12 7.59 -2.39
C GLY C 130 24.01 8.51 -3.21
N ASP C 131 23.95 8.31 -4.52
CA ASP C 131 24.72 9.15 -5.42
C ASP C 131 24.41 10.64 -5.19
N TYR C 132 23.12 11.02 -5.08
CA TYR C 132 22.79 12.46 -4.99
C TYR C 132 23.08 12.98 -3.57
N TYR C 133 23.02 12.15 -2.54
CA TYR C 133 23.50 12.69 -1.25
C TYR C 133 25.03 12.89 -1.33
N ARG C 134 25.72 12.03 -2.07
CA ARG C 134 27.17 12.04 -2.17
C ARG C 134 27.62 13.35 -2.84
N TYR C 135 26.95 13.74 -3.94
CA TYR C 135 27.18 15.03 -4.60
C TYR C 135 26.98 16.19 -3.61
N LEU C 136 25.92 16.16 -2.77
CA LEU C 136 25.75 17.21 -1.73
C LEU C 136 26.95 17.18 -0.77
N ALA C 137 27.39 15.97 -0.44
CA ALA C 137 28.55 15.75 0.47
C ALA C 137 29.81 16.38 -0.11
N GLU C 138 30.00 16.35 -1.43
CA GLU C 138 31.20 16.85 -2.06
C GLU C 138 31.40 18.35 -1.81
N VAL C 139 30.33 19.09 -1.47
CA VAL C 139 30.40 20.50 -1.37
C VAL C 139 29.96 20.95 0.03
N ALA C 140 29.61 20.03 0.94
CA ALA C 140 29.06 20.46 2.23
C ALA C 140 30.20 20.68 3.23
N THR C 141 29.91 21.36 4.33
CA THR C 141 30.81 21.42 5.53
C THR C 141 29.98 21.20 6.82
N GLY C 142 30.70 21.00 7.93
CA GLY C 142 30.12 21.07 9.27
C GLY C 142 29.08 19.99 9.57
N ASP C 143 28.13 20.36 10.42
CA ASP C 143 27.08 19.49 10.84
C ASP C 143 26.34 18.97 9.61
N ASP C 144 26.09 19.87 8.65
CA ASP C 144 25.43 19.55 7.36
C ASP C 144 26.13 18.32 6.75
N LYS C 145 27.43 18.44 6.49
CA LYS C 145 28.17 17.35 5.89
C LYS C 145 27.86 16.02 6.60
N LYS C 146 27.90 15.99 7.96
CA LYS C 146 27.80 14.72 8.76
C LYS C 146 26.44 14.06 8.53
N ARG C 147 25.35 14.84 8.58
CA ARG C 147 23.99 14.35 8.27
C ARG C 147 23.96 13.89 6.81
N ILE C 148 24.61 14.63 5.90
CA ILE C 148 24.60 14.23 4.50
C ILE C 148 25.34 12.90 4.29
N ILE C 149 26.51 12.73 4.91
CA ILE C 149 27.30 11.51 4.72
C ILE C 149 26.48 10.32 5.24
N ASP C 150 25.84 10.48 6.41
CA ASP C 150 25.06 9.42 7.05
C ASP C 150 23.87 9.00 6.18
N SER C 151 23.21 9.97 5.54
CA SER C 151 22.08 9.74 4.65
C SER C 151 22.54 9.02 3.37
N ALA C 152 23.71 9.37 2.85
CA ALA C 152 24.28 8.67 1.69
C ALA C 152 24.59 7.21 2.07
N ARG C 153 25.26 7.00 3.20
CA ARG C 153 25.64 5.64 3.67
C ARG C 153 24.39 4.75 3.78
N SER C 154 23.38 5.26 4.47
CA SER C 154 22.15 4.53 4.73
C SER C 154 21.39 4.19 3.44
N ALA C 155 21.32 5.12 2.48
CA ALA C 155 20.73 4.81 1.18
C ALA C 155 21.55 3.72 0.44
N TYR C 156 22.88 3.89 0.40
CA TYR C 156 23.73 2.90 -0.26
C TYR C 156 23.59 1.52 0.43
N GLN C 157 23.56 1.51 1.77
CA GLN C 157 23.63 0.25 2.52
C GLN C 157 22.36 -0.57 2.27
N GLU C 158 21.21 0.11 2.27
CA GLU C 158 19.95 -0.51 1.99
C GLU C 158 19.94 -1.07 0.54
N ALA C 159 20.45 -0.31 -0.43
CA ALA C 159 20.53 -0.77 -1.80
C ALA C 159 21.42 -2.02 -1.91
N MET C 160 22.55 -1.99 -1.20
CA MET C 160 23.49 -3.12 -1.11
C MET C 160 22.77 -4.36 -0.56
N ASP C 161 21.97 -4.20 0.51
CA ASP C 161 21.30 -5.36 1.16
C ASP C 161 20.31 -5.99 0.16
N ILE C 162 19.49 -5.17 -0.51
CA ILE C 162 18.59 -5.70 -1.56
C ILE C 162 19.41 -6.39 -2.69
N SER C 163 20.46 -5.75 -3.21
CA SER C 163 21.18 -6.29 -4.39
C SER C 163 21.81 -7.67 -4.07
N LYS C 164 22.31 -7.86 -2.84
CA LYS C 164 22.91 -9.13 -2.42
C LYS C 164 21.84 -10.22 -2.25
N LYS C 165 20.66 -9.88 -1.70
CA LYS C 165 19.59 -10.86 -1.53
C LYS C 165 18.90 -11.21 -2.87
N GLU C 166 18.81 -10.28 -3.85
CA GLU C 166 17.78 -10.43 -4.94
C GLU C 166 18.39 -10.40 -6.35
N MET C 167 19.71 -10.25 -6.45
CA MET C 167 20.38 -10.11 -7.77
C MET C 167 21.68 -10.92 -7.84
N PRO C 168 22.04 -11.40 -9.05
CA PRO C 168 23.34 -12.03 -9.27
C PRO C 168 24.52 -11.05 -9.21
N PRO C 169 25.74 -11.52 -8.83
CA PRO C 169 26.84 -10.60 -8.56
C PRO C 169 27.39 -9.89 -9.79
N THR C 170 26.98 -10.29 -11.01
CA THR C 170 27.38 -9.61 -12.28
C THR C 170 26.26 -8.72 -12.83
N ASN C 171 25.12 -8.68 -12.13
CA ASN C 171 24.07 -7.68 -12.49
C ASN C 171 24.68 -6.27 -12.54
N PRO C 172 24.55 -5.51 -13.67
CA PRO C 172 25.22 -4.21 -13.80
C PRO C 172 24.82 -3.18 -12.74
N ILE C 173 23.54 -3.18 -12.35
CA ILE C 173 23.04 -2.23 -11.36
C ILE C 173 23.71 -2.53 -10.03
N ARG C 174 23.93 -3.82 -9.75
CA ARG C 174 24.56 -4.28 -8.52
C ARG C 174 25.99 -3.80 -8.41
N LEU C 175 26.74 -3.99 -9.50
CA LEU C 175 28.13 -3.60 -9.69
C LEU C 175 28.27 -2.08 -9.61
N GLY C 176 27.54 -1.38 -10.49
CA GLY C 176 27.52 0.06 -10.48
C GLY C 176 27.24 0.59 -9.07
N LEU C 177 26.30 -0.05 -8.36
CA LEU C 177 26.03 0.38 -7.01
C LEU C 177 27.34 0.23 -6.21
N ALA C 178 27.97 -0.96 -6.31
CA ALA C 178 29.08 -1.30 -5.39
C ALA C 178 30.27 -0.42 -5.74
N LEU C 179 30.40 -0.07 -7.01
CA LEU C 179 31.40 0.86 -7.51
C LEU C 179 31.22 2.24 -6.86
N ASN C 180 30.01 2.80 -6.95
CA ASN C 180 29.74 4.13 -6.41
C ASN C 180 29.92 4.12 -4.89
N PHE C 181 29.50 3.04 -4.22
CA PHE C 181 29.58 2.98 -2.76
C PHE C 181 31.05 2.92 -2.35
N SER C 182 31.86 2.25 -3.17
CA SER C 182 33.27 2.10 -2.82
C SER C 182 33.93 3.47 -2.95
N VAL C 183 33.54 4.20 -3.98
CA VAL C 183 34.01 5.57 -4.16
C VAL C 183 33.58 6.47 -2.99
N PHE C 184 32.36 6.29 -2.52
CA PHE C 184 31.87 7.07 -1.36
C PHE C 184 32.79 6.86 -0.13
N HIS C 185 33.02 5.60 0.23
CA HIS C 185 34.00 5.19 1.27
C HIS C 185 35.36 5.89 1.10
N TYR C 186 35.90 5.87 -0.12
CA TYR C 186 37.23 6.32 -0.35
C TYR C 186 37.27 7.85 -0.30
N GLU C 187 36.36 8.50 -1.04
CA GLU C 187 36.54 9.88 -1.36
C GLU C 187 35.69 10.79 -0.46
N ILE C 188 34.69 10.23 0.22
CA ILE C 188 33.81 11.05 1.01
C ILE C 188 33.89 10.67 2.49
N ALA C 189 33.84 9.37 2.81
CA ALA C 189 33.81 8.90 4.20
C ALA C 189 35.22 8.72 4.78
N ASN C 190 36.23 8.87 3.93
CA ASN C 190 37.63 8.71 4.32
C ASN C 190 37.83 7.33 4.96
N SER C 191 37.35 6.28 4.28
CA SER C 191 37.51 4.91 4.75
C SER C 191 38.08 4.11 3.59
N PRO C 192 39.37 4.30 3.25
CA PRO C 192 39.96 3.72 2.04
C PRO C 192 40.12 2.19 2.07
N GLU C 193 40.14 1.60 3.27
CA GLU C 193 40.30 0.15 3.40
C GLU C 193 38.95 -0.49 3.06
N GLU C 194 37.87 0.12 3.59
CA GLU C 194 36.51 -0.24 3.27
C GLU C 194 36.26 -0.12 1.76
N ALA C 195 36.76 0.95 1.17
CA ALA C 195 36.57 1.16 -0.26
C ALA C 195 37.24 0.02 -1.04
N ILE C 196 38.47 -0.31 -0.61
CA ILE C 196 39.37 -1.21 -1.32
C ILE C 196 38.82 -2.62 -1.23
N SER C 197 38.41 -3.01 -0.03
CA SER C 197 37.86 -4.36 0.20
C SER C 197 36.53 -4.53 -0.57
N LEU C 198 35.64 -3.51 -0.55
CA LEU C 198 34.35 -3.62 -1.26
C LEU C 198 34.64 -3.72 -2.77
N ALA C 199 35.47 -2.84 -3.31
CA ALA C 199 35.78 -2.89 -4.72
C ALA C 199 36.34 -4.27 -5.12
N LYS C 200 37.22 -4.88 -4.28
CA LYS C 200 37.95 -6.15 -4.62
C LYS C 200 36.99 -7.34 -4.51
N THR C 201 36.35 -7.48 -3.33
CA THR C 201 35.31 -8.45 -3.06
C THR C 201 34.32 -8.48 -4.22
N THR C 202 33.89 -7.27 -4.64
CA THR C 202 32.91 -7.05 -5.69
C THR C 202 33.49 -7.54 -7.01
N PHE C 203 34.68 -7.06 -7.36
CA PHE C 203 35.30 -7.46 -8.63
C PHE C 203 35.46 -8.99 -8.71
N ASP C 204 35.88 -9.60 -7.58
CA ASP C 204 36.17 -11.03 -7.48
C ASP C 204 34.90 -11.86 -7.64
N GLU C 205 33.87 -11.58 -6.81
CA GLU C 205 32.57 -12.30 -6.84
C GLU C 205 31.97 -12.29 -8.24
N ALA C 206 32.21 -11.18 -8.97
CA ALA C 206 31.76 -11.00 -10.34
C ALA C 206 32.60 -11.86 -11.29
N MET C 207 33.91 -11.88 -11.06
CA MET C 207 34.83 -12.74 -11.80
C MET C 207 34.37 -14.20 -11.65
N ALA C 208 34.11 -14.64 -10.41
CA ALA C 208 33.76 -16.04 -10.08
C ALA C 208 32.48 -16.52 -10.81
N ASP C 209 31.79 -15.65 -11.56
CA ASP C 209 30.51 -15.96 -12.24
C ASP C 209 30.41 -15.31 -13.63
N LEU C 210 31.50 -14.76 -14.19
CA LEU C 210 31.45 -14.07 -15.52
C LEU C 210 30.85 -15.02 -16.58
N HIS C 211 30.84 -16.33 -16.28
CA HIS C 211 30.11 -17.40 -16.98
C HIS C 211 28.61 -17.04 -17.14
N THR C 212 27.90 -16.93 -16.01
CA THR C 212 26.48 -16.56 -15.94
C THR C 212 26.29 -15.05 -16.19
N LEU C 213 26.52 -14.58 -17.44
CA LEU C 213 26.44 -13.13 -17.81
C LEU C 213 25.69 -12.95 -19.14
N SER C 214 24.69 -12.07 -19.15
CA SER C 214 23.76 -11.85 -20.29
C SER C 214 24.46 -11.12 -21.44
N GLU C 215 24.01 -11.38 -22.67
CA GLU C 215 24.53 -10.74 -23.89
C GLU C 215 24.53 -9.21 -23.69
N ASP C 216 23.35 -8.65 -23.35
CA ASP C 216 23.13 -7.19 -23.19
C ASP C 216 23.87 -6.66 -21.94
N SER C 217 23.86 -7.44 -20.86
CA SER C 217 24.50 -7.08 -19.59
C SER C 217 26.03 -7.12 -19.70
N TYR C 218 26.56 -7.99 -20.58
CA TYR C 218 28.00 -8.27 -20.66
C TYR C 218 28.80 -6.99 -20.95
N LYS C 219 28.34 -6.21 -21.93
CA LYS C 219 29.05 -5.00 -22.32
C LYS C 219 29.18 -4.10 -21.07
N ASP C 220 28.08 -3.97 -20.31
CA ASP C 220 27.99 -3.05 -19.18
C ASP C 220 28.74 -3.64 -17.97
N SER C 221 28.47 -4.90 -17.62
CA SER C 221 29.04 -5.50 -16.41
C SER C 221 30.59 -5.55 -16.46
N THR C 222 31.14 -5.73 -17.67
CA THR C 222 32.59 -5.90 -17.87
C THR C 222 33.28 -4.54 -17.80
N LEU C 223 32.63 -3.58 -18.45
CA LEU C 223 32.99 -2.17 -18.39
C LEU C 223 33.10 -1.69 -16.94
N ILE C 224 32.21 -2.14 -16.05
CA ILE C 224 32.12 -1.63 -14.66
C ILE C 224 33.12 -2.37 -13.79
N MET C 225 33.31 -3.65 -14.09
CA MET C 225 34.38 -4.45 -13.50
C MET C 225 35.74 -3.80 -13.83
N GLN C 226 35.85 -3.24 -15.04
CA GLN C 226 37.02 -2.51 -15.52
C GLN C 226 37.26 -1.25 -14.68
N LEU C 227 36.18 -0.52 -14.34
CA LEU C 227 36.29 0.73 -13.56
C LEU C 227 36.67 0.38 -12.12
N LEU C 228 36.21 -0.76 -11.62
CA LEU C 228 36.62 -1.20 -10.27
C LEU C 228 38.15 -1.42 -10.21
N ARG C 229 38.69 -1.99 -11.31
CA ARG C 229 40.13 -2.34 -11.45
C ARG C 229 40.92 -1.02 -11.52
N ASP C 230 40.41 -0.07 -12.30
CA ASP C 230 41.03 1.22 -12.47
C ASP C 230 41.04 2.01 -11.15
N ASN C 231 39.97 1.91 -10.35
CA ASN C 231 39.90 2.60 -9.04
C ASN C 231 40.87 1.95 -8.04
N LEU C 232 40.88 0.61 -7.98
CA LEU C 232 41.84 -0.15 -7.15
C LEU C 232 43.29 0.21 -7.50
N THR C 233 43.58 0.45 -8.78
CA THR C 233 44.93 0.86 -9.20
C THR C 233 45.23 2.26 -8.63
N LEU C 234 44.32 3.22 -8.88
CA LEU C 234 44.39 4.57 -8.32
C LEU C 234 44.61 4.56 -6.79
N TRP C 235 44.10 3.56 -6.07
CA TRP C 235 44.03 3.56 -4.58
C TRP C 235 45.11 2.67 -3.92
N THR C 236 45.93 1.94 -4.69
CA THR C 236 46.99 1.05 -4.10
C THR C 236 48.34 1.31 -4.75
N GLY D 1 -25.90 -24.04 -20.41
CA GLY D 1 -26.41 -25.22 -19.64
C GLY D 1 -27.73 -25.71 -20.20
N ALA D 2 -28.64 -26.15 -19.31
CA ALA D 2 -29.84 -26.85 -19.73
C ALA D 2 -30.82 -25.92 -20.45
N MET D 3 -30.64 -24.60 -20.32
CA MET D 3 -31.46 -23.58 -21.01
C MET D 3 -30.78 -23.04 -22.29
N GLY D 4 -29.61 -23.58 -22.64
CA GLY D 4 -28.78 -23.08 -23.74
C GLY D 4 -29.39 -23.23 -25.12
N SER D 5 -30.35 -24.14 -25.28
CA SER D 5 -30.97 -24.38 -26.56
C SER D 5 -32.29 -23.62 -26.66
N MET D 6 -32.69 -22.93 -25.60
CA MET D 6 -33.95 -22.18 -25.67
C MET D 6 -33.72 -20.69 -25.99
N GLU D 7 -34.63 -20.12 -26.81
CA GLU D 7 -34.67 -18.69 -27.13
C GLU D 7 -34.89 -17.80 -25.88
N ARG D 8 -34.07 -16.74 -25.74
CA ARG D 8 -34.23 -15.73 -24.68
C ARG D 8 -35.69 -15.34 -24.47
N ALA D 9 -36.44 -15.04 -25.52
CA ALA D 9 -37.80 -14.53 -25.34
C ALA D 9 -38.72 -15.63 -24.79
N SER D 10 -38.45 -16.86 -25.21
CA SER D 10 -39.18 -18.03 -24.68
C SER D 10 -38.84 -18.24 -23.21
N LEU D 11 -37.58 -18.01 -22.81
CA LEU D 11 -37.21 -18.18 -21.38
C LEU D 11 -37.97 -17.18 -20.51
N ILE D 12 -38.16 -15.94 -20.99
CA ILE D 12 -38.90 -14.91 -20.21
C ILE D 12 -40.39 -15.28 -20.12
N GLN D 13 -40.96 -15.79 -21.22
CA GLN D 13 -42.33 -16.27 -21.28
C GLN D 13 -42.55 -17.37 -20.22
N LYS D 14 -41.71 -18.41 -20.27
CA LYS D 14 -41.86 -19.54 -19.38
C LYS D 14 -41.61 -19.09 -17.93
N ALA D 15 -40.72 -18.12 -17.71
CA ALA D 15 -40.57 -17.53 -16.37
C ALA D 15 -41.90 -16.95 -15.86
N LYS D 16 -42.61 -16.24 -16.73
CA LYS D 16 -43.86 -15.61 -16.33
C LYS D 16 -44.92 -16.68 -16.12
N LEU D 17 -44.88 -17.76 -16.92
CA LEU D 17 -45.77 -18.91 -16.69
C LEU D 17 -45.49 -19.59 -15.34
N ALA D 18 -44.22 -19.86 -15.02
CA ALA D 18 -43.85 -20.47 -13.74
C ALA D 18 -44.27 -19.58 -12.54
N GLU D 19 -44.19 -18.26 -12.68
CA GLU D 19 -44.64 -17.35 -11.60
C GLU D 19 -46.17 -17.51 -11.42
N GLN D 20 -46.92 -17.54 -12.53
CA GLN D 20 -48.38 -17.77 -12.43
C GLN D 20 -48.67 -19.09 -11.71
N ALA D 21 -47.87 -20.15 -11.96
CA ALA D 21 -48.12 -21.44 -11.37
C ALA D 21 -47.39 -21.59 -10.01
N GLU D 22 -46.80 -20.51 -9.49
CA GLU D 22 -46.10 -20.56 -8.23
C GLU D 22 -45.04 -21.68 -8.20
N ARG D 23 -44.37 -21.93 -9.33
CA ARG D 23 -43.23 -22.81 -9.44
C ARG D 23 -41.95 -21.98 -9.50
N TYR D 24 -41.51 -21.50 -8.34
CA TYR D 24 -40.47 -20.49 -8.28
C TYR D 24 -39.09 -21.11 -8.56
N GLU D 25 -38.87 -22.40 -8.24
CA GLU D 25 -37.57 -23.03 -8.64
C GLU D 25 -37.43 -22.97 -10.15
N ASP D 26 -38.54 -23.22 -10.86
CA ASP D 26 -38.58 -23.26 -12.29
C ASP D 26 -38.40 -21.83 -12.83
N MET D 27 -39.02 -20.86 -12.16
CA MET D 27 -39.02 -19.48 -12.59
C MET D 27 -37.57 -18.95 -12.55
N ALA D 28 -36.85 -19.31 -11.48
CA ALA D 28 -35.48 -18.94 -11.26
C ALA D 28 -34.62 -19.62 -12.31
N ALA D 29 -34.90 -20.89 -12.60
CA ALA D 29 -34.08 -21.61 -13.57
C ALA D 29 -34.19 -20.88 -14.92
N PHE D 30 -35.41 -20.48 -15.29
CA PHE D 30 -35.67 -19.87 -16.57
C PHE D 30 -34.93 -18.52 -16.67
N MET D 31 -34.96 -17.74 -15.58
CA MET D 31 -34.42 -16.39 -15.61
C MET D 31 -32.88 -16.46 -15.65
N LYS D 32 -32.30 -17.50 -15.06
CA LYS D 32 -30.88 -17.76 -15.11
C LYS D 32 -30.46 -18.02 -16.57
N GLY D 33 -31.17 -18.92 -17.24
CA GLY D 33 -31.08 -19.14 -18.65
C GLY D 33 -31.09 -17.81 -19.40
N ALA D 34 -32.03 -16.92 -19.03
CA ALA D 34 -32.19 -15.66 -19.76
C ALA D 34 -30.96 -14.76 -19.51
N VAL D 35 -30.55 -14.67 -18.25
CA VAL D 35 -29.34 -13.88 -17.94
C VAL D 35 -28.13 -14.44 -18.70
N GLU D 36 -28.04 -15.75 -18.87
CA GLU D 36 -26.83 -16.36 -19.47
C GLU D 36 -26.71 -16.12 -20.99
N LYS D 37 -27.74 -15.54 -21.62
CA LYS D 37 -27.68 -15.13 -23.00
C LYS D 37 -26.70 -13.94 -23.17
N GLY D 38 -26.55 -13.11 -22.14
CA GLY D 38 -25.49 -12.07 -22.10
C GLY D 38 -26.01 -10.68 -22.41
N GLU D 39 -27.32 -10.51 -22.65
CA GLU D 39 -27.93 -9.22 -22.84
C GLU D 39 -28.41 -8.71 -21.50
N GLU D 40 -28.45 -7.37 -21.34
CA GLU D 40 -28.93 -6.69 -20.11
C GLU D 40 -30.39 -7.08 -19.79
N LEU D 41 -30.73 -7.07 -18.50
CA LEU D 41 -32.11 -7.26 -18.09
C LEU D 41 -32.85 -5.91 -18.16
N SER D 42 -34.02 -5.91 -18.79
CA SER D 42 -35.01 -4.84 -18.65
C SER D 42 -35.41 -4.68 -17.17
N GLU D 44 -38.32 -4.95 -15.87
CA GLU D 44 -39.31 -5.98 -15.59
C GLU D 44 -38.62 -7.33 -15.37
N GLU D 45 -37.54 -7.58 -16.13
CA GLU D 45 -36.75 -8.81 -16.10
C GLU D 45 -35.93 -8.85 -14.80
N ARG D 46 -35.43 -7.70 -14.36
CA ARG D 46 -34.72 -7.63 -13.10
C ARG D 46 -35.66 -8.12 -12.01
N ASN D 47 -36.88 -7.60 -12.04
CA ASN D 47 -37.90 -7.90 -11.07
C ASN D 47 -38.29 -9.37 -11.14
N LEU D 48 -38.36 -9.98 -12.33
CA LEU D 48 -38.63 -11.42 -12.46
C LEU D 48 -37.52 -12.24 -11.78
N LEU D 49 -36.25 -11.89 -12.02
CA LEU D 49 -35.09 -12.56 -11.44
C LEU D 49 -35.14 -12.46 -9.91
N SER D 50 -35.43 -11.25 -9.41
CA SER D 50 -35.44 -10.98 -7.97
C SER D 50 -36.58 -11.78 -7.31
N VAL D 51 -37.78 -11.74 -7.89
CA VAL D 51 -38.94 -12.42 -7.31
C VAL D 51 -38.71 -13.94 -7.28
N ALA D 52 -38.08 -14.49 -8.32
CA ALA D 52 -37.88 -15.92 -8.41
C ALA D 52 -36.92 -16.41 -7.32
N TYR D 53 -35.74 -15.81 -7.23
CA TYR D 53 -34.72 -16.23 -6.25
C TYR D 53 -35.12 -15.84 -4.82
N LYS D 54 -35.74 -14.67 -4.62
CA LYS D 54 -36.34 -14.29 -3.29
C LYS D 54 -37.21 -15.43 -2.74
N ASN D 55 -38.09 -15.98 -3.58
CA ASN D 55 -39.05 -16.98 -3.17
C ASN D 55 -38.36 -18.29 -2.81
N VAL D 56 -37.37 -18.70 -3.61
CA VAL D 56 -36.71 -19.98 -3.41
C VAL D 56 -36.00 -19.91 -2.06
N VAL D 57 -35.15 -18.89 -1.94
CA VAL D 57 -34.26 -18.74 -0.86
C VAL D 57 -35.07 -18.45 0.40
N GLY D 58 -36.27 -17.85 0.26
CA GLY D 58 -37.17 -17.56 1.40
C GLY D 58 -37.78 -18.79 2.05
N GLY D 59 -38.22 -19.79 1.25
CA GLY D 59 -38.74 -21.03 1.82
C GLY D 59 -37.65 -21.83 2.53
N GLN D 60 -36.42 -21.67 2.06
CA GLN D 60 -35.30 -22.38 2.60
C GLN D 60 -34.80 -21.75 3.92
N ARG D 61 -34.78 -20.42 3.99
CA ARG D 61 -34.50 -19.68 5.22
C ARG D 61 -35.56 -20.00 6.31
N ALA D 62 -36.84 -20.07 5.92
CA ALA D 62 -37.90 -20.41 6.85
C ALA D 62 -37.68 -21.84 7.37
N ALA D 63 -37.40 -22.80 6.48
CA ALA D 63 -37.15 -24.17 6.89
C ALA D 63 -35.95 -24.19 7.81
N TRP D 64 -34.89 -23.47 7.42
CA TRP D 64 -33.67 -23.43 8.22
C TRP D 64 -33.96 -22.92 9.65
N ARG D 65 -34.84 -21.92 9.76
CA ARG D 65 -35.18 -21.30 11.06
C ARG D 65 -36.03 -22.29 11.87
N VAL D 66 -36.98 -22.99 11.22
CA VAL D 66 -37.76 -23.99 11.91
C VAL D 66 -36.81 -25.08 12.42
N LEU D 67 -35.87 -25.56 11.61
CA LEU D 67 -35.02 -26.65 12.03
C LEU D 67 -33.97 -26.21 13.07
N SER D 68 -33.52 -24.96 13.00
CA SER D 68 -32.40 -24.50 13.80
C SER D 68 -32.86 -24.30 15.25
N SER D 69 -34.10 -23.85 15.42
CA SER D 69 -34.68 -23.60 16.73
C SER D 69 -35.14 -24.93 17.39
N ILE D 70 -35.61 -25.87 16.57
CA ILE D 70 -35.95 -27.22 17.10
C ILE D 70 -34.66 -27.77 17.70
N GLU D 71 -33.55 -27.48 17.03
CA GLU D 71 -32.19 -27.94 17.43
C GLU D 71 -31.69 -27.14 18.62
N GLN D 72 -32.24 -25.95 18.85
CA GLN D 72 -31.83 -25.12 20.02
C GLN D 72 -32.54 -25.66 21.27
N LYS D 73 -33.86 -25.92 21.22
CA LYS D 73 -34.67 -26.47 22.35
C LYS D 73 -34.45 -27.99 22.49
N SER D 74 -33.20 -28.37 22.73
CA SER D 74 -32.60 -29.71 22.77
C SER D 74 -31.10 -29.41 22.87
N ASN D 75 -30.33 -29.81 21.87
CA ASN D 75 -28.87 -29.54 21.83
C ASN D 75 -28.67 -28.03 21.85
N GLY D 83 -29.97 -37.61 19.55
CA GLY D 83 -29.78 -38.05 18.17
C GLY D 83 -29.24 -36.95 17.24
N PRO D 84 -28.52 -37.31 16.15
CA PRO D 84 -27.96 -36.35 15.20
C PRO D 84 -28.89 -35.95 14.04
N GLU D 85 -30.11 -36.52 14.01
CA GLU D 85 -31.04 -36.36 12.91
C GLU D 85 -31.35 -34.88 12.64
N VAL D 86 -31.63 -34.12 13.70
CA VAL D 86 -31.99 -32.72 13.53
C VAL D 86 -30.80 -31.99 12.91
N ARG D 87 -29.58 -32.31 13.35
CA ARG D 87 -28.44 -31.55 12.94
C ARG D 87 -28.21 -31.87 11.45
N GLU D 88 -28.23 -33.17 11.13
CA GLU D 88 -28.05 -33.66 9.78
C GLU D 88 -29.01 -32.95 8.83
N TYR D 89 -30.27 -32.78 9.24
CA TYR D 89 -31.29 -32.24 8.35
C TYR D 89 -31.16 -30.72 8.30
N ARG D 90 -30.89 -30.08 9.43
CA ARG D 90 -30.57 -28.63 9.41
C ARG D 90 -29.40 -28.38 8.45
N GLU D 91 -28.36 -29.22 8.49
CA GLU D 91 -27.19 -29.04 7.63
C GLU D 91 -27.56 -29.23 6.15
N LYS D 92 -28.50 -30.14 5.86
CA LYS D 92 -28.84 -30.40 4.49
C LYS D 92 -29.54 -29.16 3.91
N VAL D 93 -30.42 -28.53 4.66
CA VAL D 93 -31.17 -27.40 4.16
C VAL D 93 -30.19 -26.24 3.97
N GLU D 94 -29.24 -26.13 4.91
CA GLU D 94 -28.19 -25.14 4.92
C GLU D 94 -27.38 -25.25 3.62
N THR D 95 -27.02 -26.47 3.27
CA THR D 95 -26.20 -26.68 2.13
C THR D 95 -26.94 -26.25 0.88
N GLU D 96 -28.25 -26.52 0.81
CA GLU D 96 -29.02 -26.14 -0.38
C GLU D 96 -29.17 -24.63 -0.42
N LEU D 97 -29.44 -24.04 0.74
CA LEU D 97 -29.54 -22.57 0.90
C LEU D 97 -28.23 -21.92 0.38
N GLN D 98 -27.09 -22.43 0.83
CA GLN D 98 -25.80 -21.85 0.44
C GLN D 98 -25.60 -21.93 -1.07
N GLY D 99 -26.10 -23.01 -1.69
CA GLY D 99 -25.91 -23.25 -3.11
C GLY D 99 -26.69 -22.26 -3.95
N VAL D 100 -27.89 -21.92 -3.49
CA VAL D 100 -28.72 -21.00 -4.21
C VAL D 100 -28.09 -19.60 -4.12
N CYS D 101 -27.70 -19.22 -2.89
CA CYS D 101 -27.01 -17.98 -2.71
C CYS D 101 -25.80 -17.91 -3.64
N ASP D 102 -25.04 -19.02 -3.73
CA ASP D 102 -23.83 -19.06 -4.51
C ASP D 102 -24.18 -18.85 -5.97
N THR D 103 -25.29 -19.49 -6.41
CA THR D 103 -25.81 -19.37 -7.75
C THR D 103 -26.13 -17.89 -8.06
N VAL D 104 -26.80 -17.19 -7.14
CA VAL D 104 -27.27 -15.85 -7.42
C VAL D 104 -26.07 -14.89 -7.47
N LEU D 105 -25.16 -15.03 -6.51
CA LEU D 105 -23.93 -14.21 -6.44
C LEU D 105 -23.07 -14.52 -7.66
N GLY D 106 -23.09 -15.76 -8.13
CA GLY D 106 -22.44 -16.17 -9.34
C GLY D 106 -22.97 -15.35 -10.51
N LEU D 107 -24.29 -15.30 -10.62
CA LEU D 107 -24.96 -14.61 -11.68
C LEU D 107 -24.57 -13.13 -11.72
N LEU D 108 -24.71 -12.49 -10.57
CA LEU D 108 -24.45 -11.11 -10.39
C LEU D 108 -23.04 -10.75 -10.89
N ASP D 109 -22.07 -11.59 -10.59
CA ASP D 109 -20.68 -11.27 -10.81
C ASP D 109 -20.24 -11.61 -12.22
N SER D 110 -20.72 -12.72 -12.73
CA SER D 110 -20.37 -13.14 -14.04
C SER D 110 -21.14 -12.34 -15.10
N HIS D 111 -22.33 -11.79 -14.79
CA HIS D 111 -23.26 -11.33 -15.85
C HIS D 111 -23.90 -9.98 -15.53
N LEU D 112 -24.26 -9.68 -14.29
CA LEU D 112 -25.25 -8.58 -14.13
C LEU D 112 -24.60 -7.24 -13.68
N ILE D 113 -23.50 -7.32 -12.95
CA ILE D 113 -22.86 -6.19 -12.29
C ILE D 113 -21.83 -5.67 -13.30
N LYS D 114 -22.05 -4.45 -13.80
CA LYS D 114 -21.27 -3.84 -14.90
C LYS D 114 -20.93 -2.41 -14.50
N GLU D 115 -19.79 -1.88 -15.02
CA GLU D 115 -19.39 -0.46 -14.81
C GLU D 115 -20.36 0.49 -15.57
N ALA D 116 -20.87 0.05 -16.73
CA ALA D 116 -21.85 0.84 -17.53
C ALA D 116 -23.20 0.87 -16.81
N GLY D 117 -24.24 1.38 -17.48
CA GLY D 117 -25.64 1.14 -17.12
C GLY D 117 -26.22 2.18 -16.18
N ASP D 118 -27.56 2.32 -16.22
CA ASP D 118 -28.36 3.28 -15.43
C ASP D 118 -28.25 3.03 -13.91
N ALA D 119 -28.46 4.10 -13.16
CA ALA D 119 -28.28 4.13 -11.71
C ALA D 119 -29.09 3.00 -11.06
N GLU D 120 -30.40 2.97 -11.37
CA GLU D 120 -31.31 1.94 -10.87
C GLU D 120 -30.61 0.57 -10.94
N SER D 121 -30.10 0.21 -12.12
CA SER D 121 -29.69 -1.18 -12.39
C SER D 121 -28.38 -1.53 -11.66
N ARG D 122 -27.45 -0.58 -11.51
CA ARG D 122 -26.18 -0.83 -10.78
C ARG D 122 -26.50 -1.06 -9.29
N VAL D 123 -27.55 -0.39 -8.82
CA VAL D 123 -27.81 -0.32 -7.41
C VAL D 123 -28.66 -1.55 -7.06
N PHE D 124 -29.67 -1.80 -7.87
CA PHE D 124 -30.40 -3.03 -7.85
C PHE D 124 -29.48 -4.24 -7.64
N TYR D 125 -28.40 -4.36 -8.42
CA TYR D 125 -27.61 -5.59 -8.42
C TYR D 125 -26.66 -5.61 -7.21
N LEU D 126 -26.21 -4.42 -6.82
CA LEU D 126 -25.28 -4.35 -5.67
C LEU D 126 -26.10 -4.61 -4.42
N LYS D 127 -27.37 -4.22 -4.45
CA LYS D 127 -28.27 -4.50 -3.32
C LYS D 127 -28.32 -6.02 -3.19
N MET D 128 -28.78 -6.65 -4.27
CA MET D 128 -28.94 -8.12 -4.40
C MET D 128 -27.70 -8.80 -3.84
N LYS D 129 -26.53 -8.36 -4.25
CA LYS D 129 -25.33 -9.00 -3.85
C LYS D 129 -25.19 -8.94 -2.32
N GLY D 130 -25.66 -7.82 -1.75
CA GLY D 130 -25.63 -7.60 -0.33
C GLY D 130 -26.62 -8.48 0.39
N ASP D 131 -27.84 -8.56 -0.15
CA ASP D 131 -28.90 -9.39 0.35
C ASP D 131 -28.43 -10.87 0.46
N TYR D 132 -27.88 -11.42 -0.65
CA TYR D 132 -27.46 -12.82 -0.73
C TYR D 132 -26.19 -13.07 0.09
N TYR D 133 -25.31 -12.09 0.29
CA TYR D 133 -24.22 -12.31 1.25
C TYR D 133 -24.77 -12.36 2.70
N ARG D 134 -25.84 -11.61 2.95
CA ARG D 134 -26.52 -11.56 4.23
C ARG D 134 -27.19 -12.92 4.56
N TYR D 135 -27.87 -13.53 3.58
CA TYR D 135 -28.44 -14.86 3.81
C TYR D 135 -27.29 -15.82 4.13
N LEU D 136 -26.18 -15.74 3.40
CA LEU D 136 -25.06 -16.61 3.76
C LEU D 136 -24.69 -16.31 5.22
N ALA D 137 -24.66 -15.01 5.59
CA ALA D 137 -24.14 -14.61 6.91
C ALA D 137 -25.02 -15.20 8.02
N GLU D 138 -26.34 -15.22 7.81
CA GLU D 138 -27.34 -15.73 8.76
C GLU D 138 -27.03 -17.15 9.24
N VAL D 139 -26.33 -17.96 8.42
CA VAL D 139 -26.14 -19.36 8.74
C VAL D 139 -24.65 -19.67 8.89
N ALA D 140 -23.74 -18.72 8.61
CA ALA D 140 -22.31 -19.02 8.68
C ALA D 140 -21.83 -18.92 10.15
N THR D 141 -20.63 -19.46 10.41
CA THR D 141 -20.13 -19.60 11.79
C THR D 141 -18.65 -20.02 11.82
N GLY D 142 -17.69 -19.06 11.73
CA GLY D 142 -16.21 -19.35 11.81
C GLY D 142 -15.32 -18.26 11.23
N ASP D 143 -14.21 -18.69 10.59
CA ASP D 143 -13.35 -17.84 9.72
C ASP D 143 -13.88 -17.82 8.27
N ASP D 144 -15.00 -18.53 8.05
CA ASP D 144 -15.84 -18.36 6.87
C ASP D 144 -16.57 -17.02 7.03
N LYS D 145 -17.20 -16.84 8.19
CA LYS D 145 -18.19 -15.80 8.43
C LYS D 145 -17.56 -14.41 8.38
N LYS D 146 -16.29 -14.29 8.77
CA LYS D 146 -15.66 -12.97 8.90
C LYS D 146 -15.86 -12.23 7.56
N ARG D 147 -15.14 -12.69 6.52
CA ARG D 147 -15.24 -12.19 5.15
C ARG D 147 -16.70 -12.03 4.74
N ILE D 148 -17.49 -13.12 4.79
CA ILE D 148 -18.86 -13.10 4.29
C ILE D 148 -19.57 -11.82 4.75
N ILE D 149 -19.35 -11.41 6.01
CA ILE D 149 -20.00 -10.22 6.56
C ILE D 149 -19.42 -8.99 5.84
N ASP D 150 -18.09 -8.98 5.65
CA ASP D 150 -17.37 -7.83 5.11
C ASP D 150 -17.40 -7.85 3.57
N SER D 151 -17.88 -8.94 2.96
CA SER D 151 -18.25 -8.95 1.54
C SER D 151 -19.66 -8.37 1.38
N ALA D 152 -20.53 -8.69 2.34
CA ALA D 152 -21.86 -8.08 2.46
C ALA D 152 -21.75 -6.57 2.65
N ARG D 153 -20.80 -6.15 3.51
CA ARG D 153 -20.57 -4.73 3.87
C ARG D 153 -20.16 -3.96 2.60
N SER D 154 -19.03 -4.40 2.01
CA SER D 154 -18.45 -3.90 0.75
C SER D 154 -19.53 -3.67 -0.32
N ALA D 155 -20.25 -4.74 -0.70
CA ALA D 155 -21.38 -4.64 -1.64
C ALA D 155 -22.39 -3.56 -1.18
N TYR D 156 -22.86 -3.67 0.05
CA TYR D 156 -23.96 -2.82 0.51
C TYR D 156 -23.57 -1.34 0.46
N GLN D 157 -22.30 -1.04 0.76
CA GLN D 157 -21.75 0.35 0.93
C GLN D 157 -21.66 1.03 -0.45
N GLU D 158 -21.03 0.34 -1.41
CA GLU D 158 -20.86 0.78 -2.80
C GLU D 158 -22.22 1.16 -3.42
N ALA D 159 -23.28 0.45 -3.02
CA ALA D 159 -24.61 0.73 -3.50
C ALA D 159 -25.18 1.92 -2.75
N MET D 160 -24.78 2.10 -1.49
CA MET D 160 -25.15 3.24 -0.67
C MET D 160 -24.63 4.52 -1.36
N ASP D 161 -23.31 4.57 -1.61
CA ASP D 161 -22.62 5.73 -2.25
C ASP D 161 -23.36 6.17 -3.53
N ILE D 162 -23.62 5.19 -4.42
CA ILE D 162 -24.20 5.41 -5.73
C ILE D 162 -25.67 5.82 -5.58
N SER D 163 -26.40 5.22 -4.64
CA SER D 163 -27.85 5.52 -4.49
C SER D 163 -28.10 6.87 -3.78
N LYS D 164 -27.01 7.46 -3.24
CA LYS D 164 -27.04 8.76 -2.53
C LYS D 164 -26.83 9.89 -3.56
N LYS D 165 -25.84 9.72 -4.46
CA LYS D 165 -25.58 10.66 -5.56
C LYS D 165 -26.76 10.72 -6.54
N GLU D 166 -27.03 9.61 -7.25
CA GLU D 166 -27.63 9.68 -8.60
C GLU D 166 -29.11 9.29 -8.57
N MET D 167 -29.67 9.22 -7.37
CA MET D 167 -31.04 8.78 -7.18
C MET D 167 -31.71 9.70 -6.16
N PRO D 168 -33.04 9.91 -6.29
CA PRO D 168 -33.80 10.58 -5.25
C PRO D 168 -33.75 9.78 -3.95
N PRO D 169 -33.67 10.42 -2.76
CA PRO D 169 -33.74 9.67 -1.50
C PRO D 169 -35.20 9.31 -1.15
N THR D 170 -36.03 9.07 -2.18
CA THR D 170 -37.46 8.70 -2.09
C THR D 170 -37.84 7.58 -3.08
N ASN D 171 -36.81 6.90 -3.61
CA ASN D 171 -36.85 5.90 -4.72
C ASN D 171 -36.90 4.49 -4.13
N PRO D 172 -37.82 3.57 -4.56
CA PRO D 172 -37.98 2.26 -3.92
C PRO D 172 -36.67 1.49 -3.64
N ILE D 173 -35.64 1.78 -4.44
CA ILE D 173 -34.42 1.02 -4.50
C ILE D 173 -33.39 1.63 -3.53
N ARG D 174 -33.29 2.97 -3.49
CA ARG D 174 -32.54 3.67 -2.44
C ARG D 174 -33.06 3.21 -1.07
N LEU D 175 -34.39 3.08 -0.97
CA LEU D 175 -35.12 2.69 0.26
C LEU D 175 -34.85 1.21 0.58
N GLY D 176 -35.28 0.34 -0.34
CA GLY D 176 -35.03 -1.09 -0.32
C GLY D 176 -33.62 -1.37 0.18
N LEU D 177 -32.62 -0.74 -0.47
CA LEU D 177 -31.22 -0.86 -0.07
C LEU D 177 -31.10 -0.44 1.41
N ALA D 178 -31.44 0.83 1.69
CA ALA D 178 -31.21 1.45 3.01
C ALA D 178 -31.76 0.56 4.13
N LEU D 179 -33.05 0.23 4.02
CA LEU D 179 -33.75 -0.70 4.92
C LEU D 179 -32.82 -1.89 5.24
N ASN D 180 -32.58 -2.72 4.22
CA ASN D 180 -31.86 -3.98 4.31
C ASN D 180 -30.43 -3.78 4.84
N PHE D 181 -29.77 -2.65 4.53
CA PHE D 181 -28.38 -2.43 5.02
C PHE D 181 -28.39 -2.27 6.55
N SER D 182 -29.50 -1.75 7.09
CA SER D 182 -29.60 -1.48 8.52
C SER D 182 -30.00 -2.75 9.26
N VAL D 183 -30.65 -3.66 8.54
CA VAL D 183 -30.90 -4.99 9.14
C VAL D 183 -29.51 -5.64 9.21
N PHE D 184 -28.72 -5.48 8.16
CA PHE D 184 -27.34 -6.04 8.15
C PHE D 184 -26.54 -5.51 9.36
N HIS D 185 -26.66 -4.21 9.62
CA HIS D 185 -26.01 -3.61 10.82
C HIS D 185 -26.64 -4.22 12.08
N TYR D 186 -27.97 -4.29 12.12
CA TYR D 186 -28.72 -4.86 13.26
C TYR D 186 -28.39 -6.33 13.51
N GLU D 187 -29.06 -7.23 12.79
CA GLU D 187 -28.94 -8.67 13.06
C GLU D 187 -27.69 -9.30 12.42
N ILE D 188 -26.71 -8.53 12.01
CA ILE D 188 -25.56 -9.23 11.38
C ILE D 188 -24.22 -8.59 11.72
N ALA D 189 -24.18 -7.28 11.95
CA ALA D 189 -22.88 -6.60 12.15
C ALA D 189 -22.38 -6.67 13.58
N ASN D 190 -23.28 -6.99 14.52
CA ASN D 190 -23.06 -7.03 16.01
C ASN D 190 -22.86 -5.59 16.47
N SER D 191 -23.58 -4.67 15.80
CA SER D 191 -23.54 -3.19 15.96
C SER D 191 -24.99 -2.69 15.86
N PRO D 192 -25.80 -2.88 16.91
CA PRO D 192 -27.22 -2.50 16.87
C PRO D 192 -27.42 -0.99 16.69
N GLU D 193 -26.54 -0.19 17.30
CA GLU D 193 -26.57 1.30 17.22
C GLU D 193 -26.54 1.76 15.77
N GLU D 194 -25.59 1.24 15.00
CA GLU D 194 -25.42 1.51 13.54
C GLU D 194 -26.76 1.53 12.78
N ALA D 195 -27.57 0.49 12.98
CA ALA D 195 -28.86 0.34 12.27
C ALA D 195 -29.80 1.47 12.69
N ILE D 196 -29.93 1.66 13.99
CA ILE D 196 -30.81 2.70 14.51
C ILE D 196 -30.48 4.01 13.77
N SER D 197 -29.17 4.25 13.59
CA SER D 197 -28.58 5.47 12.94
C SER D 197 -29.03 5.63 11.47
N LEU D 198 -28.53 4.77 10.57
CA LEU D 198 -28.77 4.89 9.12
C LEU D 198 -30.26 4.69 8.80
N ALA D 199 -31.00 4.03 9.69
CA ALA D 199 -32.45 3.79 9.53
C ALA D 199 -33.30 4.96 10.04
N LYS D 200 -32.68 5.94 10.72
CA LYS D 200 -33.37 7.17 11.19
C LYS D 200 -33.46 8.18 10.04
N THR D 201 -32.29 8.48 9.44
CA THR D 201 -32.17 9.29 8.22
C THR D 201 -33.32 8.99 7.25
N THR D 202 -33.44 7.71 6.88
CA THR D 202 -34.19 7.24 5.70
C THR D 202 -35.70 7.57 5.81
N PHE D 203 -36.32 7.30 6.97
CA PHE D 203 -37.77 7.52 7.13
C PHE D 203 -38.07 9.02 7.02
N ASP D 204 -37.09 9.85 7.44
CA ASP D 204 -37.21 11.33 7.53
C ASP D 204 -37.11 11.97 6.14
N GLU D 205 -35.98 11.75 5.46
CA GLU D 205 -35.74 12.29 4.11
C GLU D 205 -36.87 11.82 3.17
N ALA D 206 -37.38 10.60 3.40
CA ALA D 206 -38.49 9.99 2.63
C ALA D 206 -39.74 10.88 2.67
N MET D 207 -40.07 11.37 3.86
CA MET D 207 -41.19 12.30 4.07
C MET D 207 -41.14 13.43 3.01
N ALA D 208 -40.00 14.14 2.96
CA ALA D 208 -39.80 15.45 2.31
C ALA D 208 -40.35 15.46 0.87
N ASP D 209 -39.61 14.86 -0.07
CA ASP D 209 -39.84 15.06 -1.51
C ASP D 209 -41.16 14.40 -1.98
N LEU D 210 -41.89 13.75 -1.06
CA LEU D 210 -43.16 13.00 -1.33
C LEU D 210 -44.01 13.73 -2.39
N HIS D 211 -44.01 15.07 -2.34
CA HIS D 211 -44.70 15.90 -3.32
C HIS D 211 -44.06 15.72 -4.70
N ASP D 220 -46.59 2.66 -4.80
CA ASP D 220 -46.15 1.59 -3.90
C ASP D 220 -44.97 2.08 -3.06
N SER D 221 -44.78 3.41 -2.99
CA SER D 221 -43.65 4.01 -2.31
C SER D 221 -43.88 3.99 -0.79
N THR D 222 -45.16 4.02 -0.40
CA THR D 222 -45.60 4.04 1.00
C THR D 222 -44.92 2.91 1.80
N LEU D 223 -45.00 1.69 1.28
CA LEU D 223 -44.80 0.43 2.02
C LEU D 223 -43.46 0.41 2.76
N ILE D 224 -42.38 0.89 2.14
CA ILE D 224 -41.01 0.68 2.64
C ILE D 224 -40.83 1.38 3.99
N MET D 225 -41.28 2.64 4.07
CA MET D 225 -41.22 3.42 5.31
C MET D 225 -42.09 2.73 6.37
N GLN D 226 -43.24 2.16 5.98
CA GLN D 226 -44.12 1.36 6.86
C GLN D 226 -43.30 0.26 7.54
N LEU D 227 -42.41 -0.38 6.77
CA LEU D 227 -41.54 -1.49 7.20
C LEU D 227 -40.22 -0.98 7.80
N LEU D 228 -39.99 0.34 7.73
CA LEU D 228 -38.78 1.01 8.28
C LEU D 228 -39.06 1.63 9.66
N ARG D 229 -40.31 2.09 9.87
CA ARG D 229 -40.78 2.52 11.19
C ARG D 229 -40.84 1.29 12.11
N ASP D 230 -41.26 0.17 11.50
CA ASP D 230 -41.45 -1.13 12.16
C ASP D 230 -40.15 -1.68 12.75
N ASN D 231 -39.03 -1.56 12.01
CA ASN D 231 -37.72 -2.17 12.37
C ASN D 231 -36.94 -1.29 13.38
N LEU D 232 -37.46 -0.07 13.64
CA LEU D 232 -37.02 0.83 14.75
C LEU D 232 -38.01 0.74 15.93
N THR D 233 -39.32 0.63 15.62
CA THR D 233 -40.40 0.25 16.57
C THR D 233 -39.88 -0.85 17.50
N LEU D 234 -39.28 -1.89 16.90
CA LEU D 234 -38.63 -2.99 17.61
C LEU D 234 -37.11 -2.84 17.45
N GLY E 1 -40.66 39.49 66.83
CA GLY E 1 -40.59 38.02 66.68
C GLY E 1 -39.76 37.37 67.78
N ALA E 2 -39.58 36.05 67.61
CA ALA E 2 -39.05 35.18 68.63
C ALA E 2 -37.55 35.41 68.88
N MET E 3 -36.87 36.18 68.04
CA MET E 3 -35.45 36.47 68.17
C MET E 3 -35.25 37.90 68.66
N GLY E 4 -36.36 38.59 68.97
CA GLY E 4 -36.41 39.98 69.34
C GLY E 4 -35.55 40.31 70.54
N SER E 5 -35.41 39.35 71.46
CA SER E 5 -34.80 39.60 72.73
C SER E 5 -33.34 39.16 72.70
N MET E 6 -32.85 38.71 71.54
CA MET E 6 -31.45 38.30 71.42
C MET E 6 -30.61 39.36 70.69
N GLU E 7 -29.40 39.56 71.23
CA GLU E 7 -28.36 40.41 70.71
C GLU E 7 -27.97 39.97 69.29
N ARG E 8 -27.82 40.95 68.40
CA ARG E 8 -27.45 40.76 67.04
C ARG E 8 -26.21 39.86 66.95
N ALA E 9 -25.17 40.22 67.71
CA ALA E 9 -23.91 39.50 67.57
C ALA E 9 -24.10 38.03 68.01
N SER E 10 -25.02 37.82 68.95
CA SER E 10 -25.32 36.48 69.44
C SER E 10 -26.13 35.72 68.38
N LEU E 11 -27.02 36.38 67.65
CA LEU E 11 -27.68 35.71 66.54
C LEU E 11 -26.66 35.21 65.49
N ILE E 12 -25.65 36.03 65.19
CA ILE E 12 -24.69 35.75 64.15
C ILE E 12 -23.90 34.52 64.57
N GLN E 13 -23.36 34.59 65.78
CA GLN E 13 -22.67 33.46 66.42
C GLN E 13 -23.48 32.17 66.33
N LYS E 14 -24.78 32.26 66.67
CA LYS E 14 -25.60 31.10 66.75
C LYS E 14 -25.88 30.62 65.35
N ALA E 15 -25.97 31.55 64.39
CA ALA E 15 -26.10 31.15 63.01
C ALA E 15 -24.90 30.29 62.63
N LYS E 16 -23.69 30.65 63.05
CA LYS E 16 -22.48 29.89 62.66
C LYS E 16 -22.42 28.55 63.38
N LEU E 17 -22.91 28.54 64.62
CA LEU E 17 -23.05 27.29 65.33
C LEU E 17 -24.02 26.35 64.59
N ALA E 18 -25.18 26.88 64.19
CA ALA E 18 -26.16 26.06 63.51
C ALA E 18 -25.55 25.51 62.22
N GLU E 19 -24.73 26.31 61.53
CA GLU E 19 -24.12 25.85 60.30
C GLU E 19 -23.24 24.65 60.63
N GLN E 20 -22.41 24.74 61.67
CA GLN E 20 -21.48 23.64 61.99
C GLN E 20 -22.30 22.39 62.32
N ALA E 21 -23.52 22.56 62.83
CA ALA E 21 -24.32 21.47 63.30
C ALA E 21 -25.27 20.96 62.20
N GLU E 22 -25.23 21.60 61.02
CA GLU E 22 -26.07 21.23 59.91
C GLU E 22 -27.56 21.38 60.28
N ARG E 23 -27.88 22.41 61.06
CA ARG E 23 -29.25 22.73 61.50
C ARG E 23 -29.70 24.01 60.80
N TYR E 24 -30.13 23.82 59.55
CA TYR E 24 -30.23 24.88 58.58
C TYR E 24 -31.49 25.71 58.84
N GLU E 25 -32.54 25.09 59.33
CA GLU E 25 -33.77 25.83 59.71
C GLU E 25 -33.43 26.78 60.86
N ASP E 26 -32.66 26.29 61.82
CA ASP E 26 -32.19 27.10 62.95
C ASP E 26 -31.33 28.23 62.39
N MET E 27 -30.42 27.88 61.49
CA MET E 27 -29.51 28.84 61.00
C MET E 27 -30.33 29.99 60.39
N ALA E 28 -31.33 29.65 59.58
CA ALA E 28 -32.14 30.63 58.85
C ALA E 28 -32.90 31.51 59.85
N ALA E 29 -33.43 30.90 60.91
CA ALA E 29 -34.21 31.59 61.90
C ALA E 29 -33.31 32.58 62.64
N PHE E 30 -32.06 32.20 62.93
CA PHE E 30 -31.07 33.09 63.58
C PHE E 30 -30.76 34.27 62.66
N MET E 31 -30.52 33.99 61.38
CA MET E 31 -30.17 35.04 60.42
C MET E 31 -31.34 36.01 60.19
N LYS E 32 -32.57 35.50 60.28
CA LYS E 32 -33.73 36.36 60.07
C LYS E 32 -33.83 37.35 61.22
N GLY E 33 -33.54 36.86 62.45
CA GLY E 33 -33.49 37.69 63.61
C GLY E 33 -32.45 38.79 63.49
N ALA E 34 -31.29 38.45 62.94
CA ALA E 34 -30.21 39.43 62.79
C ALA E 34 -30.63 40.51 61.76
N VAL E 35 -31.21 40.11 60.62
CA VAL E 35 -31.67 41.07 59.61
C VAL E 35 -32.69 42.03 60.24
N GLU E 36 -33.61 41.48 61.08
CA GLU E 36 -34.71 42.24 61.72
C GLU E 36 -34.22 43.33 62.67
N LYS E 37 -32.95 43.29 63.09
CA LYS E 37 -32.36 44.37 63.87
C LYS E 37 -32.25 45.67 63.06
N GLY E 38 -32.24 45.56 61.73
CA GLY E 38 -32.41 46.73 60.86
C GLY E 38 -31.09 47.33 60.37
N GLU E 39 -29.96 46.75 60.79
CA GLU E 39 -28.67 47.13 60.30
C GLU E 39 -28.35 46.27 59.06
N GLU E 40 -27.44 46.79 58.26
CA GLU E 40 -26.94 46.19 57.05
C GLU E 40 -26.19 44.91 57.39
N LEU E 41 -26.16 43.97 56.46
CA LEU E 41 -25.35 42.79 56.57
C LEU E 41 -24.00 43.06 55.89
N SER E 42 -22.94 42.53 56.47
CA SER E 42 -21.67 42.41 55.81
C SER E 42 -21.71 41.31 54.76
N GLU E 44 -19.93 38.42 54.58
CA GLU E 44 -19.99 37.19 55.35
C GLU E 44 -21.43 36.92 55.85
N GLU E 45 -22.12 37.97 56.31
CA GLU E 45 -23.44 37.84 56.90
C GLU E 45 -24.43 37.58 55.76
N ARG E 46 -24.20 38.17 54.58
CA ARG E 46 -25.08 37.98 53.42
C ARG E 46 -25.10 36.51 53.03
N ASN E 47 -23.89 35.96 52.97
CA ASN E 47 -23.66 34.62 52.57
C ASN E 47 -24.18 33.68 53.66
N LEU E 48 -24.13 34.06 54.94
CA LEU E 48 -24.78 33.22 55.99
C LEU E 48 -26.29 33.14 55.72
N LEU E 49 -26.92 34.26 55.38
CA LEU E 49 -28.32 34.32 55.10
C LEU E 49 -28.61 33.41 53.89
N SER E 50 -27.76 33.57 52.87
CA SER E 50 -27.99 32.92 51.59
C SER E 50 -27.92 31.40 51.81
N VAL E 51 -26.87 30.96 52.49
CA VAL E 51 -26.61 29.55 52.71
C VAL E 51 -27.78 28.93 53.47
N ALA E 52 -28.27 29.62 54.50
CA ALA E 52 -29.22 29.01 55.37
C ALA E 52 -30.52 28.78 54.61
N TYR E 53 -31.00 29.77 53.85
CA TYR E 53 -32.32 29.70 53.20
C TYR E 53 -32.25 28.79 51.96
N LYS E 54 -31.11 28.77 51.24
CA LYS E 54 -30.96 27.87 50.07
C LYS E 54 -31.00 26.40 50.52
N ASN E 55 -30.43 26.08 51.68
CA ASN E 55 -30.42 24.71 52.23
C ASN E 55 -31.83 24.28 52.66
N VAL E 56 -32.60 25.19 53.26
CA VAL E 56 -33.98 24.90 53.64
C VAL E 56 -34.82 24.65 52.38
N VAL E 57 -34.79 25.59 51.45
CA VAL E 57 -35.64 25.55 50.29
C VAL E 57 -35.20 24.42 49.32
N GLY E 58 -33.89 24.17 49.21
CA GLY E 58 -33.35 23.06 48.41
C GLY E 58 -33.91 21.71 48.86
N GLY E 59 -33.98 21.49 50.18
CA GLY E 59 -34.54 20.29 50.72
C GLY E 59 -35.99 20.17 50.30
N GLN E 60 -36.72 21.26 50.44
CA GLN E 60 -38.13 21.24 50.08
C GLN E 60 -38.32 21.06 48.58
N ARG E 61 -37.49 21.71 47.77
CA ARG E 61 -37.69 21.61 46.32
C ARG E 61 -37.39 20.17 45.88
N ALA E 62 -36.37 19.55 46.48
CA ALA E 62 -35.99 18.18 46.13
C ALA E 62 -37.15 17.23 46.46
N ALA E 63 -37.78 17.43 47.60
CA ALA E 63 -38.84 16.59 48.05
C ALA E 63 -40.08 16.82 47.19
N TRP E 64 -40.36 18.09 46.90
CA TRP E 64 -41.47 18.43 46.00
C TRP E 64 -41.32 17.68 44.66
N ARG E 65 -40.08 17.60 44.14
CA ARG E 65 -39.87 16.99 42.83
C ARG E 65 -40.14 15.49 42.94
N VAL E 66 -39.64 14.87 44.03
CA VAL E 66 -39.84 13.46 44.28
C VAL E 66 -41.35 13.18 44.34
N LEU E 67 -42.09 13.92 45.18
CA LEU E 67 -43.49 13.61 45.35
C LEU E 67 -44.25 13.86 44.04
N SER E 68 -43.94 14.99 43.40
CA SER E 68 -44.54 15.45 42.17
C SER E 68 -44.35 14.41 41.07
N SER E 69 -43.15 13.82 41.03
CA SER E 69 -42.83 12.74 40.14
C SER E 69 -43.64 11.47 40.47
N ILE E 70 -43.79 11.13 41.78
CA ILE E 70 -44.57 9.93 42.12
C ILE E 70 -46.05 10.14 41.75
N GLU E 71 -46.53 11.39 41.83
CA GLU E 71 -47.90 11.80 41.48
C GLU E 71 -48.14 11.62 39.96
N GLN E 72 -47.13 11.89 39.15
CA GLN E 72 -47.24 11.81 37.68
C GLN E 72 -47.43 10.34 37.27
N LYS E 73 -46.58 9.44 37.77
CA LYS E 73 -46.68 7.98 37.53
C LYS E 73 -48.10 7.48 37.84
N SER E 74 -48.66 7.97 38.95
CA SER E 74 -50.01 7.66 39.38
C SER E 74 -51.06 8.39 38.53
N ASN E 75 -50.65 9.36 37.70
CA ASN E 75 -51.50 10.13 36.75
C ASN E 75 -52.64 10.83 37.50
N GLY E 83 -56.01 6.86 45.13
CA GLY E 83 -56.14 7.61 46.38
C GLY E 83 -55.58 9.04 46.28
N PRO E 84 -55.96 9.97 47.20
CA PRO E 84 -55.53 11.36 47.11
C PRO E 84 -54.25 11.65 47.92
N GLU E 85 -53.61 10.61 48.51
CA GLU E 85 -52.53 10.73 49.49
C GLU E 85 -51.30 11.46 48.90
N VAL E 86 -50.86 11.09 47.70
CA VAL E 86 -49.68 11.69 47.05
C VAL E 86 -49.93 13.18 46.80
N ARG E 87 -51.09 13.49 46.22
CA ARG E 87 -51.48 14.87 46.01
C ARG E 87 -51.42 15.61 47.34
N GLU E 88 -52.14 15.11 48.35
CA GLU E 88 -52.29 15.82 49.62
C GLU E 88 -50.91 16.14 50.17
N TYR E 89 -50.01 15.15 50.15
CA TYR E 89 -48.71 15.35 50.78
C TYR E 89 -47.87 16.29 49.90
N ARG E 90 -48.00 16.15 48.57
CA ARG E 90 -47.31 17.01 47.65
C ARG E 90 -47.76 18.44 47.96
N GLU E 91 -49.07 18.64 48.10
CA GLU E 91 -49.63 19.97 48.43
C GLU E 91 -49.06 20.51 49.76
N LYS E 92 -48.85 19.63 50.74
CA LYS E 92 -48.40 20.03 52.05
C LYS E 92 -46.95 20.54 51.95
N VAL E 93 -46.10 19.85 51.20
CA VAL E 93 -44.70 20.25 51.05
C VAL E 93 -44.65 21.56 50.27
N GLU E 94 -45.59 21.68 49.34
CA GLU E 94 -45.70 22.82 48.43
C GLU E 94 -46.04 24.06 49.26
N THR E 95 -46.93 23.89 50.23
CA THR E 95 -47.32 25.00 51.11
C THR E 95 -46.17 25.43 52.02
N GLU E 96 -45.39 24.46 52.51
CA GLU E 96 -44.22 24.80 53.33
C GLU E 96 -43.16 25.59 52.53
N LEU E 97 -42.91 25.12 51.31
CA LEU E 97 -41.96 25.75 50.38
C LEU E 97 -42.39 27.18 50.14
N GLN E 98 -43.68 27.38 49.85
CA GLN E 98 -44.20 28.70 49.54
C GLN E 98 -44.06 29.63 50.76
N GLY E 99 -44.15 29.08 51.98
CA GLY E 99 -43.98 29.90 53.22
C GLY E 99 -42.55 30.40 53.39
N VAL E 100 -41.59 29.51 53.12
CA VAL E 100 -40.20 29.84 53.23
C VAL E 100 -39.87 30.91 52.18
N CYS E 101 -40.25 30.70 50.92
CA CYS E 101 -40.04 31.70 49.87
C CYS E 101 -40.66 33.05 50.26
N ASP E 102 -41.87 33.03 50.82
CA ASP E 102 -42.54 34.29 51.27
C ASP E 102 -41.80 34.97 52.43
N THR E 103 -41.22 34.19 53.36
CA THR E 103 -40.38 34.70 54.44
C THR E 103 -39.16 35.40 53.83
N VAL E 104 -38.57 34.79 52.81
CA VAL E 104 -37.35 35.35 52.21
C VAL E 104 -37.67 36.66 51.48
N LEU E 105 -38.73 36.62 50.67
CA LEU E 105 -39.12 37.81 49.90
C LEU E 105 -39.54 38.95 50.84
N GLY E 106 -40.15 38.63 51.98
CA GLY E 106 -40.56 39.62 52.96
C GLY E 106 -39.34 40.29 53.57
N LEU E 107 -38.31 39.50 53.90
CA LEU E 107 -37.04 40.03 54.41
C LEU E 107 -36.37 40.97 53.40
N LEU E 108 -36.21 40.52 52.15
CA LEU E 108 -35.60 41.30 51.08
C LEU E 108 -36.36 42.64 50.94
N ASP E 109 -37.68 42.57 50.89
CA ASP E 109 -38.55 43.71 50.71
C ASP E 109 -38.54 44.66 51.92
N SER E 110 -38.69 44.10 53.12
CA SER E 110 -38.88 44.91 54.31
C SER E 110 -37.53 45.44 54.79
N HIS E 111 -36.44 44.74 54.52
CA HIS E 111 -35.19 45.13 55.23
C HIS E 111 -33.97 45.29 54.32
N LEU E 112 -33.75 44.38 53.35
CA LEU E 112 -32.40 44.27 52.76
C LEU E 112 -32.22 45.08 51.45
N ILE E 113 -33.27 45.19 50.63
CA ILE E 113 -33.22 45.88 49.35
C ILE E 113 -33.32 47.39 49.63
N LYS E 114 -32.25 48.13 49.30
CA LYS E 114 -32.15 49.59 49.62
C LYS E 114 -31.57 50.30 48.38
N GLU E 115 -32.05 51.53 48.14
CA GLU E 115 -31.57 52.44 47.07
C GLU E 115 -30.32 53.17 47.56
N ALA E 116 -29.28 52.38 47.87
CA ALA E 116 -28.09 52.77 48.64
C ALA E 116 -27.20 51.54 48.76
N GLY E 117 -25.92 51.73 49.10
CA GLY E 117 -25.01 50.62 49.35
C GLY E 117 -24.26 50.19 48.11
N ASP E 118 -23.13 49.51 48.33
CA ASP E 118 -22.32 48.96 47.26
C ASP E 118 -23.28 48.25 46.27
N ALA E 119 -22.82 48.18 45.03
CA ALA E 119 -23.59 47.65 43.96
C ALA E 119 -23.63 46.12 44.06
N GLU E 120 -22.58 45.57 44.67
CA GLU E 120 -22.47 44.14 44.89
C GLU E 120 -23.65 43.67 45.76
N SER E 121 -23.92 44.41 46.84
CA SER E 121 -24.89 43.96 47.80
C SER E 121 -26.28 44.15 47.19
N ARG E 122 -26.49 45.25 46.47
CA ARG E 122 -27.76 45.56 45.78
C ARG E 122 -28.07 44.45 44.76
N VAL E 123 -27.06 44.04 44.00
CA VAL E 123 -27.25 43.07 42.99
C VAL E 123 -27.56 41.72 43.69
N PHE E 124 -26.82 41.43 44.76
CA PHE E 124 -26.92 40.20 45.54
C PHE E 124 -28.38 39.99 45.99
N TYR E 125 -28.98 41.05 46.56
CA TYR E 125 -30.31 40.96 47.11
C TYR E 125 -31.35 40.89 45.98
N LEU E 126 -31.15 41.64 44.89
CA LEU E 126 -32.10 41.55 43.75
C LEU E 126 -32.00 40.15 43.13
N LYS E 127 -30.80 39.56 43.10
CA LYS E 127 -30.68 38.22 42.56
C LYS E 127 -31.55 37.27 43.40
N MET E 128 -31.38 37.35 44.73
CA MET E 128 -32.10 36.51 45.68
C MET E 128 -33.61 36.64 45.43
N LYS E 129 -34.08 37.87 45.16
CA LYS E 129 -35.47 38.10 44.89
C LYS E 129 -35.88 37.36 43.60
N GLY E 130 -35.03 37.44 42.58
CA GLY E 130 -35.33 36.72 41.32
C GLY E 130 -35.44 35.22 41.54
N ASP E 131 -34.45 34.68 42.24
CA ASP E 131 -34.36 33.31 42.63
C ASP E 131 -35.61 32.81 43.40
N TYR E 132 -36.02 33.52 44.47
CA TYR E 132 -37.13 33.05 45.31
C TYR E 132 -38.47 33.22 44.58
N TYR E 133 -38.61 34.21 43.71
CA TYR E 133 -39.80 34.23 42.80
C TYR E 133 -39.75 33.01 41.87
N ARG E 134 -38.56 32.64 41.39
CA ARG E 134 -38.43 31.49 40.48
C ARG E 134 -38.91 30.21 41.20
N TYR E 135 -38.50 30.01 42.45
CA TYR E 135 -38.90 28.83 43.21
C TYR E 135 -40.43 28.78 43.31
N LEU E 136 -41.06 29.92 43.56
CA LEU E 136 -42.49 30.01 43.59
C LEU E 136 -43.10 29.65 42.22
N ALA E 137 -42.47 30.14 41.14
CA ALA E 137 -42.97 29.93 39.79
C ALA E 137 -42.94 28.44 39.45
N GLU E 138 -42.01 27.67 40.03
CA GLU E 138 -41.80 26.24 39.74
C GLU E 138 -43.00 25.40 40.21
N VAL E 139 -43.76 25.88 41.21
CA VAL E 139 -44.86 25.15 41.82
C VAL E 139 -46.19 25.88 41.60
N ALA E 140 -46.18 27.05 40.94
CA ALA E 140 -47.41 27.84 40.75
C ALA E 140 -48.16 27.38 39.50
N THR E 141 -49.45 27.77 39.41
CA THR E 141 -50.25 27.61 38.16
C THR E 141 -50.96 28.94 37.79
N GLY E 142 -51.37 29.07 36.53
CA GLY E 142 -52.41 30.03 36.11
C GLY E 142 -52.01 31.48 36.33
N ASP E 143 -52.96 32.30 36.82
CA ASP E 143 -52.76 33.74 36.88
C ASP E 143 -51.69 34.12 37.91
N ASP E 144 -51.65 33.37 39.03
CA ASP E 144 -50.62 33.53 40.03
C ASP E 144 -49.24 33.26 39.37
N LYS E 145 -49.18 32.22 38.53
CA LYS E 145 -47.92 31.84 37.93
C LYS E 145 -47.42 33.01 37.07
N LYS E 146 -48.34 33.66 36.34
CA LYS E 146 -48.01 34.79 35.43
C LYS E 146 -47.48 36.00 36.22
N ARG E 147 -48.11 36.33 37.34
CA ARG E 147 -47.63 37.42 38.22
C ARG E 147 -46.23 37.07 38.73
N ILE E 148 -46.00 35.81 39.14
CA ILE E 148 -44.78 35.45 39.81
C ILE E 148 -43.64 35.57 38.80
N ILE E 149 -43.91 35.08 37.60
CA ILE E 149 -42.94 35.10 36.50
C ILE E 149 -42.54 36.56 36.21
N ASP E 150 -43.50 37.50 36.19
CA ASP E 150 -43.20 38.93 35.93
C ASP E 150 -42.40 39.55 37.07
N SER E 151 -42.69 39.16 38.31
CA SER E 151 -41.96 39.63 39.47
C SER E 151 -40.51 39.10 39.46
N ALA E 152 -40.32 37.83 39.16
CA ALA E 152 -38.98 37.27 38.96
C ALA E 152 -38.24 38.05 37.86
N ARG E 153 -38.83 38.12 36.67
CA ARG E 153 -38.15 38.74 35.53
C ARG E 153 -37.63 40.14 35.93
N SER E 154 -38.53 40.99 36.44
CA SER E 154 -38.22 42.36 36.66
C SER E 154 -37.21 42.52 37.80
N ALA E 155 -37.19 41.60 38.76
CA ALA E 155 -36.14 41.66 39.76
C ALA E 155 -34.80 41.24 39.13
N TYR E 156 -34.81 40.19 38.32
CA TYR E 156 -33.56 39.75 37.66
C TYR E 156 -33.05 40.88 36.73
N GLN E 157 -33.95 41.60 36.05
CA GLN E 157 -33.54 42.57 35.02
C GLN E 157 -32.87 43.76 35.72
N GLU E 158 -33.46 44.24 36.81
CA GLU E 158 -32.91 45.35 37.59
C GLU E 158 -31.52 44.98 38.09
N ALA E 159 -31.33 43.72 38.54
CA ALA E 159 -30.01 43.31 38.96
C ALA E 159 -29.04 43.29 37.76
N MET E 160 -29.51 42.85 36.58
CA MET E 160 -28.64 42.73 35.40
C MET E 160 -28.11 44.12 35.02
N ASP E 161 -29.00 45.13 35.05
CA ASP E 161 -28.69 46.48 34.63
C ASP E 161 -27.62 47.08 35.56
N ILE E 162 -27.77 46.83 36.86
CA ILE E 162 -26.85 47.37 37.83
C ILE E 162 -25.51 46.63 37.68
N SER E 163 -25.52 45.31 37.48
CA SER E 163 -24.24 44.57 37.48
C SER E 163 -23.42 44.88 36.22
N LYS E 164 -24.08 45.22 35.11
CA LYS E 164 -23.40 45.41 33.83
C LYS E 164 -22.68 46.77 33.82
N LYS E 165 -23.07 47.67 34.73
CA LYS E 165 -22.47 49.00 34.83
C LYS E 165 -21.41 48.99 35.92
N GLU E 166 -21.65 48.31 37.04
CA GLU E 166 -20.93 48.63 38.26
C GLU E 166 -20.07 47.45 38.68
N MET E 167 -20.05 46.39 37.88
CA MET E 167 -19.29 45.21 38.20
C MET E 167 -18.52 44.74 36.97
N PRO E 168 -17.35 44.12 37.17
CA PRO E 168 -16.65 43.46 36.06
C PRO E 168 -17.33 42.18 35.59
N PRO E 169 -17.20 41.81 34.28
CA PRO E 169 -17.89 40.63 33.77
C PRO E 169 -17.44 39.25 34.32
N THR E 170 -16.39 39.21 35.14
CA THR E 170 -15.99 37.96 35.78
C THR E 170 -16.23 38.02 37.30
N ASN E 171 -16.91 39.07 37.77
CA ASN E 171 -17.37 39.09 39.18
C ASN E 171 -18.36 37.93 39.38
N PRO E 172 -18.15 37.05 40.39
CA PRO E 172 -18.96 35.83 40.54
C PRO E 172 -20.46 36.05 40.83
N ILE E 173 -20.81 37.11 41.54
CA ILE E 173 -22.21 37.42 41.74
C ILE E 173 -22.81 37.79 40.37
N ARG E 174 -22.06 38.56 39.57
CA ARG E 174 -22.54 39.00 38.28
C ARG E 174 -22.81 37.78 37.39
N LEU E 175 -21.94 36.80 37.53
CA LEU E 175 -22.02 35.59 36.69
C LEU E 175 -23.18 34.68 37.16
N GLY E 176 -23.23 34.42 38.48
CA GLY E 176 -24.31 33.68 39.13
C GLY E 176 -25.68 34.25 38.75
N LEU E 177 -25.78 35.57 38.77
CA LEU E 177 -26.98 36.27 38.34
C LEU E 177 -27.34 35.87 36.91
N ALA E 178 -26.38 35.96 35.98
CA ALA E 178 -26.66 35.73 34.57
C ALA E 178 -26.99 34.25 34.32
N LEU E 179 -26.31 33.35 35.05
CA LEU E 179 -26.63 31.93 34.99
C LEU E 179 -28.11 31.69 35.34
N ASN E 180 -28.50 32.08 36.57
CA ASN E 180 -29.88 31.87 37.08
C ASN E 180 -30.93 32.57 36.20
N PHE E 181 -30.60 33.73 35.65
CA PHE E 181 -31.56 34.41 34.79
C PHE E 181 -31.72 33.67 33.44
N SER E 182 -30.63 33.07 32.92
CA SER E 182 -30.73 32.31 31.65
C SER E 182 -31.56 31.05 31.90
N VAL E 183 -31.38 30.46 33.09
CA VAL E 183 -32.15 29.34 33.51
C VAL E 183 -33.60 29.77 33.66
N PHE E 184 -33.86 30.86 34.35
CA PHE E 184 -35.20 31.34 34.39
C PHE E 184 -35.78 31.42 32.96
N HIS E 185 -35.03 32.08 32.07
CA HIS E 185 -35.51 32.30 30.70
C HIS E 185 -35.95 30.97 30.07
N TYR E 186 -35.10 29.93 30.19
CA TYR E 186 -35.26 28.66 29.55
C TYR E 186 -36.31 27.76 30.22
N GLU E 187 -36.20 27.59 31.54
CA GLU E 187 -36.99 26.62 32.26
C GLU E 187 -38.34 27.22 32.70
N ILE E 188 -38.40 28.53 32.91
CA ILE E 188 -39.59 29.11 33.52
C ILE E 188 -40.39 29.93 32.54
N ALA E 189 -39.71 30.77 31.75
CA ALA E 189 -40.41 31.81 30.98
C ALA E 189 -40.76 31.34 29.56
N ASN E 190 -40.26 30.17 29.15
CA ASN E 190 -40.57 29.63 27.82
C ASN E 190 -39.96 30.54 26.75
N SER E 191 -38.63 30.73 26.83
CA SER E 191 -37.91 31.74 26.02
C SER E 191 -36.48 31.27 25.82
N PRO E 192 -36.27 30.17 25.06
CA PRO E 192 -34.96 29.53 24.99
C PRO E 192 -33.95 30.39 24.21
N GLU E 193 -34.46 31.22 23.28
CA GLU E 193 -33.60 32.11 22.47
C GLU E 193 -32.90 33.10 23.40
N GLU E 194 -33.72 33.79 24.19
CA GLU E 194 -33.31 34.72 25.22
C GLU E 194 -32.33 34.06 26.21
N ALA E 195 -32.59 32.78 26.53
CA ALA E 195 -31.78 32.07 27.51
C ALA E 195 -30.37 31.80 26.94
N ILE E 196 -30.35 31.24 25.73
CA ILE E 196 -29.13 30.84 25.02
C ILE E 196 -28.29 32.11 24.76
N SER E 197 -28.97 33.13 24.23
CA SER E 197 -28.37 34.43 23.94
C SER E 197 -27.74 35.03 25.20
N LEU E 198 -28.41 34.89 26.37
CA LEU E 198 -27.86 35.51 27.60
C LEU E 198 -26.63 34.74 28.09
N ALA E 199 -26.67 33.42 27.98
CA ALA E 199 -25.64 32.58 28.57
C ALA E 199 -24.35 32.68 27.73
N LYS E 200 -24.52 32.93 26.43
CA LYS E 200 -23.41 33.05 25.47
C LYS E 200 -22.69 34.38 25.71
N THR E 201 -23.44 35.49 25.63
CA THR E 201 -22.93 36.84 25.85
C THR E 201 -22.18 36.91 27.18
N THR E 202 -22.77 36.30 28.22
CA THR E 202 -22.19 36.31 29.55
C THR E 202 -20.88 35.52 29.51
N PHE E 203 -20.86 34.41 28.75
CA PHE E 203 -19.63 33.58 28.68
C PHE E 203 -18.50 34.28 27.91
N ASP E 204 -18.85 34.87 26.75
CA ASP E 204 -17.86 35.52 25.86
C ASP E 204 -17.27 36.76 26.55
N GLU E 205 -18.15 37.63 27.11
CA GLU E 205 -17.75 38.85 27.82
C GLU E 205 -16.84 38.50 29.00
N ALA E 206 -17.00 37.30 29.57
CA ALA E 206 -16.24 36.89 30.74
C ALA E 206 -14.91 36.26 30.35
N MET E 207 -14.82 35.73 29.13
CA MET E 207 -13.60 35.02 28.68
C MET E 207 -12.47 36.02 28.39
N ALA E 208 -12.78 37.06 27.61
CA ALA E 208 -11.92 38.24 27.42
C ALA E 208 -11.07 38.55 28.67
N ASP E 209 -11.55 38.21 29.88
CA ASP E 209 -10.96 38.73 31.13
C ASP E 209 -10.35 37.63 32.02
N LEU E 210 -10.24 36.38 31.55
CA LEU E 210 -9.79 35.26 32.42
C LEU E 210 -8.44 35.54 33.09
N HIS E 211 -7.60 36.37 32.46
CA HIS E 211 -6.28 36.76 32.99
C HIS E 211 -6.43 37.63 34.24
N THR E 212 -7.41 38.56 34.21
CA THR E 212 -7.59 39.59 35.27
C THR E 212 -8.19 39.00 36.57
N LEU E 213 -8.27 37.67 36.68
CA LEU E 213 -8.96 37.05 37.85
C LEU E 213 -8.05 37.05 39.07
N SER E 214 -8.67 37.22 40.26
CA SER E 214 -8.00 37.37 41.58
C SER E 214 -8.06 36.11 42.46
N GLU E 215 -7.40 36.14 43.61
CA GLU E 215 -7.28 34.99 44.55
C GLU E 215 -8.62 34.48 45.05
N ASP E 216 -9.62 35.35 45.20
CA ASP E 216 -10.95 34.91 45.69
C ASP E 216 -11.84 34.55 44.49
N SER E 217 -12.01 35.48 43.56
CA SER E 217 -12.89 35.24 42.39
C SER E 217 -12.61 33.89 41.71
N TYR E 218 -11.34 33.66 41.35
CA TYR E 218 -10.75 32.50 40.64
C TYR E 218 -11.65 31.25 40.46
N LYS E 219 -11.80 30.44 41.50
CA LYS E 219 -12.54 29.16 41.39
C LYS E 219 -14.00 29.43 41.04
N ASP E 220 -14.65 30.22 41.88
CA ASP E 220 -16.09 30.55 41.74
C ASP E 220 -16.34 31.00 40.30
N SER E 221 -15.59 32.00 39.86
CA SER E 221 -15.78 32.57 38.50
C SER E 221 -15.68 31.52 37.40
N THR E 222 -14.78 30.55 37.51
CA THR E 222 -14.57 29.60 36.38
C THR E 222 -15.64 28.53 36.36
N LEU E 223 -16.09 28.12 37.53
CA LEU E 223 -17.16 27.09 37.60
C LEU E 223 -18.46 27.69 37.07
N ILE E 224 -18.78 28.93 37.42
CA ILE E 224 -20.02 29.48 36.88
C ILE E 224 -19.90 29.54 35.35
N MET E 225 -18.69 29.80 34.87
CA MET E 225 -18.43 29.80 33.43
C MET E 225 -18.66 28.38 32.86
N GLN E 226 -18.23 27.34 33.56
CA GLN E 226 -18.51 25.95 33.14
C GLN E 226 -20.03 25.74 33.04
N LEU E 227 -20.74 26.25 34.06
CA LEU E 227 -22.16 25.98 34.23
C LEU E 227 -22.91 26.63 33.08
N LEU E 228 -22.42 27.80 32.64
CA LEU E 228 -22.96 28.50 31.45
C LEU E 228 -22.79 27.63 30.20
N ARG E 229 -21.60 27.05 30.03
CA ARG E 229 -21.31 26.16 28.87
C ARG E 229 -22.17 24.88 28.97
N ASP E 230 -22.17 24.25 30.16
CA ASP E 230 -22.95 23.01 30.45
C ASP E 230 -24.45 23.24 30.21
N ASN E 231 -25.05 24.24 30.87
CA ASN E 231 -26.46 24.56 30.61
C ASN E 231 -26.64 24.68 29.08
N LEU E 232 -25.73 25.42 28.42
CA LEU E 232 -25.81 25.72 26.96
C LEU E 232 -25.75 24.42 26.12
N THR E 233 -24.93 23.45 26.53
CA THR E 233 -24.93 22.15 25.85
C THR E 233 -26.33 21.54 25.92
N LEU E 234 -26.83 21.38 27.15
CA LEU E 234 -28.15 20.85 27.45
C LEU E 234 -29.22 21.49 26.56
N TRP E 235 -29.10 22.78 26.24
CA TRP E 235 -30.15 23.54 25.45
C TRP E 235 -29.83 23.65 23.93
N THR E 236 -28.93 22.79 23.40
CA THR E 236 -28.64 22.73 21.94
C THR E 236 -28.36 21.28 21.53
N GLY F 1 63.05 -36.43 -34.52
CA GLY F 1 62.70 -35.02 -34.77
C GLY F 1 63.36 -34.10 -33.77
N ALA F 2 63.06 -32.81 -33.89
CA ALA F 2 63.58 -31.78 -33.00
C ALA F 2 63.56 -32.24 -31.55
N MET F 3 62.53 -33.02 -31.15
CA MET F 3 62.27 -33.32 -29.69
C MET F 3 62.82 -34.69 -29.25
N GLY F 4 63.56 -35.40 -30.12
CA GLY F 4 64.01 -36.79 -29.82
C GLY F 4 65.05 -36.91 -28.69
N SER F 5 65.71 -35.81 -28.32
CA SER F 5 66.75 -35.85 -27.26
C SER F 5 66.16 -35.39 -25.92
N MET F 6 64.90 -34.95 -25.95
CA MET F 6 64.28 -34.51 -24.72
C MET F 6 63.45 -35.65 -24.08
N GLU F 7 63.46 -35.67 -22.73
CA GLU F 7 62.71 -36.59 -21.90
C GLU F 7 61.20 -36.30 -22.03
N ARG F 8 60.39 -37.37 -22.08
CA ARG F 8 58.90 -37.25 -22.16
C ARG F 8 58.31 -36.31 -21.09
N ALA F 9 58.66 -36.54 -19.83
CA ALA F 9 58.14 -35.71 -18.73
C ALA F 9 58.52 -34.23 -18.92
N SER F 10 59.72 -33.97 -19.44
CA SER F 10 60.17 -32.63 -19.70
C SER F 10 59.37 -32.02 -20.86
N LEU F 11 59.03 -32.85 -21.87
CA LEU F 11 58.23 -32.35 -23.02
C LEU F 11 56.84 -31.92 -22.55
N ILE F 12 56.24 -32.68 -21.63
CA ILE F 12 54.87 -32.45 -21.05
C ILE F 12 54.85 -31.13 -20.25
N GLN F 13 55.81 -31.02 -19.34
CA GLN F 13 56.13 -29.83 -18.55
C GLN F 13 56.18 -28.61 -19.46
N LYS F 14 56.98 -28.71 -20.53
CA LYS F 14 57.11 -27.61 -21.43
C LYS F 14 55.82 -27.41 -22.23
N ALA F 15 55.11 -28.47 -22.60
CA ALA F 15 53.77 -28.26 -23.20
C ALA F 15 52.94 -27.35 -22.28
N LYS F 16 53.01 -27.60 -20.97
CA LYS F 16 52.15 -26.84 -20.02
C LYS F 16 52.67 -25.41 -19.85
N LEU F 17 53.99 -25.24 -19.91
CA LEU F 17 54.57 -23.92 -19.91
C LEU F 17 54.15 -23.15 -21.17
N ALA F 18 54.28 -23.78 -22.34
CA ALA F 18 53.78 -23.22 -23.64
C ALA F 18 52.33 -22.71 -23.49
N GLU F 19 51.46 -23.52 -22.89
CA GLU F 19 50.08 -23.17 -22.76
C GLU F 19 49.94 -21.90 -21.91
N GLN F 20 50.71 -21.81 -20.82
CA GLN F 20 50.61 -20.64 -19.95
C GLN F 20 51.00 -19.37 -20.71
N ALA F 21 51.99 -19.49 -21.60
CA ALA F 21 52.53 -18.34 -22.30
C ALA F 21 51.76 -18.10 -23.61
N GLU F 22 50.75 -18.93 -23.88
CA GLU F 22 49.94 -18.83 -25.11
C GLU F 22 50.79 -19.01 -26.37
N ARG F 23 51.75 -19.95 -26.30
CA ARG F 23 52.64 -20.27 -27.41
C ARG F 23 52.22 -21.61 -28.01
N TYR F 24 51.19 -21.60 -28.83
CA TYR F 24 50.44 -22.83 -29.15
C TYR F 24 51.23 -23.68 -30.14
N GLU F 25 51.96 -23.05 -31.04
CA GLU F 25 52.82 -23.79 -31.95
C GLU F 25 53.85 -24.60 -31.14
N ASP F 26 54.54 -23.90 -30.23
CA ASP F 26 55.48 -24.51 -29.27
C ASP F 26 54.77 -25.66 -28.54
N MET F 27 53.57 -25.37 -28.06
CA MET F 27 52.85 -26.35 -27.32
C MET F 27 52.70 -27.63 -28.16
N ALA F 28 52.29 -27.48 -29.41
CA ALA F 28 52.01 -28.63 -30.25
C ALA F 28 53.31 -29.40 -30.51
N ALA F 29 54.41 -28.71 -30.77
CA ALA F 29 55.67 -29.37 -31.09
C ALA F 29 56.15 -30.24 -29.92
N PHE F 30 55.99 -29.73 -28.68
CA PHE F 30 56.29 -30.46 -27.43
C PHE F 30 55.40 -31.72 -27.30
N MET F 31 54.09 -31.58 -27.51
CA MET F 31 53.15 -32.70 -27.39
C MET F 31 53.45 -33.76 -28.46
N LYS F 32 53.84 -33.32 -29.66
CA LYS F 32 54.19 -34.21 -30.73
C LYS F 32 55.41 -35.05 -30.32
N GLY F 33 56.42 -34.38 -29.73
CA GLY F 33 57.58 -35.03 -29.11
C GLY F 33 57.14 -36.09 -28.10
N ALA F 34 56.24 -35.73 -27.19
CA ALA F 34 55.78 -36.68 -26.15
C ALA F 34 55.12 -37.92 -26.78
N VAL F 35 54.22 -37.71 -27.75
CA VAL F 35 53.51 -38.78 -28.45
C VAL F 35 54.55 -39.68 -29.15
N GLU F 36 55.59 -39.11 -29.76
CA GLU F 36 56.57 -39.94 -30.52
C GLU F 36 57.47 -40.79 -29.60
N LYS F 37 57.32 -40.66 -28.29
CA LYS F 37 58.04 -41.55 -27.39
C LYS F 37 57.39 -42.93 -27.43
N GLY F 38 56.09 -42.98 -27.80
CA GLY F 38 55.38 -44.22 -28.10
C GLY F 38 54.65 -44.82 -26.90
N GLU F 39 54.58 -44.09 -25.80
CA GLU F 39 53.81 -44.54 -24.66
C GLU F 39 52.43 -43.90 -24.80
N GLU F 40 51.42 -44.51 -24.18
CA GLU F 40 50.06 -43.98 -24.14
C GLU F 40 50.09 -42.56 -23.57
N LEU F 41 49.11 -41.75 -24.00
CA LEU F 41 48.80 -40.49 -23.35
C LEU F 41 47.73 -40.74 -22.27
N SER F 42 47.84 -40.00 -21.18
CA SER F 42 46.81 -39.90 -20.12
C SER F 42 45.66 -39.02 -20.61
N GLU F 44 44.70 -35.96 -19.13
CA GLU F 44 45.40 -34.69 -19.16
C GLU F 44 46.22 -34.50 -20.46
N GLU F 45 47.00 -35.51 -20.85
CA GLU F 45 47.93 -35.40 -21.96
C GLU F 45 47.16 -35.30 -23.28
N ARG F 46 46.06 -36.05 -23.43
CA ARG F 46 45.20 -36.03 -24.62
C ARG F 46 44.69 -34.61 -24.86
N ASN F 47 44.30 -33.99 -23.76
CA ASN F 47 43.70 -32.71 -23.81
C ASN F 47 44.78 -31.65 -24.07
N LEU F 48 46.01 -31.86 -23.60
CA LEU F 48 47.14 -30.94 -23.97
C LEU F 48 47.32 -30.98 -25.50
N LEU F 49 47.34 -32.20 -26.04
CA LEU F 49 47.53 -32.41 -27.47
C LEU F 49 46.40 -31.74 -28.26
N SER F 50 45.18 -31.94 -27.79
CA SER F 50 44.01 -31.43 -28.47
C SER F 50 44.01 -29.89 -28.43
N VAL F 51 44.19 -29.32 -27.26
CA VAL F 51 44.16 -27.88 -27.15
C VAL F 51 45.23 -27.25 -28.06
N ALA F 52 46.44 -27.81 -28.06
CA ALA F 52 47.57 -27.19 -28.75
C ALA F 52 47.30 -27.19 -30.27
N TYR F 53 46.91 -28.33 -30.85
CA TYR F 53 46.69 -28.39 -32.32
C TYR F 53 45.40 -27.65 -32.73
N LYS F 54 44.37 -27.72 -31.89
CA LYS F 54 43.13 -26.97 -32.13
C LYS F 54 43.38 -25.44 -32.20
N ASN F 55 44.17 -24.90 -31.29
CA ASN F 55 44.54 -23.46 -31.32
C ASN F 55 45.39 -23.10 -32.57
N VAL F 56 46.29 -23.98 -33.01
CA VAL F 56 47.12 -23.70 -34.18
C VAL F 56 46.23 -23.65 -35.44
N VAL F 57 45.47 -24.73 -35.69
CA VAL F 57 44.65 -24.88 -36.87
C VAL F 57 43.48 -23.89 -36.79
N GLY F 58 43.02 -23.57 -35.58
CA GLY F 58 41.94 -22.57 -35.39
C GLY F 58 42.33 -21.22 -35.95
N GLY F 59 43.56 -20.77 -35.68
CA GLY F 59 44.07 -19.50 -36.26
C GLY F 59 44.23 -19.58 -37.78
N GLN F 60 44.71 -20.70 -38.26
CA GLN F 60 44.93 -20.82 -39.69
C GLN F 60 43.56 -20.85 -40.40
N ARG F 61 42.54 -21.45 -39.77
CA ARG F 61 41.25 -21.56 -40.41
C ARG F 61 40.63 -20.16 -40.49
N ALA F 62 40.75 -19.40 -39.38
CA ALA F 62 40.22 -18.03 -39.29
C ALA F 62 40.85 -17.14 -40.37
N ALA F 63 42.15 -17.29 -40.56
CA ALA F 63 42.86 -16.50 -41.57
C ALA F 63 42.40 -16.90 -42.97
N TRP F 64 42.32 -18.21 -43.21
CA TRP F 64 41.89 -18.71 -44.50
C TRP F 64 40.49 -18.19 -44.86
N ARG F 65 39.59 -18.17 -43.87
CA ARG F 65 38.23 -17.61 -44.08
C ARG F 65 38.33 -16.11 -44.43
N VAL F 66 39.13 -15.33 -43.68
CA VAL F 66 39.26 -13.87 -43.88
C VAL F 66 39.71 -13.60 -45.32
N LEU F 67 40.75 -14.31 -45.76
CA LEU F 67 41.36 -14.08 -47.05
C LEU F 67 40.44 -14.60 -48.16
N SER F 68 39.82 -15.77 -47.93
CA SER F 68 38.99 -16.46 -48.89
C SER F 68 37.76 -15.60 -49.17
N SER F 69 37.36 -14.82 -48.16
CA SER F 69 36.27 -13.87 -48.22
C SER F 69 36.69 -12.56 -48.94
N ILE F 70 37.92 -12.10 -48.73
CA ILE F 70 38.43 -10.99 -49.53
C ILE F 70 38.60 -11.47 -50.99
N GLU F 71 38.99 -12.74 -51.17
CA GLU F 71 39.15 -13.35 -52.50
C GLU F 71 37.79 -13.39 -53.21
N GLN F 72 36.72 -13.72 -52.47
CA GLN F 72 35.37 -13.74 -53.03
C GLN F 72 35.01 -12.35 -53.59
N LYS F 73 35.12 -11.30 -52.76
CA LYS F 73 34.67 -9.91 -53.05
C LYS F 73 35.30 -9.39 -54.37
N SER F 74 36.60 -9.61 -54.55
CA SER F 74 37.29 -9.29 -55.82
C SER F 74 36.90 -10.34 -56.88
N ASN F 75 35.61 -10.32 -57.24
CA ASN F 75 34.96 -11.36 -58.07
C ASN F 75 33.45 -11.06 -58.16
N GLU F 81 41.00 -5.88 -61.90
CA GLU F 81 41.02 -6.03 -60.45
C GLU F 81 42.44 -5.76 -59.94
N LYS F 82 42.79 -6.36 -58.78
CA LYS F 82 43.98 -6.00 -57.97
C LYS F 82 45.17 -6.93 -58.26
N GLY F 83 44.93 -8.03 -58.99
CA GLY F 83 45.99 -9.00 -59.34
C GLY F 83 45.90 -10.30 -58.54
N PRO F 84 46.95 -11.15 -58.56
CA PRO F 84 46.89 -12.49 -58.00
C PRO F 84 47.17 -12.53 -56.49
N GLU F 85 47.52 -11.37 -55.90
CA GLU F 85 48.02 -11.28 -54.52
C GLU F 85 47.13 -12.03 -53.52
N VAL F 86 45.83 -11.70 -53.43
CA VAL F 86 44.92 -12.34 -52.46
C VAL F 86 44.93 -13.88 -52.67
N ARG F 87 44.82 -14.35 -53.91
CA ARG F 87 44.80 -15.78 -54.15
C ARG F 87 46.11 -16.36 -53.61
N GLU F 88 47.22 -15.73 -53.96
CA GLU F 88 48.54 -16.30 -53.70
C GLU F 88 48.73 -16.49 -52.19
N TYR F 89 48.34 -15.48 -51.40
CA TYR F 89 48.50 -15.50 -49.96
C TYR F 89 47.51 -16.50 -49.35
N ARG F 90 46.29 -16.55 -49.91
CA ARG F 90 45.27 -17.49 -49.41
C ARG F 90 45.82 -18.91 -49.57
N GLU F 91 46.41 -19.18 -50.74
CA GLU F 91 47.02 -20.48 -51.07
C GLU F 91 48.14 -20.84 -50.06
N LYS F 92 48.90 -19.83 -49.66
CA LYS F 92 50.02 -20.06 -48.80
C LYS F 92 49.49 -20.43 -47.40
N VAL F 93 48.45 -19.76 -46.94
CA VAL F 93 47.90 -20.10 -45.62
C VAL F 93 47.26 -21.49 -45.68
N GLU F 94 46.63 -21.80 -46.82
CA GLU F 94 46.00 -23.06 -47.06
C GLU F 94 47.03 -24.19 -46.94
N THR F 95 48.17 -24.03 -47.61
CA THR F 95 49.26 -25.01 -47.59
C THR F 95 49.76 -25.22 -46.16
N GLU F 96 49.88 -24.15 -45.39
CA GLU F 96 50.31 -24.28 -43.96
C GLU F 96 49.26 -25.05 -43.15
N LEU F 97 47.96 -24.67 -43.31
CA LEU F 97 46.83 -25.36 -42.68
C LEU F 97 46.92 -26.86 -42.98
N GLN F 98 47.12 -27.17 -44.27
CA GLN F 98 47.19 -28.57 -44.71
C GLN F 98 48.31 -29.33 -44.00
N GLY F 99 49.44 -28.64 -43.80
CA GLY F 99 50.63 -29.24 -43.20
C GLY F 99 50.36 -29.66 -41.77
N VAL F 100 49.64 -28.81 -41.02
CA VAL F 100 49.34 -29.07 -39.64
C VAL F 100 48.34 -30.25 -39.58
N CYS F 101 47.26 -30.20 -40.37
CA CYS F 101 46.32 -31.30 -40.43
C CYS F 101 47.07 -32.60 -40.76
N ASP F 102 47.93 -32.54 -41.79
CA ASP F 102 48.62 -33.77 -42.20
C ASP F 102 49.48 -34.28 -41.03
N THR F 103 50.04 -33.34 -40.24
CA THR F 103 50.85 -33.69 -39.09
C THR F 103 50.02 -34.43 -38.04
N VAL F 104 48.83 -33.89 -37.76
CA VAL F 104 47.95 -34.46 -36.75
C VAL F 104 47.50 -35.84 -37.23
N LEU F 105 47.13 -35.94 -38.51
CA LEU F 105 46.62 -37.20 -39.05
C LEU F 105 47.70 -38.28 -38.94
N GLY F 106 48.96 -37.92 -39.23
CA GLY F 106 50.12 -38.81 -39.14
C GLY F 106 50.34 -39.33 -37.72
N LEU F 107 50.26 -38.44 -36.74
CA LEU F 107 50.39 -38.84 -35.34
C LEU F 107 49.32 -39.85 -34.98
N LEU F 108 48.05 -39.50 -35.28
CA LEU F 108 46.90 -40.31 -34.88
C LEU F 108 47.09 -41.71 -35.48
N ASP F 109 47.47 -41.74 -36.75
CA ASP F 109 47.59 -43.00 -37.49
C ASP F 109 48.82 -43.80 -37.00
N SER F 110 49.95 -43.12 -36.77
CA SER F 110 51.19 -43.84 -36.50
C SER F 110 51.30 -44.22 -35.03
N HIS F 111 50.72 -43.43 -34.11
CA HIS F 111 50.99 -43.67 -32.68
C HIS F 111 49.75 -43.86 -31.80
N LEU F 112 48.65 -43.15 -32.08
CA LEU F 112 47.62 -42.96 -31.05
C LEU F 112 46.40 -43.89 -31.24
N ILE F 113 46.02 -44.18 -32.49
CA ILE F 113 44.83 -44.96 -32.80
C ILE F 113 45.16 -46.45 -32.71
N LYS F 114 44.60 -47.16 -31.73
CA LYS F 114 44.79 -48.63 -31.58
C LYS F 114 43.43 -49.35 -31.36
N GLU F 115 43.48 -50.69 -31.38
CA GLU F 115 42.37 -51.58 -30.99
C GLU F 115 42.25 -51.65 -29.46
N ALA F 116 43.38 -51.56 -28.76
CA ALA F 116 43.38 -51.71 -27.30
C ALA F 116 42.90 -50.40 -26.63
N GLY F 117 42.76 -50.44 -25.30
CA GLY F 117 42.45 -49.24 -24.56
C GLY F 117 40.96 -48.99 -24.42
N ASP F 118 40.66 -48.05 -23.53
CA ASP F 118 39.34 -47.77 -23.10
C ASP F 118 38.63 -46.96 -24.20
N ALA F 119 37.34 -46.78 -23.99
CA ALA F 119 36.45 -46.23 -24.96
C ALA F 119 36.69 -44.72 -25.10
N GLU F 120 36.86 -44.04 -23.97
CA GLU F 120 37.24 -42.62 -23.94
C GLU F 120 38.32 -42.37 -25.00
N SER F 121 39.43 -43.10 -24.84
CA SER F 121 40.62 -42.82 -25.55
C SER F 121 40.35 -43.07 -27.03
N ARG F 122 39.80 -44.23 -27.36
CA ARG F 122 39.62 -44.64 -28.77
C ARG F 122 38.67 -43.70 -29.53
N VAL F 123 37.61 -43.26 -28.84
CA VAL F 123 36.64 -42.37 -29.41
C VAL F 123 37.28 -41.00 -29.64
N PHE F 124 38.01 -40.54 -28.62
CA PHE F 124 38.70 -39.30 -28.69
C PHE F 124 39.60 -39.24 -29.94
N TYR F 125 40.42 -40.29 -30.19
CA TYR F 125 41.39 -40.24 -31.32
C TYR F 125 40.65 -40.28 -32.65
N LEU F 126 39.65 -41.16 -32.80
CA LEU F 126 38.90 -41.27 -34.03
C LEU F 126 38.12 -39.99 -34.29
N LYS F 127 37.62 -39.30 -33.25
CA LYS F 127 36.89 -38.05 -33.39
C LYS F 127 37.86 -37.02 -33.96
N MET F 128 39.05 -36.96 -33.34
CA MET F 128 40.12 -36.03 -33.76
C MET F 128 40.38 -36.27 -35.25
N LYS F 129 40.46 -37.55 -35.63
CA LYS F 129 40.76 -37.93 -37.00
C LYS F 129 39.66 -37.43 -37.91
N GLY F 130 38.42 -37.48 -37.42
CA GLY F 130 37.27 -36.97 -38.21
C GLY F 130 37.36 -35.47 -38.39
N ASP F 131 37.67 -34.80 -37.29
CA ASP F 131 37.75 -33.34 -37.27
C ASP F 131 38.86 -32.83 -38.22
N TYR F 132 40.04 -33.46 -38.21
CA TYR F 132 41.20 -32.95 -38.99
C TYR F 132 40.98 -33.28 -40.47
N TYR F 133 40.36 -34.41 -40.79
CA TYR F 133 39.93 -34.60 -42.18
C TYR F 133 38.84 -33.57 -42.57
N ARG F 134 37.95 -33.21 -41.63
CA ARG F 134 36.92 -32.17 -41.92
C ARG F 134 37.63 -30.86 -42.30
N TYR F 135 38.67 -30.51 -41.53
CA TYR F 135 39.43 -29.29 -41.81
C TYR F 135 40.07 -29.38 -43.20
N LEU F 136 40.56 -30.56 -43.59
CA LEU F 136 41.09 -30.63 -44.96
C LEU F 136 39.96 -30.39 -45.98
N ALA F 137 38.83 -31.04 -45.72
CA ALA F 137 37.69 -31.03 -46.61
C ALA F 137 37.23 -29.60 -46.90
N GLU F 138 37.33 -28.72 -45.91
CA GLU F 138 36.90 -27.29 -45.95
C GLU F 138 37.64 -26.47 -47.04
N VAL F 139 38.90 -26.83 -47.34
CA VAL F 139 39.71 -26.07 -48.23
C VAL F 139 40.05 -26.89 -49.48
N ALA F 140 39.48 -28.10 -49.62
CA ALA F 140 39.80 -28.98 -50.78
C ALA F 140 38.82 -28.75 -51.95
N THR F 141 39.14 -29.32 -53.11
CA THR F 141 38.25 -29.32 -54.27
C THR F 141 38.36 -30.66 -55.00
N GLY F 142 37.39 -30.95 -55.87
CA GLY F 142 37.45 -32.08 -56.82
C GLY F 142 37.63 -33.45 -56.17
N ASP F 143 38.47 -34.28 -56.78
CA ASP F 143 38.61 -35.68 -56.46
C ASP F 143 39.25 -35.84 -55.07
N ASP F 144 40.24 -34.98 -54.75
CA ASP F 144 40.91 -35.05 -53.45
C ASP F 144 39.82 -34.84 -52.38
N LYS F 145 38.91 -33.87 -52.64
CA LYS F 145 37.90 -33.46 -51.68
C LYS F 145 36.99 -34.65 -51.36
N LYS F 146 36.53 -35.35 -52.42
CA LYS F 146 35.71 -36.55 -52.33
C LYS F 146 36.38 -37.61 -51.42
N ARG F 147 37.68 -37.84 -51.63
CA ARG F 147 38.40 -38.84 -50.85
C ARG F 147 38.48 -38.39 -49.38
N ILE F 148 38.59 -37.07 -49.16
CA ILE F 148 38.78 -36.49 -47.85
C ILE F 148 37.48 -36.62 -47.07
N ILE F 149 36.38 -36.19 -47.71
CA ILE F 149 35.06 -36.31 -47.19
C ILE F 149 34.80 -37.77 -46.78
N ASP F 150 35.06 -38.74 -47.67
CA ASP F 150 34.91 -40.20 -47.35
C ASP F 150 35.76 -40.65 -46.13
N SER F 151 37.02 -40.20 -46.01
CA SER F 151 37.88 -40.48 -44.85
C SER F 151 37.32 -39.86 -43.55
N ALA F 152 36.81 -38.63 -43.62
CA ALA F 152 36.19 -38.00 -42.44
C ALA F 152 35.03 -38.87 -41.92
N ARG F 153 34.12 -39.18 -42.84
CA ARG F 153 32.91 -39.92 -42.55
C ARG F 153 33.21 -41.22 -41.79
N SER F 154 34.13 -42.01 -42.32
CA SER F 154 34.34 -43.35 -41.85
C SER F 154 35.10 -43.34 -40.49
N ALA F 155 35.93 -42.30 -40.25
CA ALA F 155 36.49 -42.08 -38.92
C ALA F 155 35.38 -41.70 -37.94
N TYR F 156 34.52 -40.76 -38.35
CA TYR F 156 33.45 -40.31 -37.46
C TYR F 156 32.52 -41.47 -37.13
N GLN F 157 32.19 -42.28 -38.15
CA GLN F 157 31.20 -43.37 -38.05
C GLN F 157 31.74 -44.46 -37.11
N GLU F 158 33.03 -44.74 -37.21
CA GLU F 158 33.67 -45.72 -36.37
C GLU F 158 33.69 -45.23 -34.92
N ALA F 159 33.91 -43.93 -34.70
CA ALA F 159 33.81 -43.34 -33.34
C ALA F 159 32.37 -43.38 -32.79
N MET F 160 31.38 -43.21 -33.69
CA MET F 160 29.98 -43.19 -33.31
C MET F 160 29.58 -44.58 -32.78
N ASP F 161 29.98 -45.62 -33.53
CA ASP F 161 29.64 -47.02 -33.26
C ASP F 161 30.23 -47.44 -31.90
N ILE F 162 31.48 -47.07 -31.63
CA ILE F 162 32.06 -47.34 -30.34
C ILE F 162 31.33 -46.54 -29.26
N SER F 163 31.13 -45.25 -29.48
CA SER F 163 30.58 -44.42 -28.43
C SER F 163 29.12 -44.84 -28.11
N LYS F 164 28.38 -45.40 -29.08
CA LYS F 164 27.00 -45.82 -28.83
C LYS F 164 26.98 -47.07 -27.93
N LYS F 165 27.99 -47.93 -28.05
CA LYS F 165 28.04 -49.18 -27.30
C LYS F 165 28.71 -49.01 -25.92
N GLU F 166 29.68 -48.08 -25.78
CA GLU F 166 30.64 -48.17 -24.69
C GLU F 166 30.64 -46.93 -23.78
N MET F 167 29.76 -45.94 -24.08
CA MET F 167 29.67 -44.71 -23.32
C MET F 167 28.21 -44.38 -23.11
N PRO F 168 27.84 -43.71 -22.00
CA PRO F 168 26.47 -43.27 -21.80
C PRO F 168 26.19 -42.02 -22.64
N PRO F 169 24.91 -41.75 -22.98
CA PRO F 169 24.55 -40.72 -23.93
C PRO F 169 24.91 -39.28 -23.55
N THR F 170 25.28 -39.06 -22.29
CA THR F 170 25.61 -37.71 -21.80
C THR F 170 27.12 -37.54 -21.59
N ASN F 171 27.91 -38.57 -21.95
CA ASN F 171 29.39 -38.43 -21.97
C ASN F 171 29.77 -37.30 -22.93
N PRO F 172 30.56 -36.32 -22.46
CA PRO F 172 30.79 -35.11 -23.27
C PRO F 172 31.58 -35.36 -24.57
N ILE F 173 32.40 -36.40 -24.56
CA ILE F 173 33.14 -36.82 -25.71
C ILE F 173 32.19 -37.45 -26.71
N ARG F 174 31.29 -38.30 -26.22
CA ARG F 174 30.27 -38.85 -27.09
C ARG F 174 29.48 -37.71 -27.71
N LEU F 175 29.11 -36.70 -26.91
CA LEU F 175 28.27 -35.60 -27.41
C LEU F 175 29.02 -34.72 -28.40
N GLY F 176 30.27 -34.36 -28.06
CA GLY F 176 31.09 -33.50 -28.94
C GLY F 176 31.31 -34.15 -30.30
N LEU F 177 31.53 -35.46 -30.29
CA LEU F 177 31.66 -36.27 -31.51
C LEU F 177 30.38 -36.15 -32.34
N ALA F 178 29.20 -36.38 -31.71
CA ALA F 178 27.90 -36.34 -32.43
C ALA F 178 27.66 -34.92 -32.94
N LEU F 179 28.06 -33.94 -32.15
CA LEU F 179 27.91 -32.57 -32.60
C LEU F 179 28.72 -32.33 -33.89
N ASN F 180 30.03 -32.65 -33.81
CA ASN F 180 30.94 -32.35 -34.92
C ASN F 180 30.55 -33.20 -36.14
N PHE F 181 30.12 -34.45 -35.92
CA PHE F 181 29.62 -35.29 -37.02
C PHE F 181 28.37 -34.67 -37.64
N SER F 182 27.44 -34.13 -36.81
CA SER F 182 26.25 -33.37 -37.33
C SER F 182 26.69 -32.29 -38.34
N VAL F 183 27.71 -31.52 -37.93
CA VAL F 183 28.16 -30.39 -38.67
C VAL F 183 28.81 -30.84 -39.97
N PHE F 184 29.61 -31.89 -39.90
CA PHE F 184 30.17 -32.48 -41.08
C PHE F 184 29.07 -32.79 -42.10
N HIS F 185 28.05 -33.52 -41.64
CA HIS F 185 26.88 -33.87 -42.43
C HIS F 185 26.31 -32.64 -43.12
N TYR F 186 26.06 -31.57 -42.34
CA TYR F 186 25.43 -30.35 -42.81
C TYR F 186 26.39 -29.53 -43.68
N GLU F 187 27.55 -29.14 -43.15
CA GLU F 187 28.38 -28.12 -43.79
C GLU F 187 29.30 -28.73 -44.85
N ILE F 188 29.63 -30.01 -44.74
CA ILE F 188 30.62 -30.62 -45.62
C ILE F 188 29.98 -31.60 -46.60
N ALA F 189 29.13 -32.53 -46.14
CA ALA F 189 28.79 -33.69 -46.98
C ALA F 189 27.44 -33.50 -47.66
N ASN F 190 26.86 -32.30 -47.50
CA ASN F 190 25.63 -31.89 -48.13
C ASN F 190 24.51 -32.90 -47.80
N SER F 191 24.35 -33.17 -46.50
CA SER F 191 23.35 -34.12 -46.02
C SER F 191 22.59 -33.53 -44.83
N PRO F 192 21.77 -32.47 -45.05
CA PRO F 192 21.08 -31.76 -43.97
C PRO F 192 20.11 -32.63 -43.16
N GLU F 193 19.34 -33.45 -43.88
CA GLU F 193 18.48 -34.46 -43.29
C GLU F 193 19.21 -35.14 -42.13
N GLU F 194 20.32 -35.82 -42.48
CA GLU F 194 21.06 -36.69 -41.58
C GLU F 194 21.73 -35.85 -40.48
N ALA F 195 22.12 -34.62 -40.83
CA ALA F 195 22.64 -33.69 -39.89
C ALA F 195 21.58 -33.41 -38.82
N ILE F 196 20.35 -33.12 -39.27
CA ILE F 196 19.25 -32.70 -38.39
C ILE F 196 18.83 -33.89 -37.52
N SER F 197 18.64 -35.05 -38.14
CA SER F 197 18.28 -36.28 -37.40
C SER F 197 19.36 -36.66 -36.37
N LEU F 198 20.65 -36.56 -36.73
CA LEU F 198 21.71 -36.99 -35.82
C LEU F 198 21.67 -36.09 -34.60
N ALA F 199 21.44 -34.80 -34.84
CA ALA F 199 21.54 -33.82 -33.76
C ALA F 199 20.34 -33.93 -32.81
N LYS F 200 19.14 -34.17 -33.37
CA LYS F 200 17.90 -34.36 -32.56
C LYS F 200 18.02 -35.62 -31.68
N THR F 201 18.32 -36.77 -32.30
CA THR F 201 18.51 -38.04 -31.56
C THR F 201 19.53 -37.84 -30.43
N THR F 202 20.65 -37.17 -30.73
CA THR F 202 21.69 -37.02 -29.75
C THR F 202 21.10 -36.23 -28.57
N PHE F 203 20.48 -35.09 -28.88
CA PHE F 203 19.92 -34.18 -27.84
C PHE F 203 18.90 -34.95 -26.98
N ASP F 204 17.96 -35.63 -27.64
CA ASP F 204 16.85 -36.34 -26.95
C ASP F 204 17.45 -37.33 -25.95
N GLU F 205 18.42 -38.15 -26.41
CA GLU F 205 18.95 -39.26 -25.58
C GLU F 205 19.77 -38.69 -24.42
N ALA F 206 20.37 -37.51 -24.62
CA ALA F 206 21.04 -36.86 -23.49
C ALA F 206 20.02 -36.28 -22.50
N MET F 207 18.99 -35.56 -22.97
CA MET F 207 18.06 -34.87 -22.01
C MET F 207 17.40 -35.92 -21.08
N ALA F 208 17.09 -37.09 -21.63
CA ALA F 208 16.47 -38.24 -20.97
C ALA F 208 17.33 -38.83 -19.85
N ASP F 209 18.62 -38.48 -19.78
CA ASP F 209 19.51 -38.94 -18.70
C ASP F 209 20.21 -37.76 -18.03
N LEU F 210 19.68 -36.55 -18.26
CA LEU F 210 20.24 -35.35 -17.65
C LEU F 210 20.45 -35.57 -16.15
N HIS F 211 19.60 -36.41 -15.55
CA HIS F 211 19.58 -36.64 -14.09
C HIS F 211 20.78 -37.44 -13.60
N THR F 212 21.19 -38.47 -14.34
CA THR F 212 22.36 -39.29 -13.92
C THR F 212 23.62 -38.42 -13.89
N LEU F 213 23.77 -37.53 -14.88
CA LEU F 213 24.90 -36.60 -15.13
C LEU F 213 25.67 -36.24 -13.86
N SER F 214 26.97 -36.56 -13.86
CA SER F 214 27.83 -36.26 -12.69
C SER F 214 28.40 -34.85 -12.86
N GLU F 215 28.28 -34.04 -11.81
CA GLU F 215 28.76 -32.62 -11.79
C GLU F 215 30.15 -32.46 -12.43
N ASP F 216 31.05 -33.44 -12.26
CA ASP F 216 32.41 -33.47 -12.86
C ASP F 216 32.35 -33.03 -14.33
N SER F 217 31.46 -33.60 -15.14
CA SER F 217 31.33 -33.15 -16.55
C SER F 217 29.90 -32.67 -16.82
N TYR F 218 29.30 -31.92 -15.88
CA TYR F 218 27.92 -31.39 -16.02
C TYR F 218 27.87 -30.24 -17.02
N LYS F 219 28.70 -29.23 -16.78
CA LYS F 219 28.89 -28.04 -17.58
C LYS F 219 29.05 -28.47 -19.04
N ASP F 220 30.09 -29.29 -19.29
CA ASP F 220 30.47 -29.69 -20.66
C ASP F 220 29.28 -30.36 -21.36
N SER F 221 28.68 -31.37 -20.72
CA SER F 221 27.53 -32.05 -21.34
C SER F 221 26.44 -31.02 -21.70
N THR F 222 26.15 -30.07 -20.80
CA THR F 222 24.99 -29.18 -21.02
C THR F 222 25.34 -28.13 -22.08
N LEU F 223 26.55 -27.60 -22.05
CA LEU F 223 27.08 -26.77 -23.15
C LEU F 223 26.86 -27.48 -24.51
N ILE F 224 27.38 -28.70 -24.65
CA ILE F 224 27.31 -29.34 -25.95
C ILE F 224 25.82 -29.52 -26.32
N MET F 225 25.01 -29.91 -25.34
CA MET F 225 23.58 -30.08 -25.59
C MET F 225 22.99 -28.76 -26.16
N GLN F 226 23.38 -27.62 -25.58
CA GLN F 226 22.97 -26.30 -26.07
C GLN F 226 23.47 -26.08 -27.53
N LEU F 227 24.71 -26.48 -27.81
CA LEU F 227 25.26 -26.29 -29.18
C LEU F 227 24.47 -27.11 -30.19
N LEU F 228 23.99 -28.30 -29.81
CA LEU F 228 23.15 -29.11 -30.74
C LEU F 228 21.86 -28.35 -31.07
N ARG F 229 21.33 -27.64 -30.08
CA ARG F 229 20.10 -26.85 -30.21
C ARG F 229 20.32 -25.68 -31.17
N ASP F 230 21.40 -24.92 -30.92
CA ASP F 230 21.75 -23.72 -31.70
C ASP F 230 21.92 -24.11 -33.17
N ASN F 231 22.59 -25.25 -33.41
CA ASN F 231 22.80 -25.78 -34.75
C ASN F 231 21.45 -26.18 -35.35
N LEU F 232 20.66 -26.95 -34.59
CA LEU F 232 19.31 -27.30 -35.01
C LEU F 232 18.48 -26.04 -35.33
N THR F 233 18.71 -24.94 -34.61
CA THR F 233 18.07 -23.65 -34.93
C THR F 233 18.59 -23.09 -36.25
N LEU F 234 19.92 -22.99 -36.42
CA LEU F 234 20.50 -22.48 -37.69
C LEU F 234 19.90 -23.20 -38.90
N TRP F 235 19.62 -24.53 -38.79
CA TRP F 235 19.33 -25.45 -39.92
C TRP F 235 17.81 -25.68 -40.09
N THR F 236 17.00 -25.00 -39.25
CA THR F 236 15.52 -24.90 -39.40
C THR F 236 15.00 -23.77 -38.49
N GLY G 1 -57.58 32.99 29.66
CA GLY G 1 -58.05 31.74 30.33
C GLY G 1 -59.44 31.37 29.85
N ALA G 2 -60.28 30.89 30.77
CA ALA G 2 -61.48 30.13 30.41
C ALA G 2 -62.56 30.99 29.72
N MET G 3 -62.55 32.33 29.92
CA MET G 3 -63.49 33.26 29.28
C MET G 3 -62.88 33.92 28.04
N GLY G 4 -61.67 33.53 27.69
CA GLY G 4 -60.90 34.12 26.59
C GLY G 4 -61.55 34.02 25.22
N SER G 5 -62.44 33.03 25.00
CA SER G 5 -63.07 32.91 23.72
C SER G 5 -64.41 33.65 23.66
N MET G 6 -64.91 34.20 24.79
CA MET G 6 -66.23 34.85 24.79
C MET G 6 -66.13 36.35 24.51
N GLU G 7 -67.04 36.88 23.70
CA GLU G 7 -67.18 38.32 23.47
C GLU G 7 -67.39 39.08 24.78
N ARG G 8 -66.77 40.26 24.89
CA ARG G 8 -66.92 41.14 26.06
C ARG G 8 -68.40 41.37 26.39
N ALA G 9 -69.20 41.75 25.38
CA ALA G 9 -70.64 42.13 25.63
C ALA G 9 -71.45 40.92 26.08
N SER G 10 -71.02 39.72 25.68
CA SER G 10 -71.69 38.52 26.10
C SER G 10 -71.35 38.14 27.55
N LEU G 11 -70.09 38.33 27.95
CA LEU G 11 -69.69 38.15 29.35
C LEU G 11 -70.46 39.10 30.29
N ILE G 12 -70.63 40.36 29.89
CA ILE G 12 -71.38 41.39 30.67
C ILE G 12 -72.86 40.96 30.81
N GLN G 13 -73.45 40.51 29.71
CA GLN G 13 -74.83 40.02 29.67
C GLN G 13 -74.95 38.78 30.58
N LYS G 14 -74.00 37.85 30.53
CA LYS G 14 -74.11 36.67 31.37
C LYS G 14 -73.88 36.99 32.86
N ALA G 15 -73.02 37.95 33.20
CA ALA G 15 -72.93 38.42 34.62
C ALA G 15 -74.27 38.94 35.10
N LYS G 16 -74.95 39.71 34.26
CA LYS G 16 -76.27 40.21 34.63
C LYS G 16 -77.25 39.06 34.86
N LEU G 17 -77.22 38.05 33.97
CA LEU G 17 -78.05 36.86 34.12
C LEU G 17 -77.69 36.15 35.43
N ALA G 18 -76.39 36.05 35.74
CA ALA G 18 -75.90 35.38 36.93
C ALA G 18 -76.44 36.06 38.18
N GLU G 19 -76.40 37.39 38.19
CA GLU G 19 -76.97 38.14 39.28
C GLU G 19 -78.47 37.77 39.42
N GLN G 20 -79.22 37.78 38.32
CA GLN G 20 -80.66 37.50 38.39
C GLN G 20 -80.90 36.11 38.98
N ALA G 21 -79.98 35.17 38.75
CA ALA G 21 -80.15 33.83 39.18
C ALA G 21 -79.51 33.61 40.57
N GLU G 22 -78.92 34.66 41.14
CA GLU G 22 -78.23 34.63 42.44
C GLU G 22 -77.03 33.66 42.40
N ARG G 23 -76.38 33.56 41.24
CA ARG G 23 -75.19 32.72 41.03
C ARG G 23 -73.93 33.60 41.04
N TYR G 24 -73.49 33.98 42.23
CA TYR G 24 -72.51 35.02 42.44
C TYR G 24 -71.11 34.57 41.99
N GLU G 25 -70.80 33.29 42.06
CA GLU G 25 -69.48 32.76 41.50
C GLU G 25 -69.41 32.85 39.98
N ASP G 26 -70.45 32.37 39.30
CA ASP G 26 -70.60 32.59 37.86
C ASP G 26 -70.48 34.10 37.52
N MET G 27 -71.12 34.92 38.35
CA MET G 27 -71.16 36.34 38.13
C MET G 27 -69.74 36.91 38.20
N ALA G 28 -68.98 36.53 39.22
CA ALA G 28 -67.57 36.97 39.36
C ALA G 28 -66.69 36.45 38.23
N ALA G 29 -66.87 35.18 37.85
CA ALA G 29 -66.03 34.58 36.78
C ALA G 29 -66.23 35.37 35.47
N PHE G 30 -67.47 35.74 35.18
CA PHE G 30 -67.84 36.45 33.97
C PHE G 30 -67.24 37.88 34.01
N MET G 31 -67.33 38.52 35.17
CA MET G 31 -66.84 39.90 35.23
C MET G 31 -65.31 39.92 35.10
N LYS G 32 -64.63 38.91 35.66
CA LYS G 32 -63.19 38.77 35.52
C LYS G 32 -62.81 38.61 34.04
N GLY G 33 -63.50 37.74 33.30
CA GLY G 33 -63.32 37.63 31.85
C GLY G 33 -63.42 38.99 31.13
N ALA G 34 -64.44 39.78 31.51
CA ALA G 34 -64.67 41.06 30.87
C ALA G 34 -63.51 42.00 31.20
N VAL G 35 -63.14 42.04 32.48
CA VAL G 35 -61.99 42.83 32.84
C VAL G 35 -60.78 42.40 32.01
N GLU G 36 -60.62 41.09 31.79
CA GLU G 36 -59.39 40.59 31.12
C GLU G 36 -59.37 40.95 29.63
N LYS G 37 -60.45 41.52 29.08
CA LYS G 37 -60.42 42.08 27.72
C LYS G 37 -59.52 43.34 27.62
N GLY G 38 -59.27 44.04 28.74
CA GLY G 38 -58.34 45.17 28.77
C GLY G 38 -59.01 46.52 28.48
N GLU G 39 -60.33 46.56 28.36
CA GLU G 39 -61.04 47.81 28.19
C GLU G 39 -61.54 48.28 29.57
N GLU G 40 -61.63 49.60 29.72
CA GLU G 40 -62.12 50.24 30.96
C GLU G 40 -63.57 49.78 31.21
N LEU G 41 -63.91 49.66 32.50
CA LEU G 41 -65.26 49.35 32.92
C LEU G 41 -66.07 50.65 33.04
N SER G 42 -67.30 50.62 32.55
CA SER G 42 -68.28 51.65 32.85
C SER G 42 -68.69 51.62 34.33
N GLU G 44 -71.69 51.12 35.57
CA GLU G 44 -72.55 49.96 35.72
C GLU G 44 -71.70 48.67 35.84
N GLU G 45 -70.63 48.57 35.05
CA GLU G 45 -69.78 47.37 34.99
C GLU G 45 -68.99 47.24 36.31
N ARG G 46 -68.42 48.35 36.79
CA ARG G 46 -67.73 48.46 38.08
C ARG G 46 -68.62 47.86 39.18
N ASN G 47 -69.89 48.25 39.19
CA ASN G 47 -70.84 47.83 40.17
C ASN G 47 -71.16 46.33 40.01
N LEU G 48 -71.20 45.79 38.79
CA LEU G 48 -71.38 44.32 38.60
C LEU G 48 -70.17 43.55 39.15
N LEU G 49 -68.96 44.08 39.01
CA LEU G 49 -67.73 43.43 39.54
C LEU G 49 -67.75 43.42 41.09
N SER G 50 -68.07 44.57 41.67
CA SER G 50 -68.11 44.72 43.11
C SER G 50 -69.14 43.78 43.72
N VAL G 51 -70.37 43.82 43.21
CA VAL G 51 -71.46 43.01 43.76
C VAL G 51 -71.10 41.51 43.68
N ALA G 52 -70.57 41.07 42.54
CA ALA G 52 -70.22 39.64 42.40
C ALA G 52 -69.19 39.23 43.46
N TYR G 53 -68.10 39.98 43.55
CA TYR G 53 -67.02 39.55 44.42
C TYR G 53 -67.43 39.68 45.90
N LYS G 54 -68.20 40.72 46.23
CA LYS G 54 -68.65 41.02 47.57
C LYS G 54 -69.54 39.91 48.07
N ASN G 55 -70.44 39.42 47.21
CA ASN G 55 -71.27 38.31 47.60
C ASN G 55 -70.45 37.04 47.88
N VAL G 56 -69.41 36.76 47.08
CA VAL G 56 -68.65 35.53 47.21
C VAL G 56 -67.84 35.60 48.51
N VAL G 57 -67.03 36.66 48.64
CA VAL G 57 -66.18 36.82 49.78
C VAL G 57 -67.02 37.01 51.05
N GLY G 58 -68.22 37.58 50.90
CA GLY G 58 -69.13 37.81 52.03
C GLY G 58 -69.64 36.50 52.63
N GLY G 59 -70.07 35.57 51.76
CA GLY G 59 -70.41 34.19 52.18
C GLY G 59 -69.26 33.51 52.92
N GLN G 60 -68.04 33.75 52.45
CA GLN G 60 -66.86 33.09 52.95
C GLN G 60 -66.44 33.66 54.31
N ARG G 61 -66.47 34.98 54.47
CA ARG G 61 -66.20 35.64 55.74
C ARG G 61 -67.18 35.15 56.82
N ALA G 62 -68.48 35.12 56.48
CA ALA G 62 -69.50 34.67 57.41
C ALA G 62 -69.22 33.23 57.88
N ALA G 63 -68.88 32.34 56.95
CA ALA G 63 -68.62 30.92 57.30
C ALA G 63 -67.35 30.82 58.15
N TRP G 64 -66.33 31.61 57.83
CA TRP G 64 -65.12 31.62 58.62
C TRP G 64 -65.48 31.98 60.07
N ARG G 65 -66.32 33.00 60.22
CA ARG G 65 -66.62 33.53 61.51
C ARG G 65 -67.39 32.48 62.29
N VAL G 66 -68.33 31.79 61.64
CA VAL G 66 -69.05 30.67 62.30
C VAL G 66 -68.04 29.63 62.82
N LEU G 67 -67.16 29.16 61.94
CA LEU G 67 -66.27 28.09 62.28
C LEU G 67 -65.31 28.56 63.37
N SER G 68 -64.66 29.72 63.19
CA SER G 68 -63.75 30.29 64.22
C SER G 68 -64.42 30.29 65.58
N SER G 69 -65.68 30.73 65.59
CA SER G 69 -66.44 30.77 66.79
C SER G 69 -66.44 29.40 67.47
N ILE G 70 -66.86 28.37 66.73
CA ILE G 70 -66.94 27.04 67.26
C ILE G 70 -65.53 26.62 67.71
N GLU G 71 -64.53 26.85 66.85
CA GLU G 71 -63.15 26.56 67.17
C GLU G 71 -62.81 27.13 68.55
N GLN G 72 -63.05 28.44 68.77
CA GLN G 72 -62.77 29.09 70.06
C GLN G 72 -63.64 28.51 71.18
N LYS G 73 -64.96 28.38 70.97
CA LYS G 73 -65.87 27.86 72.03
C LYS G 73 -65.40 26.45 72.47
N SER G 74 -65.08 25.60 71.47
CA SER G 74 -64.58 24.24 71.69
C SER G 74 -63.22 24.24 72.41
N ASN G 75 -62.54 25.40 72.46
CA ASN G 75 -61.27 25.56 73.19
C ASN G 75 -61.43 26.49 74.42
N GLU G 76 -62.63 26.56 75.02
CA GLU G 76 -62.85 27.35 76.25
C GLU G 76 -62.10 26.67 77.42
N LYS G 82 -59.88 18.38 71.58
CA LYS G 82 -60.75 17.25 71.30
C LYS G 82 -61.03 17.20 69.78
N GLY G 83 -59.99 17.00 68.97
CA GLY G 83 -60.15 16.67 67.54
C GLY G 83 -59.78 17.85 66.62
N PRO G 84 -59.05 17.56 65.51
CA PRO G 84 -58.59 18.60 64.60
C PRO G 84 -59.65 19.15 63.64
N GLU G 85 -60.85 18.57 63.63
CA GLU G 85 -61.74 18.75 62.47
C GLU G 85 -62.24 20.21 62.34
N VAL G 86 -62.59 20.88 63.44
CA VAL G 86 -63.09 22.24 63.36
C VAL G 86 -62.01 23.14 62.75
N ARG G 87 -60.78 22.96 63.22
CA ARG G 87 -59.68 23.75 62.75
C ARG G 87 -59.45 23.45 61.26
N GLU G 88 -59.52 22.19 60.86
CA GLU G 88 -59.17 21.84 59.49
C GLU G 88 -60.21 22.49 58.58
N TYR G 89 -61.48 22.48 58.98
CA TYR G 89 -62.49 22.99 58.08
C TYR G 89 -62.35 24.52 58.03
N ARG G 90 -62.06 25.12 59.19
CA ARG G 90 -61.86 26.53 59.23
C ARG G 90 -60.71 26.92 58.30
N GLU G 91 -59.61 26.17 58.32
CA GLU G 91 -58.45 26.41 57.46
C GLU G 91 -58.81 26.28 55.97
N LYS G 92 -59.75 25.39 55.64
CA LYS G 92 -60.12 25.17 54.28
C LYS G 92 -60.85 26.40 53.75
N VAL G 93 -61.84 26.87 54.51
CA VAL G 93 -62.61 28.05 54.19
C VAL G 93 -61.68 29.27 54.15
N GLU G 94 -60.70 29.31 55.06
CA GLU G 94 -59.68 30.38 55.12
C GLU G 94 -58.98 30.44 53.77
N THR G 95 -58.61 29.27 53.25
CA THR G 95 -57.70 29.20 52.10
C THR G 95 -58.44 29.63 50.82
N GLU G 96 -59.70 29.21 50.70
CA GLU G 96 -60.58 29.64 49.66
C GLU G 96 -60.78 31.17 49.65
N LEU G 97 -61.14 31.75 50.79
CA LEU G 97 -61.30 33.23 51.02
C LEU G 97 -60.05 33.99 50.58
N GLN G 98 -58.89 33.49 51.01
CA GLN G 98 -57.63 34.04 50.56
C GLN G 98 -57.48 33.97 49.02
N GLY G 99 -57.88 32.85 48.38
CA GLY G 99 -57.89 32.68 46.92
C GLY G 99 -58.72 33.74 46.16
N VAL G 100 -59.93 34.03 46.65
CA VAL G 100 -60.80 35.03 46.05
C VAL G 100 -60.19 36.42 46.26
N CYS G 101 -59.63 36.70 47.44
CA CYS G 101 -59.02 38.00 47.70
C CYS G 101 -57.81 38.24 46.77
N ASP G 102 -56.97 37.21 46.62
CA ASP G 102 -55.79 37.30 45.76
C ASP G 102 -56.21 37.50 44.30
N THR G 103 -57.30 36.81 43.88
CA THR G 103 -57.86 36.98 42.54
C THR G 103 -58.20 38.46 42.28
N VAL G 104 -58.88 39.07 43.23
CA VAL G 104 -59.42 40.42 43.11
C VAL G 104 -58.25 41.41 43.09
N LEU G 105 -57.29 41.22 43.99
CA LEU G 105 -56.11 42.05 44.10
C LEU G 105 -55.28 41.93 42.82
N GLY G 106 -55.22 40.73 42.27
CA GLY G 106 -54.57 40.49 41.01
C GLY G 106 -55.19 41.30 39.90
N LEU G 107 -56.52 41.31 39.85
CA LEU G 107 -57.27 42.01 38.82
C LEU G 107 -57.08 43.52 38.96
N LEU G 108 -57.18 44.03 40.19
CA LEU G 108 -56.93 45.41 40.50
C LEU G 108 -55.55 45.85 40.02
N ASP G 109 -54.50 45.12 40.40
CA ASP G 109 -53.15 45.53 40.07
C ASP G 109 -52.86 45.32 38.57
N SER G 110 -53.34 44.23 37.98
CA SER G 110 -52.98 43.87 36.62
C SER G 110 -53.74 44.73 35.63
N HIS G 111 -54.99 45.08 35.93
CA HIS G 111 -55.87 45.65 34.94
C HIS G 111 -56.56 46.95 35.36
N LEU G 112 -57.04 47.09 36.62
CA LEU G 112 -58.02 48.15 36.93
C LEU G 112 -57.37 49.42 37.49
N ILE G 113 -56.34 49.31 38.32
CA ILE G 113 -55.69 50.47 38.94
C ILE G 113 -54.71 51.11 37.95
N LYS G 114 -55.06 52.31 37.47
CA LYS G 114 -54.36 53.02 36.40
C LYS G 114 -54.37 54.52 36.77
N GLU G 115 -53.59 55.30 36.03
CA GLU G 115 -53.49 56.76 36.15
C GLU G 115 -54.68 57.43 35.44
N ALA G 116 -55.16 56.80 34.36
CA ALA G 116 -56.31 57.21 33.55
C ALA G 116 -57.64 57.14 34.33
N GLY G 117 -58.67 57.76 33.77
CA GLY G 117 -60.05 57.63 34.24
C GLY G 117 -60.45 58.76 35.19
N ASP G 118 -61.74 58.91 35.40
CA ASP G 118 -62.24 59.90 36.33
C ASP G 118 -61.78 59.50 37.74
N ALA G 119 -61.87 60.48 38.64
CA ALA G 119 -61.50 60.39 40.04
C ALA G 119 -62.33 59.30 40.73
N GLU G 120 -63.60 59.19 40.35
CA GLU G 120 -64.54 58.21 40.89
C GLU G 120 -63.98 56.79 40.62
N SER G 121 -63.56 56.53 39.38
CA SER G 121 -63.11 55.21 39.03
C SER G 121 -61.81 54.92 39.77
N ARG G 122 -60.94 55.91 39.88
CA ARG G 122 -59.64 55.72 40.48
C ARG G 122 -59.80 55.40 41.97
N VAL G 123 -60.74 56.10 42.63
CA VAL G 123 -60.96 55.96 44.04
C VAL G 123 -61.62 54.59 44.28
N PHE G 124 -62.67 54.31 43.51
CA PHE G 124 -63.36 53.05 43.61
C PHE G 124 -62.39 51.85 43.59
N TYR G 125 -61.42 51.82 42.68
CA TYR G 125 -60.49 50.65 42.60
C TYR G 125 -59.52 50.65 43.78
N LEU G 126 -59.01 51.82 44.21
CA LEU G 126 -58.06 51.84 45.31
C LEU G 126 -58.76 51.47 46.63
N LYS G 127 -60.01 51.91 46.81
CA LYS G 127 -60.82 51.46 47.95
C LYS G 127 -61.03 49.93 47.95
N MET G 128 -61.48 49.38 46.82
CA MET G 128 -61.60 47.90 46.66
C MET G 128 -60.28 47.23 47.10
N LYS G 129 -59.15 47.72 46.62
CA LYS G 129 -57.85 47.21 46.98
C LYS G 129 -57.65 47.26 48.50
N GLY G 130 -58.13 48.34 49.13
CA GLY G 130 -58.10 48.50 50.60
C GLY G 130 -58.96 47.46 51.29
N ASP G 131 -60.19 47.32 50.79
CA ASP G 131 -61.16 46.39 51.25
C ASP G 131 -60.64 44.95 51.21
N TYR G 132 -60.04 44.52 50.11
CA TYR G 132 -59.70 43.10 49.97
C TYR G 132 -58.43 42.77 50.77
N TYR G 133 -57.51 43.72 50.90
CA TYR G 133 -56.40 43.48 51.84
C TYR G 133 -56.98 43.40 53.27
N ARG G 134 -58.05 44.14 53.53
CA ARG G 134 -58.63 44.15 54.86
C ARG G 134 -59.17 42.77 55.19
N TYR G 135 -59.89 42.16 54.26
CA TYR G 135 -60.42 40.81 54.47
C TYR G 135 -59.26 39.81 54.70
N LEU G 136 -58.11 40.01 54.06
CA LEU G 136 -57.02 39.13 54.30
C LEU G 136 -56.46 39.39 55.71
N ALA G 137 -56.40 40.66 56.12
CA ALA G 137 -55.92 41.07 57.45
C ALA G 137 -56.75 40.40 58.53
N GLU G 138 -58.05 40.22 58.28
CA GLU G 138 -59.01 39.61 59.23
C GLU G 138 -58.68 38.14 59.55
N VAL G 139 -57.85 37.45 58.75
CA VAL G 139 -57.57 36.05 58.91
C VAL G 139 -56.06 35.80 58.99
N ALA G 140 -55.20 36.82 58.86
CA ALA G 140 -53.70 36.61 58.90
C ALA G 140 -53.19 36.68 60.36
N THR G 141 -51.95 36.24 60.62
CA THR G 141 -51.46 36.08 62.04
C THR G 141 -50.14 36.81 62.35
N GLY G 142 -49.15 36.82 61.46
CA GLY G 142 -47.78 37.13 61.95
C GLY G 142 -47.09 38.24 61.17
N ASP G 143 -45.88 37.93 60.68
CA ASP G 143 -45.13 38.75 59.77
C ASP G 143 -46.02 39.15 58.57
N ASP G 144 -46.87 38.21 58.11
CA ASP G 144 -47.72 38.40 56.94
C ASP G 144 -48.82 39.43 57.27
N LYS G 145 -49.38 39.35 58.49
CA LYS G 145 -50.43 40.27 58.91
C LYS G 145 -49.96 41.72 58.81
N LYS G 146 -48.76 42.03 59.32
CA LYS G 146 -48.17 43.38 59.25
C LYS G 146 -48.08 43.87 57.81
N ARG G 147 -47.42 43.11 56.92
CA ARG G 147 -47.34 43.46 55.47
C ARG G 147 -48.74 43.84 54.95
N ILE G 148 -49.75 42.98 55.19
CA ILE G 148 -51.12 43.11 54.65
C ILE G 148 -51.75 44.40 55.17
N ILE G 149 -51.50 44.69 56.45
CA ILE G 149 -52.12 45.80 57.11
C ILE G 149 -51.57 47.08 56.49
N ASP G 150 -50.24 47.12 56.29
CA ASP G 150 -49.53 48.23 55.64
C ASP G 150 -50.00 48.38 54.17
N SER G 151 -50.24 47.26 53.48
CA SER G 151 -50.72 47.30 52.12
C SER G 151 -52.10 47.94 52.09
N ALA G 152 -52.96 47.56 53.05
CA ALA G 152 -54.34 48.05 53.12
C ALA G 152 -54.34 49.55 53.43
N ARG G 153 -53.76 49.94 54.57
CA ARG G 153 -53.51 51.34 54.94
C ARG G 153 -53.12 52.18 53.69
N SER G 154 -52.09 51.74 52.97
CA SER G 154 -51.48 52.52 51.88
C SER G 154 -52.43 52.65 50.66
N ALA G 155 -53.27 51.63 50.40
CA ALA G 155 -54.29 51.76 49.36
C ALA G 155 -55.38 52.76 49.81
N TYR G 156 -55.85 52.63 51.05
CA TYR G 156 -56.92 53.48 51.56
C TYR G 156 -56.52 54.95 51.56
N GLN G 157 -55.28 55.23 51.95
CA GLN G 157 -54.74 56.56 52.05
C GLN G 157 -54.60 57.16 50.65
N GLU G 158 -54.16 56.35 49.65
CA GLU G 158 -53.97 56.88 48.29
C GLU G 158 -55.34 57.32 47.79
N ALA G 159 -56.35 56.49 48.08
CA ALA G 159 -57.71 56.73 47.68
C ALA G 159 -58.26 57.95 48.41
N MET G 160 -57.93 58.09 49.70
CA MET G 160 -58.38 59.25 50.53
C MET G 160 -57.88 60.56 49.88
N ASP G 161 -56.62 60.59 49.51
CA ASP G 161 -55.97 61.74 48.89
C ASP G 161 -56.70 62.18 47.61
N ILE G 162 -56.99 61.22 46.73
CA ILE G 162 -57.69 61.52 45.50
C ILE G 162 -59.11 61.94 45.83
N SER G 163 -59.75 61.32 46.82
CA SER G 163 -61.16 61.64 47.06
C SER G 163 -61.32 63.08 47.62
N LYS G 164 -60.27 63.62 48.27
CA LYS G 164 -60.33 64.98 48.92
C LYS G 164 -59.92 66.10 47.94
N LYS G 165 -58.88 65.86 47.13
CA LYS G 165 -58.54 66.74 46.03
C LYS G 165 -59.67 66.81 44.97
N GLU G 166 -60.43 65.74 44.71
CA GLU G 166 -61.15 65.67 43.40
C GLU G 166 -62.65 65.35 43.48
N MET G 167 -63.24 65.15 44.65
CA MET G 167 -64.70 64.76 44.68
C MET G 167 -65.44 65.60 45.72
N PRO G 168 -66.77 65.81 45.63
CA PRO G 168 -67.49 66.51 46.71
C PRO G 168 -67.35 65.68 47.99
N PRO G 169 -67.60 66.25 49.18
CA PRO G 169 -67.39 65.53 50.45
C PRO G 169 -68.57 64.59 50.72
N THR G 170 -69.61 64.70 49.87
CA THR G 170 -70.84 63.94 49.97
C THR G 170 -70.94 62.87 48.87
N ASN G 171 -69.93 62.77 47.99
CA ASN G 171 -69.92 61.73 46.98
C ASN G 171 -69.96 60.37 47.68
N PRO G 172 -70.86 59.45 47.27
CA PRO G 172 -71.00 58.13 47.92
C PRO G 172 -69.71 57.32 48.03
N ILE G 173 -68.87 57.38 47.00
CA ILE G 173 -67.69 56.59 46.96
C ILE G 173 -66.63 57.21 47.86
N ARG G 174 -66.66 58.53 48.03
CA ARG G 174 -65.77 59.14 48.98
C ARG G 174 -66.12 58.74 50.41
N LEU G 175 -67.42 58.57 50.66
CA LEU G 175 -67.95 58.32 51.98
C LEU G 175 -67.74 56.85 52.34
N GLY G 176 -68.30 55.98 51.48
CA GLY G 176 -68.05 54.55 51.47
C GLY G 176 -66.60 54.27 51.76
N LEU G 177 -65.71 55.03 51.11
CA LEU G 177 -64.29 54.84 51.31
C LEU G 177 -63.92 55.15 52.75
N ALA G 178 -64.46 56.26 53.25
CA ALA G 178 -64.09 56.77 54.55
C ALA G 178 -64.70 55.87 55.63
N LEU G 179 -65.97 55.49 55.47
CA LEU G 179 -66.57 54.45 56.33
C LEU G 179 -65.56 53.30 56.52
N ASN G 180 -65.34 52.54 55.43
CA ASN G 180 -64.48 51.35 55.41
C ASN G 180 -63.09 51.68 55.95
N PHE G 181 -62.53 52.83 55.61
CA PHE G 181 -61.16 53.11 56.13
C PHE G 181 -61.22 53.26 57.66
N SER G 182 -62.34 53.80 58.19
CA SER G 182 -62.42 54.07 59.64
C SER G 182 -62.57 52.73 60.38
N VAL G 183 -63.37 51.83 59.81
CA VAL G 183 -63.57 50.53 60.37
C VAL G 183 -62.24 49.80 60.46
N PHE G 184 -61.42 49.94 59.42
CA PHE G 184 -60.10 49.35 59.39
C PHE G 184 -59.27 49.84 60.58
N HIS G 185 -59.23 51.16 60.78
CA HIS G 185 -58.52 51.81 61.91
C HIS G 185 -58.99 51.20 63.24
N TYR G 186 -60.31 51.08 63.41
CA TYR G 186 -60.88 50.56 64.62
C TYR G 186 -60.60 49.05 64.78
N GLU G 187 -61.02 48.24 63.80
CA GLU G 187 -61.14 46.80 63.93
C GLU G 187 -59.84 46.05 63.54
N ILE G 188 -58.94 46.69 62.80
CA ILE G 188 -57.79 45.95 62.25
C ILE G 188 -56.48 46.56 62.75
N ALA G 189 -56.34 47.88 62.65
CA ALA G 189 -55.06 48.53 62.89
C ALA G 189 -54.94 49.02 64.34
N ASN G 190 -55.94 48.67 65.17
CA ASN G 190 -55.91 48.84 66.61
C ASN G 190 -55.72 50.32 66.99
N SER G 191 -56.01 51.23 66.06
CA SER G 191 -55.98 52.68 66.31
C SER G 191 -57.42 53.20 66.34
N PRO G 192 -58.13 53.15 67.48
CA PRO G 192 -59.52 53.61 67.54
C PRO G 192 -59.70 55.13 67.62
N GLU G 193 -58.68 55.87 68.08
CA GLU G 193 -58.71 57.33 68.09
C GLU G 193 -58.79 57.80 66.62
N GLU G 194 -57.75 57.44 65.86
CA GLU G 194 -57.63 57.58 64.38
C GLU G 194 -58.96 57.27 63.67
N ALA G 195 -59.65 56.19 64.12
CA ALA G 195 -60.93 55.73 63.59
C ALA G 195 -62.03 56.75 63.87
N ILE G 196 -62.18 57.11 65.15
CA ILE G 196 -63.21 58.04 65.66
C ILE G 196 -63.09 59.38 64.90
N SER G 197 -61.88 59.94 64.91
CA SER G 197 -61.55 61.13 64.13
C SER G 197 -62.18 61.08 62.73
N LEU G 198 -61.69 60.15 61.90
CA LEU G 198 -62.08 59.99 60.48
C LEU G 198 -63.61 59.91 60.33
N ALA G 199 -64.26 59.10 61.15
CA ALA G 199 -65.71 58.88 61.03
C ALA G 199 -66.49 60.17 61.37
N LYS G 200 -65.86 61.08 62.15
CA LYS G 200 -66.47 62.35 62.59
C LYS G 200 -66.14 63.46 61.60
N THR G 201 -64.84 63.74 61.42
CA THR G 201 -64.34 64.62 60.35
C THR G 201 -65.10 64.37 59.02
N THR G 202 -65.34 63.09 58.66
CA THR G 202 -66.09 62.73 57.40
C THR G 202 -67.58 63.10 57.51
N PHE G 203 -68.22 62.74 58.63
CA PHE G 203 -69.65 63.01 58.86
C PHE G 203 -69.95 64.50 58.81
N ASP G 204 -69.09 65.30 59.44
CA ASP G 204 -69.30 66.75 59.58
C ASP G 204 -69.20 67.38 58.20
N GLU G 205 -68.01 67.24 57.62
CA GLU G 205 -67.70 67.81 56.30
C GLU G 205 -68.81 67.44 55.31
N ALA G 206 -69.53 66.37 55.58
CA ALA G 206 -70.60 65.97 54.66
C ALA G 206 -71.85 66.75 55.05
N MET G 207 -72.14 66.80 56.34
CA MET G 207 -73.33 67.51 56.87
C MET G 207 -73.29 68.96 56.40
N ALA G 208 -72.14 69.59 56.58
CA ALA G 208 -71.84 70.97 56.18
C ALA G 208 -72.18 71.18 54.70
N ASP G 209 -71.40 70.60 53.78
CA ASP G 209 -71.57 70.77 52.30
C ASP G 209 -72.61 69.80 51.74
N LEU G 210 -73.82 69.80 52.29
CA LEU G 210 -74.96 68.95 51.85
C LEU G 210 -75.50 69.47 50.52
N HIS G 211 -75.27 70.76 50.22
CA HIS G 211 -75.66 71.45 48.95
C HIS G 211 -75.17 70.68 47.72
N THR G 212 -73.95 70.13 47.80
CA THR G 212 -73.26 69.37 46.73
C THR G 212 -73.81 67.96 46.49
N LEU G 213 -74.90 67.52 47.12
CA LEU G 213 -75.47 66.16 46.76
C LEU G 213 -76.17 66.26 45.41
N SER G 214 -76.31 65.15 44.68
CA SER G 214 -77.22 65.11 43.48
C SER G 214 -78.37 64.13 43.76
N GLU G 215 -79.22 63.89 42.75
CA GLU G 215 -80.49 63.14 42.87
C GLU G 215 -80.23 61.71 43.37
N ASP G 216 -79.18 61.05 42.84
CA ASP G 216 -78.87 59.61 43.07
C ASP G 216 -78.05 59.47 44.36
N SER G 217 -76.91 60.16 44.41
CA SER G 217 -76.05 60.27 45.58
C SER G 217 -76.89 60.28 46.86
N TYR G 218 -77.94 61.13 46.91
CA TYR G 218 -78.75 61.41 48.11
C TYR G 218 -78.97 60.12 48.90
N LYS G 219 -79.66 59.15 48.28
CA LYS G 219 -80.05 57.89 48.94
C LYS G 219 -78.81 57.29 49.62
N ASP G 220 -77.84 56.84 48.79
CA ASP G 220 -76.61 56.17 49.23
C ASP G 220 -75.77 57.05 50.16
N SER G 221 -75.60 58.33 49.79
CA SER G 221 -74.72 59.21 50.54
C SER G 221 -75.25 59.36 51.97
N THR G 222 -76.57 59.46 52.12
CA THR G 222 -77.16 59.77 53.41
C THR G 222 -77.19 58.48 54.25
N LEU G 223 -77.53 57.37 53.60
CA LEU G 223 -77.35 56.03 54.16
C LEU G 223 -75.92 55.88 54.71
N ILE G 224 -74.91 55.92 53.84
CA ILE G 224 -73.51 55.89 54.31
C ILE G 224 -73.33 56.86 55.50
N MET G 225 -73.94 58.05 55.43
CA MET G 225 -73.90 59.03 56.55
C MET G 225 -74.53 58.37 57.80
N GLN G 226 -75.56 57.54 57.60
CA GLN G 226 -76.20 56.81 58.70
C GLN G 226 -75.21 55.84 59.34
N LEU G 227 -74.74 54.85 58.55
CA LEU G 227 -73.77 53.82 59.00
C LEU G 227 -72.57 54.48 59.66
N LEU G 228 -72.14 55.64 59.15
CA LEU G 228 -71.04 56.38 59.78
C LEU G 228 -71.42 56.74 61.24
N ARG G 229 -72.71 57.04 61.48
CA ARG G 229 -73.17 57.46 62.81
C ARG G 229 -73.31 56.21 63.69
N ASP G 230 -73.83 55.11 63.12
CA ASP G 230 -74.06 53.84 63.85
C ASP G 230 -72.74 53.20 64.29
N ASN G 231 -71.66 53.47 63.53
CA ASN G 231 -70.31 53.02 63.91
C ASN G 231 -69.85 53.89 65.10
N LEU G 232 -70.23 55.18 65.13
CA LEU G 232 -69.84 56.09 66.26
C LEU G 232 -70.75 55.86 67.49
N THR G 233 -71.96 55.30 67.26
CA THR G 233 -72.75 54.66 68.34
C THR G 233 -71.89 53.58 69.01
N LEU G 234 -71.69 52.46 68.30
CA LEU G 234 -70.92 51.30 68.74
C LEU G 234 -69.60 51.74 69.42
N TRP G 235 -68.82 52.61 68.77
CA TRP G 235 -67.47 52.99 69.24
C TRP G 235 -67.51 54.08 70.34
N THR G 236 -68.72 54.46 70.80
CA THR G 236 -68.94 55.48 71.86
C THR G 236 -68.20 56.78 71.45
N GLY H 1 32.92 -35.99 -63.43
CA GLY H 1 34.18 -35.34 -63.95
C GLY H 1 33.95 -34.74 -65.33
N ALA H 2 34.99 -34.07 -65.86
CA ALA H 2 34.97 -33.53 -67.21
C ALA H 2 34.74 -34.61 -68.27
N MET H 3 35.01 -35.89 -67.96
CA MET H 3 34.78 -37.01 -68.89
C MET H 3 33.44 -37.72 -68.63
N GLY H 4 32.66 -37.23 -67.66
CA GLY H 4 31.35 -37.79 -67.30
C GLY H 4 30.44 -37.99 -68.50
N SER H 5 30.43 -37.06 -69.45
CA SER H 5 29.42 -37.03 -70.49
C SER H 5 29.84 -37.89 -71.68
N MET H 6 31.03 -38.51 -71.63
CA MET H 6 31.55 -39.27 -72.77
C MET H 6 31.45 -40.80 -72.53
N GLU H 7 31.06 -41.52 -73.60
CA GLU H 7 31.07 -42.99 -73.69
C GLU H 7 32.46 -43.57 -73.43
N ARG H 8 32.50 -44.66 -72.65
CA ARG H 8 33.73 -45.33 -72.27
C ARG H 8 34.58 -45.62 -73.52
N ALA H 9 33.93 -46.09 -74.61
CA ALA H 9 34.64 -46.54 -75.81
C ALA H 9 35.21 -45.34 -76.56
N SER H 10 34.51 -44.19 -76.51
CA SER H 10 35.04 -42.97 -77.12
C SER H 10 36.29 -42.47 -76.36
N LEU H 11 36.29 -42.58 -75.03
CA LEU H 11 37.44 -42.18 -74.19
C LEU H 11 38.65 -43.06 -74.57
N ILE H 12 38.44 -44.37 -74.71
CA ILE H 12 39.51 -45.32 -75.09
C ILE H 12 40.07 -44.96 -76.49
N GLN H 13 39.18 -44.78 -77.48
CA GLN H 13 39.59 -44.35 -78.83
C GLN H 13 40.33 -42.99 -78.77
N LYS H 14 39.84 -42.04 -77.94
CA LYS H 14 40.51 -40.73 -77.88
C LYS H 14 41.88 -40.85 -77.18
N ALA H 15 42.03 -41.78 -76.24
CA ALA H 15 43.36 -42.06 -75.61
C ALA H 15 44.36 -42.58 -76.65
N LYS H 16 43.88 -43.40 -77.57
CA LYS H 16 44.71 -43.93 -78.63
C LYS H 16 45.09 -42.81 -79.57
N LEU H 17 44.14 -41.91 -79.89
CA LEU H 17 44.42 -40.78 -80.80
C LEU H 17 45.47 -39.86 -80.16
N ALA H 18 45.34 -39.62 -78.85
CA ALA H 18 46.25 -38.72 -78.12
C ALA H 18 47.64 -39.33 -78.11
N GLU H 19 47.72 -40.66 -77.97
CA GLU H 19 48.98 -41.38 -78.06
C GLU H 19 49.60 -41.13 -79.43
N GLN H 20 48.82 -41.24 -80.50
CA GLN H 20 49.38 -41.13 -81.87
C GLN H 20 49.91 -39.71 -82.06
N ALA H 21 49.31 -38.75 -81.36
CA ALA H 21 49.68 -37.35 -81.46
C ALA H 21 50.66 -36.93 -80.35
N GLU H 22 51.10 -37.88 -79.52
CA GLU H 22 52.04 -37.66 -78.42
C GLU H 22 51.55 -36.55 -77.47
N ARG H 23 50.24 -36.49 -77.27
CA ARG H 23 49.62 -35.64 -76.28
C ARG H 23 49.32 -36.48 -75.02
N TYR H 24 50.34 -36.69 -74.19
CA TYR H 24 50.29 -37.63 -73.07
C TYR H 24 49.39 -37.10 -71.95
N GLU H 25 49.28 -35.78 -71.75
CA GLU H 25 48.34 -35.26 -70.72
C GLU H 25 46.89 -35.58 -71.12
N ASP H 26 46.55 -35.28 -72.36
CA ASP H 26 45.24 -35.61 -72.90
C ASP H 26 44.98 -37.12 -72.72
N MET H 27 45.97 -37.93 -73.06
CA MET H 27 45.85 -39.38 -73.08
C MET H 27 45.56 -39.86 -71.66
N ALA H 28 46.29 -39.30 -70.67
CA ALA H 28 46.06 -39.67 -69.27
C ALA H 28 44.65 -39.22 -68.81
N ALA H 29 44.20 -38.02 -69.18
CA ALA H 29 42.82 -37.56 -68.77
C ALA H 29 41.74 -38.49 -69.36
N PHE H 30 41.87 -38.84 -70.64
CA PHE H 30 40.94 -39.75 -71.32
C PHE H 30 40.88 -41.09 -70.56
N MET H 31 42.03 -41.68 -70.30
CA MET H 31 42.09 -42.97 -69.61
C MET H 31 41.56 -42.86 -68.17
N LYS H 32 41.81 -41.75 -67.47
CA LYS H 32 41.25 -41.55 -66.14
C LYS H 32 39.72 -41.56 -66.25
N GLY H 33 39.17 -40.97 -67.32
CA GLY H 33 37.70 -40.95 -67.53
C GLY H 33 37.15 -42.36 -67.74
N ALA H 34 37.87 -43.16 -68.54
CA ALA H 34 37.47 -44.50 -68.82
C ALA H 34 37.49 -45.27 -67.49
N VAL H 35 38.54 -45.10 -66.68
CA VAL H 35 38.60 -45.83 -65.38
C VAL H 35 37.38 -45.47 -64.54
N GLU H 36 37.01 -44.19 -64.56
CA GLU H 36 35.96 -43.71 -63.67
C GLU H 36 34.59 -44.30 -64.03
N LYS H 37 34.46 -44.98 -65.17
CA LYS H 37 33.19 -45.65 -65.51
C LYS H 37 32.96 -46.91 -64.66
N GLY H 38 33.95 -47.32 -63.87
CA GLY H 38 33.74 -48.34 -62.83
C GLY H 38 33.94 -49.77 -63.34
N GLU H 39 34.18 -49.98 -64.64
CA GLU H 39 34.43 -51.31 -65.18
C GLU H 39 35.94 -51.58 -65.14
N GLU H 40 36.34 -52.84 -65.05
CA GLU H 40 37.77 -53.27 -65.10
C GLU H 40 38.37 -52.94 -66.47
N LEU H 41 39.68 -52.71 -66.48
CA LEU H 41 40.41 -52.55 -67.70
C LEU H 41 40.83 -53.92 -68.24
N SER H 42 40.82 -54.01 -69.57
CA SER H 42 41.54 -55.03 -70.31
C SER H 42 43.05 -54.81 -70.20
N GLU H 44 45.03 -54.36 -72.51
CA GLU H 44 45.42 -53.27 -73.40
C GLU H 44 45.11 -51.91 -72.77
N GLU H 45 44.06 -51.83 -71.95
CA GLU H 45 43.64 -50.58 -71.34
C GLU H 45 44.60 -50.24 -70.20
N ARG H 46 44.97 -51.25 -69.41
CA ARG H 46 45.96 -51.10 -68.35
C ARG H 46 47.18 -50.41 -68.93
N ASN H 47 47.64 -50.94 -70.06
CA ASN H 47 48.83 -50.52 -70.71
C ASN H 47 48.67 -49.07 -71.18
N LEU H 48 47.50 -48.67 -71.70
CA LEU H 48 47.31 -47.27 -72.11
C LEU H 48 47.42 -46.36 -70.86
N LEU H 49 46.83 -46.82 -69.75
CA LEU H 49 46.81 -46.05 -68.54
C LEU H 49 48.25 -45.82 -68.04
N SER H 50 48.99 -46.92 -67.89
CA SER H 50 50.43 -46.92 -67.54
C SER H 50 51.23 -45.97 -68.46
N VAL H 51 51.11 -46.19 -69.77
CA VAL H 51 51.92 -45.49 -70.73
C VAL H 51 51.62 -43.98 -70.60
N ALA H 52 50.34 -43.62 -70.53
CA ALA H 52 50.00 -42.21 -70.45
C ALA H 52 50.58 -41.58 -69.17
N TYR H 53 50.32 -42.15 -68.00
CA TYR H 53 50.80 -41.49 -66.74
C TYR H 53 52.36 -41.51 -66.62
N LYS H 54 53.04 -42.52 -67.16
CA LYS H 54 54.55 -42.62 -67.12
C LYS H 54 55.21 -41.51 -67.94
N ASN H 55 54.64 -41.19 -69.11
CA ASN H 55 55.16 -40.13 -69.96
C ASN H 55 54.96 -38.77 -69.31
N VAL H 56 53.79 -38.55 -68.72
CA VAL H 56 53.54 -37.29 -68.03
C VAL H 56 54.53 -37.14 -66.87
N VAL H 57 54.54 -38.13 -65.97
CA VAL H 57 55.34 -37.99 -64.75
C VAL H 57 56.83 -38.07 -65.13
N GLY H 58 57.16 -38.76 -66.24
CA GLY H 58 58.55 -38.87 -66.71
C GLY H 58 59.15 -37.52 -67.10
N GLY H 59 58.36 -36.73 -67.86
CA GLY H 59 58.70 -35.36 -68.23
C GLY H 59 58.94 -34.49 -67.00
N GLN H 60 58.04 -34.64 -66.02
CA GLN H 60 58.10 -33.87 -64.82
C GLN H 60 59.34 -34.23 -63.99
N ARG H 61 59.68 -35.52 -63.90
CA ARG H 61 60.85 -35.99 -63.14
C ARG H 61 62.14 -35.45 -63.77
N ALA H 62 62.24 -35.48 -65.10
CA ALA H 62 63.42 -35.02 -65.80
C ALA H 62 63.64 -33.52 -65.52
N ALA H 63 62.54 -32.75 -65.53
CA ALA H 63 62.61 -31.34 -65.32
C ALA H 63 62.98 -31.03 -63.86
N TRP H 64 62.41 -31.77 -62.91
CA TRP H 64 62.78 -31.66 -61.51
C TRP H 64 64.29 -31.88 -61.35
N ARG H 65 64.80 -32.95 -61.95
CA ARG H 65 66.22 -33.30 -61.84
C ARG H 65 67.07 -32.17 -62.43
N VAL H 66 66.66 -31.65 -63.59
CA VAL H 66 67.36 -30.51 -64.19
C VAL H 66 67.35 -29.32 -63.19
N LEU H 67 66.23 -29.03 -62.50
CA LEU H 67 66.20 -27.84 -61.72
C LEU H 67 66.96 -28.03 -60.39
N SER H 68 66.70 -29.15 -59.69
CA SER H 68 67.50 -29.62 -58.53
C SER H 68 69.01 -29.47 -58.77
N SER H 69 69.45 -29.99 -59.90
CA SER H 69 70.83 -30.00 -60.21
C SER H 69 71.34 -28.55 -60.22
N ILE H 70 70.62 -27.63 -60.87
CA ILE H 70 71.01 -26.21 -60.89
C ILE H 70 70.99 -25.63 -59.47
N GLU H 71 69.98 -26.00 -58.68
CA GLU H 71 69.79 -25.45 -57.33
C GLU H 71 70.95 -25.87 -56.41
N GLN H 72 71.60 -26.98 -56.75
CA GLN H 72 72.77 -27.50 -56.02
C GLN H 72 74.06 -26.79 -56.50
N LYS H 73 74.26 -26.69 -57.82
CA LYS H 73 75.34 -25.89 -58.43
C LYS H 73 75.47 -24.54 -57.69
N SER H 74 74.35 -23.83 -57.54
CA SER H 74 74.27 -22.52 -56.87
C SER H 74 74.61 -22.61 -55.37
N ASN H 75 74.34 -23.76 -54.72
CA ASN H 75 74.63 -23.95 -53.30
C ASN H 75 75.82 -24.90 -53.13
N LYS H 82 72.11 -17.03 -54.33
CA LYS H 82 71.96 -15.77 -55.07
C LYS H 82 70.57 -15.69 -55.70
N GLY H 83 69.53 -15.65 -54.84
CA GLY H 83 68.12 -15.43 -55.29
C GLY H 83 67.23 -16.66 -55.17
N PRO H 84 65.93 -16.52 -54.87
CA PRO H 84 65.07 -17.68 -54.62
C PRO H 84 64.50 -18.36 -55.87
N GLU H 85 64.83 -17.83 -57.06
CA GLU H 85 64.06 -18.16 -58.26
C GLU H 85 64.20 -19.65 -58.59
N VAL H 86 65.39 -20.23 -58.45
CA VAL H 86 65.55 -21.61 -58.84
C VAL H 86 64.73 -22.46 -57.89
N ARG H 87 64.78 -22.16 -56.58
CA ARG H 87 64.09 -23.00 -55.56
C ARG H 87 62.60 -22.91 -55.84
N GLU H 88 62.11 -21.67 -56.04
CA GLU H 88 60.71 -21.39 -56.34
C GLU H 88 60.19 -22.23 -57.52
N TYR H 89 60.94 -22.23 -58.62
CA TYR H 89 60.52 -22.91 -59.81
C TYR H 89 60.70 -24.42 -59.63
N ARG H 90 61.70 -24.84 -58.84
CA ARG H 90 61.87 -26.26 -58.52
C ARG H 90 60.66 -26.80 -57.73
N GLU H 91 60.20 -26.03 -56.73
CA GLU H 91 59.02 -26.32 -55.90
C GLU H 91 57.73 -26.36 -56.73
N LYS H 92 57.61 -25.48 -57.72
CA LYS H 92 56.41 -25.45 -58.56
C LYS H 92 56.33 -26.79 -59.29
N VAL H 93 57.46 -27.24 -59.85
CA VAL H 93 57.50 -28.44 -60.70
C VAL H 93 57.28 -29.64 -59.77
N GLU H 94 57.79 -29.51 -58.56
CA GLU H 94 57.69 -30.61 -57.61
C GLU H 94 56.21 -30.83 -57.29
N THR H 95 55.54 -29.72 -57.10
CA THR H 95 54.16 -29.72 -56.68
C THR H 95 53.29 -30.37 -57.77
N GLU H 96 53.55 -30.03 -59.04
CA GLU H 96 52.77 -30.59 -60.10
C GLU H 96 52.99 -32.10 -60.14
N LEU H 97 54.25 -32.50 -59.99
CA LEU H 97 54.64 -33.88 -60.03
C LEU H 97 53.91 -34.63 -58.90
N GLN H 98 53.79 -33.99 -57.75
CA GLN H 98 53.14 -34.60 -56.59
C GLN H 98 51.64 -34.76 -56.90
N GLY H 99 51.10 -33.78 -57.63
CA GLY H 99 49.72 -33.81 -58.09
C GLY H 99 49.44 -35.00 -58.99
N VAL H 100 50.30 -35.24 -59.99
CA VAL H 100 50.07 -36.37 -60.91
C VAL H 100 50.20 -37.68 -60.11
N CYS H 101 51.12 -37.76 -59.15
CA CYS H 101 51.30 -39.00 -58.38
C CYS H 101 50.08 -39.25 -57.49
N ASP H 102 49.58 -38.19 -56.83
CA ASP H 102 48.36 -38.30 -56.02
C ASP H 102 47.13 -38.69 -56.84
N THR H 103 47.04 -38.24 -58.10
CA THR H 103 45.96 -38.62 -59.01
C THR H 103 46.03 -40.15 -59.30
N VAL H 104 47.21 -40.64 -59.70
CA VAL H 104 47.32 -42.05 -60.11
C VAL H 104 47.01 -42.93 -58.89
N LEU H 105 47.60 -42.60 -57.73
CA LEU H 105 47.41 -43.30 -56.43
C LEU H 105 45.95 -43.25 -55.99
N GLY H 106 45.25 -42.15 -56.26
CA GLY H 106 43.83 -42.04 -56.01
C GLY H 106 43.02 -42.93 -56.95
N LEU H 107 43.40 -42.97 -58.22
CA LEU H 107 42.77 -43.86 -59.21
C LEU H 107 42.98 -45.32 -58.80
N LEU H 108 44.19 -45.66 -58.34
CA LEU H 108 44.51 -47.02 -57.90
C LEU H 108 43.70 -47.40 -56.65
N ASP H 109 43.67 -46.53 -55.64
CA ASP H 109 42.93 -46.90 -54.41
C ASP H 109 41.41 -46.86 -54.62
N SER H 110 40.90 -45.93 -55.47
CA SER H 110 39.44 -45.69 -55.58
C SER H 110 38.76 -46.66 -56.54
N HIS H 111 39.46 -47.16 -57.58
CA HIS H 111 38.85 -47.86 -58.73
C HIS H 111 39.59 -49.14 -59.11
N LEU H 112 40.93 -49.15 -59.03
CA LEU H 112 41.67 -50.20 -59.76
C LEU H 112 42.06 -51.37 -58.85
N ILE H 113 42.49 -51.11 -57.62
CA ILE H 113 43.00 -52.19 -56.74
C ILE H 113 41.81 -52.92 -56.09
N LYS H 114 41.69 -54.22 -56.38
CA LYS H 114 40.52 -55.00 -55.99
C LYS H 114 41.04 -56.34 -55.44
N GLU H 115 40.30 -56.92 -54.49
CA GLU H 115 40.53 -58.30 -53.98
C GLU H 115 40.27 -59.29 -55.13
N ALA H 116 39.26 -59.00 -55.95
CA ALA H 116 38.89 -59.81 -57.13
C ALA H 116 39.88 -59.57 -58.27
N GLY H 117 39.59 -60.15 -59.44
CA GLY H 117 40.44 -60.02 -60.64
C GLY H 117 41.57 -61.02 -60.63
N ASP H 118 42.22 -61.19 -61.79
CA ASP H 118 43.29 -62.19 -61.98
C ASP H 118 44.57 -61.69 -61.30
N ALA H 119 45.61 -62.54 -61.31
CA ALA H 119 46.88 -62.26 -60.65
C ALA H 119 47.68 -61.22 -61.43
N GLU H 120 47.64 -61.31 -62.76
CA GLU H 120 48.25 -60.33 -63.67
C GLU H 120 47.86 -58.91 -63.19
N SER H 121 46.55 -58.69 -63.02
CA SER H 121 45.97 -57.38 -62.88
C SER H 121 46.12 -56.88 -61.45
N ARG H 122 45.99 -57.76 -60.45
CA ARG H 122 46.30 -57.36 -59.07
C ARG H 122 47.78 -56.92 -58.96
N VAL H 123 48.68 -57.66 -59.62
CA VAL H 123 50.13 -57.43 -59.50
C VAL H 123 50.47 -56.12 -60.21
N PHE H 124 49.93 -55.95 -61.42
CA PHE H 124 50.21 -54.79 -62.24
C PHE H 124 49.89 -53.49 -61.49
N TYR H 125 48.76 -53.50 -60.80
CA TYR H 125 48.24 -52.30 -60.15
C TYR H 125 49.04 -52.03 -58.86
N LEU H 126 49.45 -53.09 -58.15
CA LEU H 126 50.26 -52.93 -56.95
C LEU H 126 51.69 -52.46 -57.27
N LYS H 127 52.24 -52.92 -58.39
CA LYS H 127 53.47 -52.40 -58.97
C LYS H 127 53.36 -50.88 -59.26
N MET H 128 52.24 -50.46 -59.86
CA MET H 128 52.08 -49.04 -60.21
C MET H 128 52.04 -48.24 -58.90
N LYS H 129 51.28 -48.74 -57.92
CA LYS H 129 51.22 -48.11 -56.61
C LYS H 129 52.62 -47.92 -56.04
N GLY H 130 53.47 -48.95 -56.17
CA GLY H 130 54.88 -48.89 -55.73
C GLY H 130 55.68 -47.87 -56.53
N ASP H 131 55.54 -47.87 -57.84
CA ASP H 131 56.17 -46.91 -58.71
C ASP H 131 55.82 -45.44 -58.36
N TYR H 132 54.55 -45.16 -58.04
CA TYR H 132 54.11 -43.78 -57.87
C TYR H 132 54.48 -43.29 -56.47
N TYR H 133 54.47 -44.15 -55.44
CA TYR H 133 55.07 -43.78 -54.16
C TYR H 133 56.60 -43.62 -54.30
N ARG H 134 57.24 -44.35 -55.22
CA ARG H 134 58.68 -44.20 -55.41
C ARG H 134 58.98 -42.80 -55.99
N TYR H 135 58.15 -42.35 -56.94
CA TYR H 135 58.29 -41.01 -57.52
C TYR H 135 58.11 -39.93 -56.43
N LEU H 136 57.18 -40.11 -55.49
CA LEU H 136 56.98 -39.16 -54.40
C LEU H 136 58.21 -39.18 -53.47
N ALA H 137 58.78 -40.38 -53.26
CA ALA H 137 59.95 -40.56 -52.37
C ALA H 137 61.16 -39.78 -52.89
N GLU H 138 61.41 -39.88 -54.21
CA GLU H 138 62.45 -39.12 -54.92
C GLU H 138 62.46 -37.63 -54.53
N VAL H 139 61.30 -37.01 -54.18
CA VAL H 139 61.25 -35.59 -53.94
C VAL H 139 60.87 -35.27 -52.49
N ALA H 140 60.50 -36.27 -51.68
CA ALA H 140 60.04 -36.01 -50.32
C ALA H 140 61.24 -35.77 -49.38
N THR H 141 60.94 -35.22 -48.18
CA THR H 141 61.91 -35.07 -47.05
C THR H 141 61.20 -35.17 -45.69
N GLY H 142 61.90 -35.68 -44.67
CA GLY H 142 61.52 -35.57 -43.24
C GLY H 142 60.59 -36.67 -42.77
N ASP H 143 59.68 -36.35 -41.84
CA ASP H 143 58.68 -37.29 -41.33
C ASP H 143 58.04 -37.99 -42.53
N ASP H 144 57.42 -37.17 -43.38
CA ASP H 144 56.58 -37.54 -44.52
C ASP H 144 57.27 -38.58 -45.44
N LYS H 145 58.60 -38.44 -45.63
CA LYS H 145 59.35 -39.26 -46.59
C LYS H 145 59.36 -40.74 -46.19
N LYS H 146 59.39 -41.02 -44.88
CA LYS H 146 59.52 -42.40 -44.37
C LYS H 146 58.17 -43.11 -44.49
N ARG H 147 57.07 -42.41 -44.20
CA ARG H 147 55.71 -42.85 -44.58
C ARG H 147 55.74 -43.35 -46.03
N ILE H 148 56.18 -42.48 -46.94
CA ILE H 148 56.07 -42.70 -48.37
C ILE H 148 56.92 -43.92 -48.73
N ILE H 149 58.17 -43.92 -48.24
CA ILE H 149 59.12 -44.93 -48.62
C ILE H 149 58.53 -46.29 -48.25
N ASP H 150 57.90 -46.35 -47.08
CA ASP H 150 57.31 -47.58 -46.53
C ASP H 150 56.11 -48.04 -47.38
N SER H 151 55.24 -47.08 -47.77
CA SER H 151 54.03 -47.38 -48.49
C SER H 151 54.38 -48.08 -49.80
N ALA H 152 55.51 -47.65 -50.39
CA ALA H 152 56.04 -48.14 -51.67
C ALA H 152 56.64 -49.55 -51.51
N ARG H 153 57.39 -49.72 -50.41
CA ARG H 153 57.91 -51.01 -49.94
C ARG H 153 56.74 -51.98 -49.76
N SER H 154 55.66 -51.55 -49.11
CA SER H 154 54.50 -52.42 -48.87
C SER H 154 53.86 -52.84 -50.21
N ALA H 155 53.59 -51.87 -51.09
CA ALA H 155 53.02 -52.15 -52.41
C ALA H 155 53.90 -53.12 -53.22
N TYR H 156 55.20 -52.83 -53.25
CA TYR H 156 56.13 -53.61 -54.06
C TYR H 156 56.21 -55.07 -53.55
N GLN H 157 56.17 -55.24 -52.23
CA GLN H 157 56.39 -56.53 -51.52
C GLN H 157 55.13 -57.40 -51.67
N GLU H 158 53.95 -56.80 -51.51
CA GLU H 158 52.65 -57.49 -51.69
C GLU H 158 52.48 -57.97 -53.14
N ALA H 159 52.92 -57.17 -54.13
CA ALA H 159 52.93 -57.61 -55.53
C ALA H 159 53.93 -58.76 -55.73
N MET H 160 55.11 -58.68 -55.10
CA MET H 160 56.11 -59.77 -55.17
C MET H 160 55.50 -61.07 -54.61
N ASP H 161 54.83 -60.96 -53.45
CA ASP H 161 54.09 -62.08 -52.86
C ASP H 161 53.26 -62.74 -53.97
N ILE H 162 52.37 -61.96 -54.59
CA ILE H 162 51.39 -62.52 -55.49
C ILE H 162 52.08 -63.09 -56.71
N SER H 163 53.05 -62.38 -57.28
CA SER H 163 53.68 -62.79 -58.55
C SER H 163 54.58 -64.03 -58.41
N LYS H 164 54.92 -64.44 -57.17
CA LYS H 164 55.79 -65.63 -56.98
C LYS H 164 54.93 -66.87 -56.70
N LYS H 165 53.88 -66.72 -55.88
CA LYS H 165 52.83 -67.73 -55.68
C LYS H 165 52.11 -68.04 -57.00
N GLU H 166 51.72 -67.02 -57.79
CA GLU H 166 50.73 -67.17 -58.87
C GLU H 166 51.27 -66.95 -60.29
N MET H 167 52.57 -66.67 -60.49
CA MET H 167 53.06 -66.31 -61.85
C MET H 167 54.42 -66.96 -62.17
N PRO H 168 54.70 -67.23 -63.47
CA PRO H 168 56.01 -67.75 -63.89
C PRO H 168 57.13 -66.71 -63.88
N PRO H 169 58.38 -67.12 -63.56
CA PRO H 169 59.51 -66.18 -63.51
C PRO H 169 59.78 -65.40 -64.81
N THR H 170 59.13 -65.82 -65.89
CA THR H 170 59.36 -65.30 -67.23
C THR H 170 58.37 -64.18 -67.55
N ASN H 171 57.33 -64.08 -66.71
CA ASN H 171 56.23 -63.14 -66.95
C ASN H 171 56.80 -61.72 -67.02
N PRO H 172 56.51 -60.96 -68.10
CA PRO H 172 56.87 -59.54 -68.21
C PRO H 172 56.50 -58.63 -67.02
N ILE H 173 55.37 -58.92 -66.38
CA ILE H 173 54.90 -58.11 -65.28
C ILE H 173 55.58 -58.57 -64.00
N ARG H 174 56.07 -59.80 -63.95
CA ARG H 174 56.83 -60.22 -62.76
C ARG H 174 58.25 -59.65 -62.82
N LEU H 175 58.78 -59.53 -64.05
CA LEU H 175 60.14 -59.06 -64.35
C LEU H 175 60.22 -57.53 -64.32
N GLY H 176 59.16 -56.90 -64.87
CA GLY H 176 58.91 -55.48 -64.71
C GLY H 176 58.93 -55.08 -63.25
N LEU H 177 58.09 -55.74 -62.46
CA LEU H 177 58.02 -55.52 -61.02
C LEU H 177 59.44 -55.60 -60.44
N ALA H 178 60.07 -56.78 -60.60
CA ALA H 178 61.35 -57.07 -60.01
C ALA H 178 62.40 -56.00 -60.41
N LEU H 179 62.45 -55.67 -61.71
CA LEU H 179 63.34 -54.59 -62.16
C LEU H 179 63.15 -53.34 -61.28
N ASN H 180 61.90 -52.87 -61.19
CA ASN H 180 61.59 -51.60 -60.56
C ASN H 180 61.82 -51.66 -59.04
N PHE H 181 61.49 -52.78 -58.39
CA PHE H 181 61.75 -52.97 -56.94
C PHE H 181 63.27 -52.91 -56.68
N SER H 182 64.05 -53.59 -57.53
CA SER H 182 65.49 -53.61 -57.36
C SER H 182 65.99 -52.15 -57.38
N VAL H 183 65.47 -51.34 -58.31
CA VAL H 183 65.87 -49.94 -58.44
C VAL H 183 65.39 -49.17 -57.20
N PHE H 184 64.29 -49.62 -56.60
CA PHE H 184 63.83 -49.02 -55.36
C PHE H 184 64.89 -49.26 -54.27
N HIS H 185 65.29 -50.53 -54.13
CA HIS H 185 66.32 -50.97 -53.15
C HIS H 185 67.60 -50.14 -53.36
N TYR H 186 68.12 -50.12 -54.60
CA TYR H 186 69.30 -49.32 -54.92
C TYR H 186 69.05 -47.84 -54.56
N GLU H 187 68.14 -47.17 -55.27
CA GLU H 187 68.14 -45.70 -55.27
C GLU H 187 67.28 -45.08 -54.14
N ILE H 188 66.44 -45.85 -53.46
CA ILE H 188 65.54 -45.20 -52.48
C ILE H 188 65.81 -45.65 -51.05
N ALA H 189 65.88 -46.94 -50.77
CA ALA H 189 66.05 -47.38 -49.38
C ALA H 189 67.52 -47.69 -49.05
N ASN H 190 68.44 -47.09 -49.80
CA ASN H 190 69.93 -47.19 -49.69
C ASN H 190 70.36 -48.59 -49.24
N SER H 191 69.94 -49.60 -49.98
CA SER H 191 70.23 -50.99 -49.61
C SER H 191 70.70 -51.69 -50.86
N PRO H 192 71.78 -51.23 -51.50
CA PRO H 192 72.28 -51.91 -52.71
C PRO H 192 72.66 -53.39 -52.46
N GLU H 193 72.66 -53.79 -51.17
CA GLU H 193 72.58 -55.18 -50.72
C GLU H 193 71.56 -55.93 -51.59
N GLU H 194 70.29 -55.61 -51.37
CA GLU H 194 69.19 -56.32 -51.96
C GLU H 194 69.07 -55.98 -53.46
N ALA H 195 69.34 -54.75 -53.85
CA ALA H 195 69.16 -54.33 -55.25
C ALA H 195 69.84 -55.34 -56.18
N ILE H 196 71.17 -55.46 -56.04
CA ILE H 196 71.98 -56.34 -56.90
C ILE H 196 71.56 -57.82 -56.67
N SER H 197 71.32 -58.20 -55.41
CA SER H 197 70.77 -59.54 -55.06
C SER H 197 69.48 -59.82 -55.85
N LEU H 198 68.43 -59.01 -55.60
CA LEU H 198 67.08 -59.25 -56.19
C LEU H 198 67.18 -59.37 -57.72
N ALA H 199 68.00 -58.49 -58.31
CA ALA H 199 68.08 -58.37 -59.75
C ALA H 199 68.87 -59.54 -60.33
N LYS H 200 69.83 -60.06 -59.55
CA LYS H 200 70.62 -61.25 -59.90
C LYS H 200 69.65 -62.43 -60.04
N THR H 201 69.05 -62.80 -58.89
CA THR H 201 68.01 -63.83 -58.73
C THR H 201 67.09 -63.88 -59.95
N THR H 202 66.56 -62.71 -60.32
CA THR H 202 65.55 -62.55 -61.32
C THR H 202 66.17 -62.64 -62.73
N PHE H 203 67.41 -62.18 -62.91
CA PHE H 203 68.14 -62.33 -64.20
C PHE H 203 68.31 -63.83 -64.51
N ASP H 204 68.60 -64.61 -63.45
CA ASP H 204 68.91 -66.05 -63.52
C ASP H 204 67.69 -66.85 -63.99
N GLU H 205 66.50 -66.52 -63.46
CA GLU H 205 65.33 -67.37 -63.66
C GLU H 205 64.61 -67.03 -64.95
N ALA H 206 65.03 -65.94 -65.61
CA ALA H 206 64.69 -65.65 -67.01
C ALA H 206 65.65 -66.39 -67.96
N MET H 207 66.90 -66.58 -67.52
CA MET H 207 67.94 -67.32 -68.28
C MET H 207 67.54 -68.80 -68.39
N ALA H 208 66.94 -69.33 -67.31
CA ALA H 208 66.67 -70.77 -67.11
C ALA H 208 65.46 -71.26 -67.93
N ASP H 209 64.53 -70.37 -68.28
CA ASP H 209 63.20 -70.77 -68.75
C ASP H 209 62.79 -70.01 -70.01
N LEU H 210 63.69 -69.85 -70.99
CA LEU H 210 63.34 -69.25 -72.29
C LEU H 210 62.65 -70.28 -73.20
N HIS H 211 61.62 -70.97 -72.69
CA HIS H 211 60.87 -72.04 -73.41
C HIS H 211 59.38 -72.00 -73.03
N ASP H 216 56.66 -68.09 -76.07
CA ASP H 216 55.43 -67.36 -75.73
C ASP H 216 55.57 -65.89 -76.18
N SER H 217 56.31 -65.67 -77.28
CA SER H 217 56.71 -64.35 -77.85
C SER H 217 57.48 -63.52 -76.80
N TYR H 218 58.74 -63.90 -76.58
CA TYR H 218 59.61 -63.36 -75.52
C TYR H 218 60.09 -61.95 -75.90
N LYS H 219 59.13 -61.06 -76.20
CA LYS H 219 59.39 -59.75 -76.81
C LYS H 219 59.70 -58.74 -75.67
N ASP H 220 58.69 -58.49 -74.83
CA ASP H 220 58.84 -57.64 -73.65
C ASP H 220 59.58 -58.42 -72.57
N SER H 221 59.58 -59.76 -72.67
CA SER H 221 60.12 -60.65 -71.66
C SER H 221 61.65 -60.55 -71.58
N THR H 222 62.31 -60.46 -72.73
CA THR H 222 63.78 -60.38 -72.81
C THR H 222 64.23 -58.90 -72.76
N LEU H 223 63.48 -58.02 -73.44
CA LEU H 223 63.70 -56.56 -73.40
C LEU H 223 63.91 -56.09 -71.96
N ILE H 224 63.23 -56.74 -71.00
CA ILE H 224 63.30 -56.47 -69.55
C ILE H 224 64.45 -57.28 -68.93
N MET H 225 64.64 -58.51 -69.43
CA MET H 225 65.79 -59.32 -69.06
C MET H 225 67.07 -58.47 -69.27
N GLN H 226 67.13 -57.80 -70.42
CA GLN H 226 68.23 -56.90 -70.82
C GLN H 226 68.44 -55.80 -69.76
N LEU H 227 67.34 -55.16 -69.35
CA LEU H 227 67.35 -54.00 -68.46
C LEU H 227 67.92 -54.36 -67.09
N LEU H 228 67.56 -55.52 -66.51
CA LEU H 228 68.22 -56.04 -65.29
C LEU H 228 69.75 -56.11 -65.51
N ARG H 229 70.15 -56.52 -66.71
CA ARG H 229 71.55 -56.76 -67.07
C ARG H 229 72.26 -55.40 -67.22
N ASP H 230 71.67 -54.53 -68.04
CA ASP H 230 72.11 -53.14 -68.17
C ASP H 230 72.31 -52.55 -66.76
N ASN H 231 71.38 -52.82 -65.83
CA ASN H 231 71.38 -52.28 -64.43
C ASN H 231 72.59 -52.87 -63.69
N LEU H 232 72.68 -54.19 -63.70
CA LEU H 232 73.78 -54.94 -63.05
C LEU H 232 75.16 -54.42 -63.53
N THR H 233 75.25 -53.95 -64.77
CA THR H 233 76.48 -53.38 -65.35
C THR H 233 76.81 -52.04 -64.68
N LEU H 234 75.85 -51.10 -64.73
CA LEU H 234 76.02 -49.76 -64.16
C LEU H 234 76.33 -49.85 -62.65
N TRP H 235 75.75 -50.84 -61.96
CA TRP H 235 75.78 -51.00 -60.47
C TRP H 235 76.96 -51.89 -60.05
N THR H 236 77.04 -53.09 -60.66
CA THR H 236 78.00 -54.15 -60.30
C THR H 236 79.15 -54.13 -61.31
N ARG I 3 29.46 -20.25 -39.36
CA ARG I 3 28.10 -20.55 -38.86
C ARG I 3 28.18 -21.55 -37.70
N SER I 4 27.93 -22.83 -37.99
CA SER I 4 27.82 -23.93 -37.00
C SER I 4 28.98 -24.01 -36.00
N CYS I 5 28.66 -24.29 -34.74
CA CYS I 5 29.63 -24.52 -33.67
C CYS I 5 30.04 -26.00 -33.58
N TRP I 7 32.86 -28.76 -31.06
CA TRP I 7 33.46 -28.93 -29.75
C TRP I 7 34.74 -29.74 -29.92
N PRO I 8 35.79 -29.33 -29.23
CA PRO I 8 35.84 -28.20 -28.30
C PRO I 8 35.87 -26.86 -29.02
N LEU I 9 35.27 -25.84 -28.37
CA LEU I 9 35.18 -24.44 -28.80
C LEU I 9 36.57 -23.82 -28.90
N PRO I 10 36.69 -22.66 -29.60
CA PRO I 10 37.83 -21.75 -29.44
C PRO I 10 37.89 -21.14 -28.03
N ARG J 3 -32.27 19.70 36.61
CA ARG J 3 -31.62 19.53 35.27
C ARG J 3 -30.64 20.70 35.07
N SER J 4 -31.12 21.90 34.69
CA SER J 4 -30.24 23.05 34.49
C SER J 4 -29.71 23.52 35.84
N CYS J 5 -28.39 23.75 35.93
CA CYS J 5 -27.71 24.02 37.21
C CYS J 5 -27.76 25.53 37.51
N TRP J 7 -26.48 28.75 40.59
CA TRP J 7 -25.48 29.11 41.60
C TRP J 7 -26.15 30.01 42.62
N PRO J 8 -25.89 29.86 43.92
CA PRO J 8 -25.02 28.83 44.50
C PRO J 8 -25.58 27.42 44.32
N LEU J 9 -24.67 26.45 44.22
CA LEU J 9 -24.97 25.03 44.11
C LEU J 9 -25.55 24.56 45.42
N PRO J 10 -26.30 23.42 45.42
CA PRO J 10 -26.87 22.82 46.65
C PRO J 10 -25.94 22.71 47.88
N ARG K 3 -2.62 -37.35 -14.20
CA ARG K 3 -1.54 -38.33 -14.40
C ARG K 3 -0.25 -37.58 -14.65
N SER K 4 -0.38 -36.31 -14.98
CA SER K 4 0.82 -35.48 -15.24
C SER K 4 1.41 -35.02 -13.90
N CYS K 5 2.72 -35.19 -13.75
CA CYS K 5 3.42 -34.77 -12.51
C CYS K 5 3.37 -33.25 -12.36
N TRP K 7 4.82 -29.87 -9.56
CA TRP K 7 5.94 -29.58 -8.68
C TRP K 7 5.48 -28.55 -7.69
N PRO K 8 5.84 -28.72 -6.41
CA PRO K 8 6.69 -29.81 -5.94
C PRO K 8 6.01 -31.18 -5.89
N LEU K 9 6.81 -32.22 -6.16
CA LEU K 9 6.29 -33.61 -6.12
C LEU K 9 5.94 -34.02 -4.70
N PRO K 10 5.12 -35.07 -4.54
CA PRO K 10 4.70 -35.59 -3.23
C PRO K 10 5.61 -36.73 -2.79
N ARG L 3 -1.98 37.64 11.40
CA ARG L 3 -1.00 37.63 12.52
C ARG L 3 -1.52 36.78 13.69
N SER L 4 -1.93 35.53 13.45
CA SER L 4 -2.43 34.63 14.53
C SER L 4 -1.30 34.35 15.53
N CYS L 5 -1.62 34.30 16.83
CA CYS L 5 -0.61 34.20 17.89
C CYS L 5 -0.20 32.75 18.12
N TRP L 7 2.50 29.97 20.67
CA TRP L 7 3.05 29.84 22.01
C TRP L 7 4.28 28.95 21.98
N PRO L 8 5.38 29.38 22.59
CA PRO L 8 5.45 30.52 23.48
C PRO L 8 5.58 31.80 22.65
N LEU L 9 5.24 32.94 23.27
CA LEU L 9 5.34 34.28 22.68
C LEU L 9 6.80 34.72 22.76
N PRO L 10 7.21 35.81 22.07
CA PRO L 10 8.54 36.40 22.25
C PRO L 10 8.60 37.45 23.39
N ARG L 11 9.68 38.24 23.42
CA ARG L 11 9.89 39.41 24.34
C ARG L 11 10.43 38.92 25.68
N ARG M 3 41.03 10.89 -8.93
CA ARG M 3 39.94 11.12 -9.96
C ARG M 3 39.05 9.86 -10.12
N SER M 4 38.40 9.36 -9.04
CA SER M 4 37.74 8.03 -9.06
C SER M 4 36.57 7.99 -10.05
N CYS M 5 36.41 6.87 -10.76
CA CYS M 5 35.30 6.65 -11.74
C CYS M 5 34.04 6.16 -11.04
N TRP M 7 29.67 5.18 -11.95
CA TRP M 7 28.76 4.72 -13.00
C TRP M 7 27.34 5.08 -12.59
N PRO M 8 26.57 5.67 -13.50
CA PRO M 8 26.92 5.81 -14.92
C PRO M 8 27.98 6.90 -15.17
N LEU M 9 28.75 6.71 -16.25
CA LEU M 9 29.74 7.70 -16.70
C LEU M 9 29.03 8.84 -17.42
N PRO M 10 29.65 10.03 -17.57
CA PRO M 10 29.06 11.10 -18.39
C PRO M 10 29.41 10.94 -19.87
N SER N 4 -37.87 -8.40 11.57
CA SER N 4 -37.75 -7.28 10.56
C SER N 4 -38.64 -7.56 9.35
N CYS N 5 -38.63 -6.67 8.35
CA CYS N 5 -39.30 -6.91 7.06
C CYS N 5 -38.49 -6.27 5.93
N TRP N 7 -36.85 -5.77 2.08
CA TRP N 7 -37.53 -5.62 0.81
C TRP N 7 -36.65 -6.18 -0.31
N PRO N 8 -37.23 -7.02 -1.17
CA PRO N 8 -38.66 -7.29 -1.30
C PRO N 8 -39.24 -8.35 -0.35
N LEU N 9 -40.53 -8.68 -0.50
CA LEU N 9 -41.24 -9.70 0.31
C LEU N 9 -42.11 -10.58 -0.58
N PRO N 10 -42.40 -11.85 -0.19
CA PRO N 10 -43.21 -12.74 -1.02
C PRO N 10 -44.72 -12.64 -0.74
N ARG O 3 70.03 -42.47 -65.15
CA ARG O 3 70.72 -43.50 -65.97
C ARG O 3 70.27 -44.90 -65.54
N SER O 4 69.92 -45.08 -64.26
CA SER O 4 69.36 -46.35 -63.72
C SER O 4 67.94 -46.57 -64.29
N CYS O 5 67.64 -47.80 -64.72
CA CYS O 5 66.53 -48.07 -65.70
C CYS O 5 65.40 -48.83 -65.03
N TRP O 7 60.96 -50.14 -65.75
CA TRP O 7 59.97 -50.54 -66.74
C TRP O 7 58.59 -50.04 -66.30
N PRO O 8 57.85 -49.39 -67.19
CA PRO O 8 58.17 -49.14 -68.58
C PRO O 8 58.90 -47.81 -68.83
N LEU O 9 59.24 -47.54 -70.10
CA LEU O 9 60.12 -46.47 -70.46
C LEU O 9 59.41 -45.53 -71.42
N PRO O 10 59.94 -44.30 -71.60
CA PRO O 10 59.36 -43.30 -72.52
C PRO O 10 58.83 -43.83 -73.87
N ARG P 3 -70.25 44.00 65.10
CA ARG P 3 -69.15 44.55 64.23
C ARG P 3 -69.62 45.83 63.51
N SER P 4 -68.65 46.67 63.15
CA SER P 4 -68.85 47.88 62.38
C SER P 4 -69.46 47.53 61.02
N CYS P 5 -70.21 48.48 60.45
CA CYS P 5 -70.76 48.33 59.11
C CYS P 5 -69.78 48.87 58.07
N TRP P 7 -69.43 49.57 53.50
CA TRP P 7 -70.19 49.78 52.28
C TRP P 7 -69.34 49.33 51.11
N PRO P 8 -69.92 48.63 50.13
CA PRO P 8 -71.34 48.31 50.07
C PRO P 8 -71.66 47.24 51.11
N LEU P 9 -72.92 47.25 51.58
CA LEU P 9 -73.56 46.16 52.33
C LEU P 9 -73.73 44.97 51.40
N PRO P 10 -73.72 43.71 51.92
CA PRO P 10 -74.09 42.55 51.10
C PRO P 10 -75.62 42.46 50.92
N ARG P 11 -76.08 41.67 49.93
CA ARG P 11 -77.53 41.44 49.62
C ARG P 11 -77.64 40.77 48.24
#